data_8OJZ
#
_entry.id   8OJZ
#
_cell.length_a   128.270
_cell.length_b   160.280
_cell.length_c   141.300
_cell.angle_alpha   90.000
_cell.angle_beta   90.000
_cell.angle_gamma   90.000
#
_symmetry.space_group_name_H-M   'P 21 21 2'
#
loop_
_entity.id
_entity.type
_entity.pdbx_description
1 polymer 'Phosphoenolpyruvate carboxylase 1'
2 non-polymer 'PHOSPHATE ION'
3 water water
#
_entity_poly.entity_id   1
_entity_poly.type   'polypeptide(L)'
_entity_poly.pdbx_seq_one_letter_code
;MHHHHHHMANRKLEKMASIDVHLRQLVPGKVSEDDKLVEYDALLLDRFLDILQDLHGEDLRETVQELYEHSAEYEGKHEP
KKLEELGSVLTSLDPGDSIVIAKAFSHMLNLANLAEEVQIAYRRRIKKLKKGDFVDESSATTESDLEETFKKLVGDLNKS
PEEIFDALKNQTVDLVLTAHPTQSVRRSLLQKHGRIRDCLAQLYAKDITPDDKQELDEALQREIQAAFRTDEIKRTPPTP
QDEMRAGMSYFHETIWKGVPKFLRRVDTALKNIGIEERVPYNAPLIQFSSWMGGDRDGNPRVTPEVTRDVCLLARMMAAT
MYFNQIEDLMFEMSMWRCNDELRARADEVHANSRKDAAKHYIEFWKSIPTTEPYRVILGDVRDKLYHTRERAHQLLSNGH
SDVPVEATFINLEQFLEPLELCYRSLCSCGDRPIADGSLLDFLRQVSTFGLSLVRLDIRQESDRHTDVLDAITTHLDIGS
YREWSEERRQEWLLSELSGKRPLFGSDLPKTEEIADVLDTFHVIAELPADSFGAYIISMATAPSDVLAVELLQRECRVKQ
PLRVVPLFEKLADLEAAPAAVARLFSVDWYKNRINGKQEVMIGYSDSGKDAGRLSAAWQLYKAQEELVKVAKEYGVKLTM
FHGRGGTVGRGGGPTHLAILSQPPDTINGSLRVTVQGEVIEQSFSEEHLCFRTLQRFTAATLEHGMRPPISPKPEWRALL
DEMAVVATEEYRSVVFQEPRFVEYFRLATPELEYGRMNIGSRPSKRKPSGGIESLRAIPWIFAWTQTRFHLPVWLGFGSA
IRHVIEKDVRNLHMLQDMYQHWPFFRVTIDLIEMVFAKGDPGIAALYDKLLVSEELWPFGEKLRANFEETKKLILQTAGH
KDLLEGDPYLKQRLRLRDSYITTLNVCQAYTLKRIRDPSYHVTLRPHISKEIAESSKPAKELIELNPTSEYAPGLEDTLI
LTMKGIAAGLQNTG
;
_entity_poly.pdbx_strand_id   A,B
#
loop_
_chem_comp.id
_chem_comp.type
_chem_comp.name
_chem_comp.formula
PO4 non-polymer 'PHOSPHATE ION' 'O4 P -3'
#
# COMPACT_ATOMS: atom_id res chain seq x y z
N VAL A 38 -5.53 27.55 61.53
CA VAL A 38 -6.83 27.72 62.16
C VAL A 38 -7.44 29.06 61.76
N GLU A 39 -6.60 30.10 61.71
CA GLU A 39 -7.08 31.42 61.34
C GLU A 39 -7.62 31.43 59.92
N TYR A 40 -6.84 30.90 58.96
CA TYR A 40 -7.34 30.80 57.60
C TYR A 40 -8.47 29.79 57.48
N ASP A 41 -8.44 28.73 58.28
CA ASP A 41 -9.57 27.81 58.32
C ASP A 41 -10.84 28.52 58.78
N ALA A 42 -10.73 29.40 59.78
CA ALA A 42 -11.89 30.17 60.21
C ALA A 42 -12.33 31.16 59.14
N LEU A 43 -11.37 31.75 58.42
CA LEU A 43 -11.72 32.72 57.37
C LEU A 43 -12.49 32.05 56.24
N LEU A 44 -11.83 31.11 55.54
CA LEU A 44 -12.51 30.34 54.50
C LEU A 44 -13.81 29.74 54.99
N LEU A 45 -13.78 29.06 56.14
CA LEU A 45 -15.02 28.51 56.68
C LEU A 45 -16.12 29.56 56.72
N ASP A 46 -15.82 30.75 57.24
CA ASP A 46 -16.79 31.84 57.21
C ASP A 46 -17.31 32.09 55.78
N ARG A 47 -16.41 32.31 54.82
CA ARG A 47 -16.83 32.68 53.46
C ARG A 47 -17.63 31.55 52.80
N PHE A 48 -17.10 30.34 52.85
CA PHE A 48 -17.77 29.17 52.28
C PHE A 48 -19.14 28.95 52.91
N LEU A 49 -19.21 28.90 54.23
CA LEU A 49 -20.49 28.69 54.91
C LEU A 49 -21.48 29.81 54.62
N ASP A 50 -21.00 31.04 54.39
CA ASP A 50 -21.88 32.07 53.83
C ASP A 50 -22.45 31.61 52.49
N ILE A 51 -21.60 31.05 51.63
CA ILE A 51 -22.08 30.59 50.32
C ILE A 51 -23.08 29.46 50.50
N LEU A 52 -22.76 28.51 51.39
CA LEU A 52 -23.59 27.35 51.64
C LEU A 52 -24.94 27.73 52.21
N GLN A 53 -24.96 28.69 53.14
CA GLN A 53 -26.23 29.15 53.67
C GLN A 53 -27.02 29.88 52.59
N ASP A 54 -26.35 30.70 51.77
CA ASP A 54 -27.02 31.38 50.67
C ASP A 54 -27.53 30.43 49.60
N LEU A 55 -27.07 29.18 49.59
CA LEU A 55 -27.51 28.23 48.57
C LEU A 55 -28.46 27.17 49.11
N HIS A 56 -28.46 26.92 50.42
CA HIS A 56 -29.25 25.84 50.99
C HIS A 56 -29.91 26.18 52.32
N GLY A 57 -29.80 27.41 52.81
CA GLY A 57 -30.54 27.85 53.97
C GLY A 57 -29.73 27.78 55.25
N GLU A 58 -30.29 28.38 56.30
CA GLU A 58 -29.62 28.36 57.59
C GLU A 58 -29.56 26.96 58.17
N ASP A 59 -30.65 26.20 58.07
CA ASP A 59 -30.71 24.91 58.76
C ASP A 59 -29.54 24.03 58.39
N LEU A 60 -29.25 23.94 57.08
CA LEU A 60 -28.22 23.02 56.63
C LEU A 60 -26.84 23.48 57.05
N ARG A 61 -26.61 24.79 57.07
CA ARG A 61 -25.35 25.31 57.56
C ARG A 61 -25.17 25.02 59.04
N GLU A 62 -26.26 25.11 59.82
CA GLU A 62 -26.17 24.80 61.24
C GLU A 62 -25.88 23.32 61.46
N THR A 63 -26.54 22.42 60.71
CA THR A 63 -26.22 20.99 60.90
C THR A 63 -24.78 20.70 60.47
N VAL A 64 -24.28 21.36 59.42
CA VAL A 64 -22.87 21.19 59.07
C VAL A 64 -21.98 21.68 60.20
N GLN A 65 -22.38 22.78 60.86
CA GLN A 65 -21.61 23.23 62.02
C GLN A 65 -21.66 22.21 63.15
N GLU A 66 -22.82 21.60 63.38
CA GLU A 66 -22.92 20.56 64.40
C GLU A 66 -21.97 19.40 64.08
N LEU A 67 -22.04 18.88 62.86
CA LEU A 67 -21.15 17.79 62.47
C LEU A 67 -19.69 18.18 62.66
N TYR A 68 -19.34 19.42 62.31
CA TYR A 68 -17.96 19.86 62.52
C TYR A 68 -17.59 19.85 63.99
N GLU A 69 -18.52 20.28 64.85
CA GLU A 69 -18.18 20.35 66.28
C GLU A 69 -18.01 18.96 66.87
N HIS A 70 -18.88 18.02 66.52
CA HIS A 70 -18.71 16.67 67.02
C HIS A 70 -17.41 16.06 66.52
N SER A 71 -17.13 16.18 65.21
CA SER A 71 -15.87 15.65 64.71
C SER A 71 -14.68 16.29 65.41
N ALA A 72 -14.80 17.57 65.79
CA ALA A 72 -13.71 18.22 66.53
C ALA A 72 -13.54 17.60 67.91
N GLU A 73 -14.65 17.29 68.59
CA GLU A 73 -14.52 16.62 69.88
C GLU A 73 -13.94 15.22 69.73
N TYR A 74 -14.16 14.57 68.59
CA TYR A 74 -13.54 13.27 68.41
C TYR A 74 -12.06 13.41 68.10
N GLU A 75 -11.70 14.26 67.15
CA GLU A 75 -10.30 14.46 66.80
C GLU A 75 -9.52 15.12 67.92
N GLY A 76 -10.19 15.56 68.98
CA GLY A 76 -9.51 16.01 70.18
C GLY A 76 -9.44 14.92 71.23
N LYS A 77 -10.59 14.61 71.85
CA LYS A 77 -10.62 13.64 72.94
C LYS A 77 -10.45 12.19 72.47
N HIS A 78 -10.79 11.89 71.21
CA HIS A 78 -10.64 10.56 70.61
C HIS A 78 -11.52 9.50 71.27
N GLU A 79 -12.64 9.94 71.84
CA GLU A 79 -13.62 9.00 72.40
C GLU A 79 -14.39 8.32 71.27
N PRO A 80 -14.34 7.00 71.14
CA PRO A 80 -15.09 6.32 70.07
C PRO A 80 -16.59 6.42 70.20
N LYS A 81 -17.12 6.89 71.35
CA LYS A 81 -18.55 7.16 71.45
C LYS A 81 -18.96 8.31 70.54
N LYS A 82 -18.06 9.29 70.37
CA LYS A 82 -18.34 10.45 69.53
C LYS A 82 -18.67 10.09 68.10
N LEU A 83 -18.07 9.02 67.58
CA LEU A 83 -18.36 8.61 66.21
C LEU A 83 -19.82 8.21 66.06
N GLU A 84 -20.32 7.36 66.96
CA GLU A 84 -21.74 6.99 66.91
C GLU A 84 -22.62 8.21 67.15
N GLU A 85 -22.22 9.08 68.10
CA GLU A 85 -22.94 10.32 68.31
C GLU A 85 -23.09 11.08 67.01
N LEU A 86 -22.09 10.98 66.15
CA LEU A 86 -22.13 11.66 64.87
C LEU A 86 -23.06 10.95 63.90
N GLY A 87 -22.95 9.62 63.82
CA GLY A 87 -23.83 8.87 62.92
C GLY A 87 -25.29 9.09 63.18
N SER A 88 -25.69 9.15 64.45
CA SER A 88 -27.08 9.44 64.78
C SER A 88 -27.55 10.74 64.13
N VAL A 89 -26.70 11.76 64.15
CA VAL A 89 -27.03 13.02 63.48
C VAL A 89 -27.09 12.85 61.97
N LEU A 90 -26.26 11.95 61.41
CA LEU A 90 -26.27 11.77 59.97
C LEU A 90 -27.53 11.06 59.49
N THR A 91 -28.13 10.22 60.34
CA THR A 91 -29.29 9.44 59.92
C THR A 91 -30.50 10.31 59.54
N SER A 92 -30.68 11.44 60.24
CA SER A 92 -31.89 12.26 60.07
C SER A 92 -32.02 12.87 58.67
N LEU A 93 -30.92 13.07 57.97
CA LEU A 93 -30.90 13.87 56.76
C LEU A 93 -31.88 13.35 55.69
N ASP A 94 -32.61 14.29 55.09
CA ASP A 94 -33.39 14.01 53.89
C ASP A 94 -32.46 13.55 52.76
N PRO A 95 -33.02 12.95 51.69
CA PRO A 95 -32.16 12.48 50.59
C PRO A 95 -31.32 13.58 49.96
N GLY A 96 -31.89 14.76 49.72
CA GLY A 96 -31.09 15.85 49.19
C GLY A 96 -30.09 16.35 50.19
N ASP A 97 -30.47 16.37 51.48
CA ASP A 97 -29.60 16.93 52.50
C ASP A 97 -28.33 16.11 52.69
N SER A 98 -28.42 14.77 52.70
CA SER A 98 -27.20 13.97 52.83
C SER A 98 -26.24 14.23 51.67
N ILE A 99 -26.80 14.44 50.47
CA ILE A 99 -26.00 14.85 49.32
C ILE A 99 -25.31 16.18 49.61
N VAL A 100 -26.06 17.16 50.13
CA VAL A 100 -25.43 18.46 50.39
C VAL A 100 -24.35 18.35 51.46
N ILE A 101 -24.50 17.44 52.42
CA ILE A 101 -23.52 17.26 53.50
C ILE A 101 -22.24 16.64 52.96
N ALA A 102 -22.37 15.60 52.12
CA ALA A 102 -21.18 15.03 51.49
C ALA A 102 -20.49 16.06 50.61
N LYS A 103 -21.27 16.79 49.80
CA LYS A 103 -20.71 17.89 49.03
C LYS A 103 -19.99 18.87 49.93
N ALA A 104 -20.62 19.26 51.03
CA ALA A 104 -20.11 20.34 51.87
C ALA A 104 -18.75 19.99 52.45
N PHE A 105 -18.65 18.84 53.11
CA PHE A 105 -17.37 18.51 53.71
C PHE A 105 -16.32 18.21 52.65
N SER A 106 -16.74 17.70 51.47
CA SER A 106 -15.77 17.52 50.40
C SER A 106 -15.16 18.84 49.96
N HIS A 107 -16.00 19.83 49.66
CA HIS A 107 -15.50 21.11 49.19
C HIS A 107 -14.71 21.83 50.27
N MET A 108 -15.08 21.66 51.55
CA MET A 108 -14.24 22.22 52.60
C MET A 108 -12.86 21.59 52.60
N LEU A 109 -12.80 20.28 52.32
CA LEU A 109 -11.50 19.62 52.19
C LEU A 109 -10.70 20.19 51.03
N ASN A 110 -11.34 20.37 49.87
CA ASN A 110 -10.64 20.95 48.74
C ASN A 110 -10.09 22.34 49.05
N LEU A 111 -10.94 23.22 49.63
CA LEU A 111 -10.44 24.53 50.03
C LEU A 111 -9.29 24.39 51.01
N ALA A 112 -9.35 23.41 51.91
CA ALA A 112 -8.23 23.21 52.81
C ALA A 112 -6.97 22.91 52.04
N ASN A 113 -7.08 22.10 50.99
CA ASN A 113 -5.93 21.78 50.16
C ASN A 113 -5.36 23.04 49.52
N LEU A 114 -6.23 23.91 49.00
CA LEU A 114 -5.75 25.09 48.31
C LEU A 114 -5.09 26.08 49.27
N ALA A 115 -5.73 26.34 50.41
CA ALA A 115 -5.10 27.18 51.41
C ALA A 115 -3.77 26.60 51.86
N GLU A 116 -3.66 25.27 51.92
CA GLU A 116 -2.40 24.64 52.26
C GLU A 116 -1.34 24.95 51.22
N GLU A 117 -1.70 24.88 49.94
CA GLU A 117 -0.74 25.18 48.88
C GLU A 117 -0.28 26.64 48.93
N VAL A 118 -1.22 27.56 49.13
CA VAL A 118 -0.85 28.97 49.22
C VAL A 118 0.04 29.22 50.43
N GLN A 119 -0.37 28.72 51.61
CA GLN A 119 0.42 28.95 52.81
C GLN A 119 1.80 28.32 52.69
N ILE A 120 1.91 27.19 51.98
CA ILE A 120 3.22 26.59 51.76
C ILE A 120 4.06 27.48 50.86
N ALA A 121 3.48 27.93 49.75
CA ALA A 121 4.23 28.76 48.81
C ALA A 121 4.67 30.07 49.43
N TYR A 122 3.82 30.68 50.26
CA TYR A 122 4.16 31.93 50.92
C TYR A 122 5.19 31.70 52.01
N ARG A 123 4.96 30.69 52.86
CA ARG A 123 5.91 30.40 53.92
C ARG A 123 7.29 30.08 53.35
N ARG A 124 7.34 29.49 52.16
CA ARG A 124 8.63 29.23 51.54
C ARG A 124 9.21 30.47 50.91
N ARG A 125 8.37 31.26 50.23
CA ARG A 125 8.84 32.46 49.54
C ARG A 125 9.33 33.51 50.51
N ILE A 126 8.73 33.59 51.71
CA ILE A 126 9.20 34.53 52.71
C ILE A 126 10.42 33.92 53.39
N LYS A 127 11.40 33.55 52.56
CA LYS A 127 12.74 33.13 52.95
C LYS A 127 13.73 33.89 52.06
N LYS A 128 13.67 35.21 52.18
CA LYS A 128 14.43 36.12 51.35
C LYS A 128 15.22 37.08 52.22
N GLU A 143 14.92 17.40 53.21
CA GLU A 143 14.81 18.71 52.61
C GLU A 143 15.98 18.96 51.65
N SER A 144 15.79 19.85 50.67
CA SER A 144 16.82 20.14 49.68
C SER A 144 16.37 21.36 48.86
N ASP A 145 17.29 21.84 48.03
CA ASP A 145 17.12 23.00 47.16
C ASP A 145 18.37 23.13 46.30
N LEU A 146 18.20 23.71 45.11
CA LEU A 146 19.27 23.75 44.11
C LEU A 146 20.51 24.47 44.61
N GLU A 147 20.38 25.74 45.00
CA GLU A 147 21.55 26.46 45.48
C GLU A 147 22.10 25.80 46.74
N GLU A 148 21.19 25.35 47.62
CA GLU A 148 21.64 24.63 48.81
C GLU A 148 22.31 23.32 48.45
N THR A 149 21.77 22.59 47.47
CA THR A 149 22.40 21.33 47.06
C THR A 149 23.81 21.57 46.53
N PHE A 150 23.98 22.59 45.67
CA PHE A 150 25.32 22.91 45.15
C PHE A 150 26.27 23.24 46.29
N LYS A 151 25.84 24.13 47.18
CA LYS A 151 26.71 24.52 48.29
C LYS A 151 27.12 23.31 49.12
N LYS A 152 26.17 22.40 49.37
CA LYS A 152 26.52 21.22 50.15
C LYS A 152 27.48 20.31 49.39
N LEU A 153 27.28 20.15 48.08
CA LEU A 153 28.19 19.32 47.30
C LEU A 153 29.60 19.89 47.27
N VAL A 154 29.73 21.22 47.34
CA VAL A 154 31.07 21.80 47.35
C VAL A 154 31.70 21.65 48.74
N GLY A 155 31.00 22.12 49.77
CA GLY A 155 31.52 22.11 51.13
C GLY A 155 31.74 20.76 51.76
N ASP A 156 30.67 19.95 51.80
CA ASP A 156 30.76 18.62 52.40
C ASP A 156 31.74 17.74 51.65
N LEU A 157 31.47 17.50 50.37
CA LEU A 157 32.13 16.44 49.61
C LEU A 157 33.35 16.92 48.84
N ASN A 158 33.75 18.17 49.00
CA ASN A 158 34.92 18.75 48.35
C ASN A 158 34.81 18.78 46.83
N LYS A 159 33.62 18.56 46.29
CA LYS A 159 33.42 18.59 44.85
C LYS A 159 33.51 20.02 44.33
N SER A 160 34.10 20.19 43.14
CA SER A 160 34.34 21.51 42.56
C SER A 160 33.17 21.93 41.67
N PRO A 161 33.03 23.23 41.39
CA PRO A 161 31.92 23.66 40.53
C PRO A 161 31.96 23.08 39.13
N GLU A 162 33.13 23.05 38.48
CA GLU A 162 33.20 22.54 37.10
C GLU A 162 32.77 21.08 37.02
N GLU A 163 32.99 20.32 38.10
CA GLU A 163 32.45 18.96 38.18
C GLU A 163 30.93 18.97 38.23
N ILE A 164 30.35 19.89 39.02
CA ILE A 164 28.89 19.94 39.11
C ILE A 164 28.29 20.32 37.77
N PHE A 165 28.89 21.28 37.07
CA PHE A 165 28.39 21.66 35.76
C PHE A 165 28.52 20.51 34.78
N ASP A 166 29.64 19.79 34.81
CA ASP A 166 29.80 18.65 33.93
C ASP A 166 28.73 17.61 34.20
N ALA A 167 28.58 17.24 35.46
CA ALA A 167 27.58 16.25 35.82
C ALA A 167 26.18 16.69 35.46
N LEU A 168 25.91 17.99 35.56
CA LEU A 168 24.58 18.51 35.27
C LEU A 168 24.30 18.50 33.77
N LYS A 169 25.32 18.71 32.95
CA LYS A 169 25.13 18.66 31.51
C LYS A 169 24.66 17.28 31.06
N ASN A 170 25.29 16.22 31.58
CA ASN A 170 25.02 14.86 31.15
C ASN A 170 23.91 14.17 31.92
N GLN A 171 23.06 14.91 32.62
CA GLN A 171 22.01 14.32 33.43
C GLN A 171 20.67 14.45 32.72
N THR A 172 19.87 13.40 32.78
CA THR A 172 18.56 13.37 32.14
C THR A 172 17.55 12.83 33.14
N VAL A 173 16.38 13.46 33.16
CA VAL A 173 15.26 13.05 33.99
C VAL A 173 14.05 13.00 33.09
N ASP A 174 13.56 11.78 32.81
CA ASP A 174 12.48 11.56 31.86
C ASP A 174 11.19 11.37 32.65
N LEU A 175 10.44 12.45 32.83
CA LEU A 175 9.15 12.33 33.51
C LEU A 175 8.11 11.87 32.48
N VAL A 176 7.50 10.73 32.72
CA VAL A 176 6.53 10.18 31.80
C VAL A 176 5.19 10.20 32.50
N LEU A 177 4.22 10.88 31.89
CA LEU A 177 2.90 11.04 32.46
C LEU A 177 2.03 9.85 32.04
N THR A 178 1.28 9.31 33.00
CA THR A 178 0.42 8.16 32.75
C THR A 178 -1.04 8.46 33.09
N ALA A 179 -1.94 7.74 32.44
CA ALA A 179 -3.37 7.85 32.74
C ALA A 179 -3.83 6.84 33.79
N HIS A 180 -3.02 6.56 34.80
CA HIS A 180 -3.44 5.62 35.82
C HIS A 180 -4.64 6.20 36.57
N PRO A 181 -5.70 5.46 36.77
CA PRO A 181 -6.96 6.06 37.19
C PRO A 181 -6.98 6.43 38.67
N THR A 182 -6.15 7.38 39.05
CA THR A 182 -6.09 7.83 40.41
C THR A 182 -6.56 9.27 40.58
N GLN A 183 -6.93 9.96 39.51
CA GLN A 183 -7.37 11.35 39.63
C GLN A 183 -8.87 11.40 39.88
N SER A 184 -9.26 11.59 41.14
CA SER A 184 -10.67 11.53 41.49
C SER A 184 -11.44 12.77 41.05
N VAL A 185 -10.82 13.94 41.06
CA VAL A 185 -11.52 15.20 40.78
C VAL A 185 -11.59 15.46 39.29
N ARG A 186 -12.81 15.70 38.79
CA ARG A 186 -12.96 15.88 37.37
C ARG A 186 -12.36 17.21 36.93
N ARG A 187 -11.92 17.25 35.67
CA ARG A 187 -11.17 18.38 35.16
C ARG A 187 -11.99 19.67 35.27
N SER A 188 -13.29 19.58 34.96
CA SER A 188 -14.20 20.73 35.09
C SER A 188 -14.18 21.31 36.48
N LEU A 189 -13.93 20.49 37.50
CA LEU A 189 -13.78 21.06 38.83
C LEU A 189 -12.35 21.46 39.13
N LEU A 190 -11.39 20.79 38.50
CA LEU A 190 -9.99 21.15 38.69
C LEU A 190 -9.72 22.58 38.21
N GLN A 191 -10.36 22.99 37.12
CA GLN A 191 -10.25 24.38 36.68
C GLN A 191 -10.67 25.34 37.79
N LYS A 192 -11.87 25.12 38.33
CA LYS A 192 -12.36 25.97 39.41
C LYS A 192 -11.39 25.97 40.57
N HIS A 193 -10.78 24.83 40.86
CA HIS A 193 -9.76 24.81 41.90
C HIS A 193 -8.62 25.76 41.56
N GLY A 194 -8.16 25.74 40.30
CA GLY A 194 -7.08 26.64 39.92
C GLY A 194 -7.44 28.10 40.10
N ARG A 195 -8.65 28.48 39.69
CA ARG A 195 -9.09 29.85 39.89
C ARG A 195 -9.13 30.19 41.37
N ILE A 196 -9.60 29.27 42.19
CA ILE A 196 -9.71 29.53 43.62
C ILE A 196 -8.33 29.72 44.23
N ARG A 197 -7.38 28.84 43.91
CA ARG A 197 -6.06 29.02 44.49
C ARG A 197 -5.42 30.30 44.00
N ASP A 198 -5.75 30.75 42.79
CA ASP A 198 -5.26 32.04 42.31
C ASP A 198 -5.76 33.19 43.18
N CYS A 199 -7.06 33.22 43.47
CA CYS A 199 -7.60 34.26 44.34
C CYS A 199 -7.02 34.18 45.74
N LEU A 200 -6.94 32.97 46.29
CA LEU A 200 -6.44 32.77 47.64
C LEU A 200 -4.98 33.16 47.74
N ALA A 201 -4.21 32.94 46.67
CA ALA A 201 -2.84 33.42 46.65
C ALA A 201 -2.78 34.94 46.62
N GLN A 202 -3.60 35.57 45.78
CA GLN A 202 -3.60 37.03 45.72
C GLN A 202 -4.11 37.67 47.02
N LEU A 203 -4.91 36.96 47.82
CA LEU A 203 -5.37 37.53 49.08
C LEU A 203 -4.32 37.41 50.17
N TYR A 204 -3.70 36.22 50.30
CA TYR A 204 -2.63 35.99 51.27
C TYR A 204 -1.40 36.77 50.82
N ALA A 205 -1.45 38.09 51.05
CA ALA A 205 -0.44 39.05 50.63
C ALA A 205 -0.74 40.37 51.32
N LYS A 206 0.23 41.27 51.31
CA LYS A 206 0.10 42.55 52.02
C LYS A 206 0.13 43.75 51.07
N ASP A 207 -0.08 43.53 49.77
CA ASP A 207 -0.16 44.61 48.80
C ASP A 207 -1.56 44.75 48.21
N ILE A 208 -2.58 44.47 49.01
CA ILE A 208 -3.95 44.52 48.53
C ILE A 208 -4.43 45.96 48.61
N THR A 209 -4.90 46.50 47.49
CA THR A 209 -5.53 47.80 47.51
C THR A 209 -7.02 47.61 47.71
N PRO A 210 -7.63 48.22 48.75
CA PRO A 210 -9.03 47.92 49.14
C PRO A 210 -9.98 47.49 48.04
N ASP A 211 -9.99 48.21 46.91
CA ASP A 211 -10.86 47.84 45.80
C ASP A 211 -10.43 46.51 45.19
N ASP A 212 -9.12 46.28 45.10
CA ASP A 212 -8.62 44.99 44.61
C ASP A 212 -9.05 43.87 45.52
N LYS A 213 -8.93 44.08 46.83
CA LYS A 213 -9.33 43.06 47.79
C LYS A 213 -10.82 42.76 47.68
N GLN A 214 -11.66 43.80 47.56
CA GLN A 214 -13.09 43.56 47.45
C GLN A 214 -13.44 42.80 46.17
N GLU A 215 -12.77 43.14 45.06
CA GLU A 215 -13.03 42.46 43.80
C GLU A 215 -12.52 41.02 43.81
N LEU A 216 -11.43 40.74 44.52
CA LEU A 216 -11.00 39.36 44.71
C LEU A 216 -11.95 38.60 45.62
N ASP A 217 -12.51 39.27 46.64
CA ASP A 217 -13.52 38.62 47.45
C ASP A 217 -14.68 38.17 46.59
N GLU A 218 -15.22 39.07 45.78
CA GLU A 218 -16.28 38.68 44.86
C GLU A 218 -15.83 37.53 43.97
N ALA A 219 -14.56 37.53 43.56
CA ALA A 219 -14.07 36.49 42.65
C ALA A 219 -14.05 35.13 43.33
N LEU A 220 -13.45 35.06 44.51
CA LEU A 220 -13.40 33.81 45.24
C LEU A 220 -14.81 33.31 45.56
N GLN A 221 -15.72 34.22 45.91
CA GLN A 221 -17.09 33.82 46.20
C GLN A 221 -17.75 33.21 44.96
N ARG A 222 -17.63 33.87 43.81
CA ARG A 222 -18.34 33.31 42.66
C ARG A 222 -17.66 32.04 42.18
N GLU A 223 -16.36 31.89 42.43
CA GLU A 223 -15.72 30.68 41.94
C GLU A 223 -16.02 29.47 42.84
N ILE A 224 -16.10 29.69 44.15
CA ILE A 224 -16.56 28.62 45.04
C ILE A 224 -18.00 28.25 44.69
N GLN A 225 -18.86 29.26 44.50
CA GLN A 225 -20.23 28.95 44.13
C GLN A 225 -20.30 28.20 42.81
N ALA A 226 -19.42 28.52 41.87
CA ALA A 226 -19.43 27.82 40.59
C ALA A 226 -18.94 26.38 40.75
N ALA A 227 -17.91 26.16 41.56
CA ALA A 227 -17.45 24.80 41.79
C ALA A 227 -18.53 23.98 42.46
N PHE A 228 -19.12 24.53 43.51
CA PHE A 228 -20.19 23.86 44.24
C PHE A 228 -21.42 23.67 43.38
N ARG A 229 -21.57 24.45 42.32
CA ARG A 229 -22.70 24.34 41.42
C ARG A 229 -22.44 23.41 40.25
N THR A 230 -21.31 22.71 40.27
CA THR A 230 -20.99 21.72 39.25
C THR A 230 -21.26 20.34 39.82
N ASP A 231 -21.73 19.43 38.97
CA ASP A 231 -21.90 18.05 39.38
C ASP A 231 -20.53 17.39 39.49
N GLU A 232 -20.10 17.04 40.71
CA GLU A 232 -18.76 16.50 40.85
C GLU A 232 -18.63 15.07 40.35
N ILE A 233 -19.73 14.43 39.95
CA ILE A 233 -19.76 13.01 39.61
C ILE A 233 -19.66 12.83 38.10
N LYS A 234 -18.57 12.21 37.62
CA LYS A 234 -18.51 11.83 36.21
C LYS A 234 -19.63 10.84 35.90
N ARG A 235 -20.53 11.22 35.01
CA ARG A 235 -21.62 10.31 34.71
C ARG A 235 -21.25 9.31 33.62
N THR A 236 -20.09 9.43 33.00
CA THR A 236 -19.57 8.48 32.04
C THR A 236 -18.05 8.45 32.10
N PRO A 237 -17.43 7.28 31.86
CA PRO A 237 -15.97 7.22 31.92
C PRO A 237 -15.35 7.90 30.73
N PRO A 238 -14.14 8.44 30.85
CA PRO A 238 -13.51 9.13 29.74
C PRO A 238 -13.08 8.15 28.66
N THR A 239 -12.74 8.71 27.52
CA THR A 239 -12.06 7.98 26.46
C THR A 239 -10.56 8.08 26.70
N PRO A 240 -9.75 7.24 26.04
CA PRO A 240 -8.30 7.44 26.16
C PRO A 240 -7.88 8.80 25.67
N GLN A 241 -8.50 9.27 24.60
CA GLN A 241 -8.17 10.61 24.11
C GLN A 241 -8.45 11.67 25.17
N ASP A 242 -9.57 11.56 25.90
CA ASP A 242 -9.82 12.53 26.98
C ASP A 242 -8.71 12.48 28.02
N GLU A 243 -8.23 11.27 28.33
CA GLU A 243 -7.12 11.15 29.27
C GLU A 243 -5.87 11.85 28.74
N MET A 244 -5.58 11.69 27.46
CA MET A 244 -4.41 12.34 26.88
C MET A 244 -4.56 13.86 26.85
N ARG A 245 -5.77 14.36 26.64
CA ARG A 245 -6.00 15.80 26.67
C ARG A 245 -5.79 16.37 28.07
N ALA A 246 -6.40 15.76 29.08
CA ALA A 246 -6.20 16.23 30.44
C ALA A 246 -4.73 16.17 30.81
N GLY A 247 -4.02 15.16 30.30
CA GLY A 247 -2.60 15.08 30.57
C GLY A 247 -1.83 16.21 29.93
N MET A 248 -2.08 16.46 28.64
CA MET A 248 -1.32 17.48 27.94
C MET A 248 -1.71 18.90 28.33
N SER A 249 -2.85 19.09 29.00
CA SER A 249 -3.23 20.46 29.35
C SER A 249 -2.20 21.11 30.24
N TYR A 250 -1.44 20.34 31.03
CA TYR A 250 -0.47 20.97 31.91
C TYR A 250 0.67 21.59 31.11
N PHE A 251 0.88 21.15 29.87
CA PHE A 251 1.89 21.77 29.04
C PHE A 251 1.46 23.16 28.63
N HIS A 252 0.37 23.27 27.84
CA HIS A 252 -0.07 24.59 27.40
C HIS A 252 -0.70 25.40 28.52
N GLU A 253 -0.30 25.09 29.76
CA GLU A 253 -0.70 25.83 30.95
C GLU A 253 0.42 26.07 31.95
N THR A 254 1.42 25.21 32.04
CA THR A 254 2.42 25.34 33.10
C THR A 254 3.79 24.85 32.67
N ILE A 255 3.85 23.62 32.15
CA ILE A 255 5.11 23.00 31.78
C ILE A 255 5.80 23.78 30.65
N TRP A 256 5.01 24.23 29.66
CA TRP A 256 5.58 24.85 28.46
C TRP A 256 6.40 26.08 28.79
N LYS A 257 5.90 26.93 29.68
CA LYS A 257 6.72 28.03 30.19
C LYS A 257 7.55 27.60 31.39
N GLY A 258 7.21 26.47 32.02
CA GLY A 258 7.92 26.05 33.21
C GLY A 258 9.30 25.51 32.92
N VAL A 259 9.48 24.80 31.81
CA VAL A 259 10.81 24.29 31.45
C VAL A 259 11.80 25.42 31.27
N PRO A 260 11.49 26.49 30.51
CA PRO A 260 12.46 27.60 30.42
C PRO A 260 12.75 28.29 31.73
N LYS A 261 11.73 28.59 32.55
CA LYS A 261 12.00 29.25 33.82
C LYS A 261 12.91 28.40 34.69
N PHE A 262 12.63 27.10 34.77
CA PHE A 262 13.46 26.21 35.54
C PHE A 262 14.89 26.22 35.03
N LEU A 263 15.07 26.11 33.70
CA LEU A 263 16.41 26.13 33.16
C LEU A 263 17.16 27.42 33.52
N ARG A 264 16.48 28.57 33.41
CA ARG A 264 17.11 29.83 33.80
C ARG A 264 17.50 29.82 35.26
N ARG A 265 16.65 29.26 36.12
CA ARG A 265 17.00 29.23 37.54
C ARG A 265 18.24 28.38 37.76
N VAL A 266 18.34 27.25 37.05
CA VAL A 266 19.55 26.45 37.12
C VAL A 266 20.76 27.25 36.70
N ASP A 267 20.59 28.09 35.66
CA ASP A 267 21.68 28.98 35.26
C ASP A 267 22.07 29.89 36.39
N THR A 268 21.09 30.44 37.11
CA THR A 268 21.41 31.34 38.21
C THR A 268 22.19 30.62 39.31
N ALA A 269 21.75 29.42 39.71
CA ALA A 269 22.50 28.68 40.73
C ALA A 269 23.93 28.40 40.27
N LEU A 270 24.09 28.02 39.00
CA LEU A 270 25.43 27.82 38.46
C LEU A 270 26.26 29.10 38.53
N LYS A 271 25.63 30.26 38.30
CA LYS A 271 26.39 31.50 38.42
C LYS A 271 26.71 31.85 39.86
N ASN A 272 25.89 31.39 40.81
CA ASN A 272 26.24 31.58 42.21
C ASN A 272 27.27 30.58 42.68
N ILE A 273 27.65 29.60 41.85
CA ILE A 273 28.79 28.75 42.17
C ILE A 273 30.04 29.18 41.43
N GLY A 274 29.93 30.16 40.54
CA GLY A 274 31.05 30.65 39.77
C GLY A 274 31.11 30.17 38.34
N ILE A 275 30.04 29.59 37.83
CA ILE A 275 30.03 29.04 36.48
C ILE A 275 29.26 30.04 35.61
N GLU A 276 30.02 30.97 35.03
CA GLU A 276 29.41 31.93 34.12
C GLU A 276 28.73 31.23 32.96
N GLU A 277 29.24 30.07 32.56
CA GLU A 277 28.61 29.32 31.48
C GLU A 277 27.18 28.95 31.85
N ARG A 278 26.42 28.60 30.82
CA ARG A 278 25.00 28.30 30.95
C ARG A 278 24.76 26.84 30.61
N VAL A 279 23.61 26.34 31.02
CA VAL A 279 23.25 24.96 30.66
C VAL A 279 23.00 24.90 29.17
N PRO A 280 23.63 23.98 28.43
CA PRO A 280 23.37 23.89 26.99
C PRO A 280 21.89 23.74 26.69
N TYR A 281 21.42 24.49 25.69
CA TYR A 281 20.00 24.45 25.34
C TYR A 281 19.58 23.05 24.92
N ASN A 282 20.48 22.31 24.27
CA ASN A 282 20.23 20.95 23.80
C ASN A 282 20.53 19.90 24.86
N ALA A 283 21.10 20.29 26.00
CA ALA A 283 21.30 19.38 27.11
C ALA A 283 19.95 18.91 27.60
N PRO A 284 19.71 17.63 27.67
CA PRO A 284 18.37 17.12 28.02
C PRO A 284 18.19 16.95 29.52
N LEU A 285 18.15 18.07 30.24
CA LEU A 285 18.06 18.01 31.69
C LEU A 285 16.72 17.42 32.14
N ILE A 286 15.64 17.77 31.44
CA ILE A 286 14.32 17.19 31.68
C ILE A 286 13.70 16.84 30.33
N GLN A 287 12.96 15.73 30.31
CA GLN A 287 12.22 15.26 29.16
C GLN A 287 10.84 14.86 29.65
N PHE A 288 9.89 14.78 28.72
CA PHE A 288 8.54 14.34 29.03
C PHE A 288 8.15 13.27 28.05
N SER A 289 7.76 12.11 28.56
CA SER A 289 7.19 11.07 27.74
C SER A 289 5.75 10.84 28.18
N SER A 290 4.98 10.10 27.40
CA SER A 290 3.60 9.87 27.77
C SER A 290 3.21 8.41 27.54
N TRP A 291 2.28 7.94 28.37
CA TRP A 291 1.61 6.67 28.12
C TRP A 291 0.18 6.84 27.62
N MET A 292 -0.42 8.02 27.83
CA MET A 292 -1.79 8.28 27.41
C MET A 292 -2.01 7.94 25.93
N GLY A 293 -2.79 6.88 25.67
CA GLY A 293 -3.00 6.45 24.32
C GLY A 293 -1.98 5.45 23.82
N GLY A 294 -0.98 5.12 24.62
CA GLY A 294 0.00 4.15 24.14
C GLY A 294 -0.08 2.84 24.88
N ASP A 295 -0.29 2.90 26.20
CA ASP A 295 -0.40 1.72 27.07
C ASP A 295 -1.75 1.04 26.86
N ARG A 296 -1.74 -0.12 26.21
CA ARG A 296 -2.96 -0.85 25.87
C ARG A 296 -3.05 -2.19 26.61
N ASP A 297 -2.24 -2.38 27.65
CA ASP A 297 -2.18 -3.62 28.41
C ASP A 297 -3.44 -3.79 29.25
N GLY A 298 -4.30 -4.71 28.86
CA GLY A 298 -5.55 -4.83 29.58
C GLY A 298 -6.57 -3.75 29.31
N ASN A 299 -6.35 -2.90 28.31
CA ASN A 299 -7.31 -1.86 27.95
C ASN A 299 -7.61 -1.96 26.47
N PRO A 300 -8.65 -2.69 26.08
CA PRO A 300 -8.99 -2.78 24.65
C PRO A 300 -9.46 -1.47 24.05
N ARG A 301 -9.76 -0.45 24.86
CA ARG A 301 -10.23 0.80 24.29
C ARG A 301 -9.10 1.59 23.66
N VAL A 302 -7.85 1.31 24.02
CA VAL A 302 -6.71 1.93 23.36
C VAL A 302 -6.48 1.22 22.04
N THR A 303 -7.14 1.66 20.97
CA THR A 303 -7.00 1.02 19.66
C THR A 303 -5.76 1.58 18.97
N PRO A 304 -5.32 0.99 17.85
CA PRO A 304 -4.30 1.67 17.04
C PRO A 304 -4.75 3.04 16.55
N GLU A 305 -6.00 3.16 16.12
CA GLU A 305 -6.49 4.46 15.69
C GLU A 305 -6.45 5.48 16.82
N VAL A 306 -6.59 5.04 18.06
CA VAL A 306 -6.44 5.96 19.18
C VAL A 306 -5.00 6.45 19.29
N THR A 307 -4.04 5.55 19.11
CA THR A 307 -2.63 5.95 19.15
C THR A 307 -2.31 6.94 18.03
N ARG A 308 -2.83 6.69 16.83
CA ARG A 308 -2.73 7.70 15.78
CA ARG A 308 -2.71 7.71 15.80
C ARG A 308 -3.32 9.02 16.25
N ASP A 309 -4.51 8.98 16.86
CA ASP A 309 -5.18 10.21 17.29
C ASP A 309 -4.33 11.00 18.27
N VAL A 310 -3.81 10.35 19.31
CA VAL A 310 -3.07 11.10 20.30
C VAL A 310 -1.71 11.54 19.76
N CYS A 311 -1.16 10.82 18.79
CA CYS A 311 0.13 11.26 18.23
C CYS A 311 -0.06 12.51 17.38
N LEU A 312 -1.02 12.46 16.46
CA LEU A 312 -1.34 13.64 15.67
C LEU A 312 -1.77 14.79 16.56
N LEU A 313 -2.54 14.49 17.61
CA LEU A 313 -2.99 15.48 18.58
C LEU A 313 -1.80 16.20 19.18
N ALA A 314 -0.93 15.49 19.91
CA ALA A 314 0.22 16.13 20.55
C ALA A 314 1.07 16.90 19.55
N ARG A 315 1.19 16.38 18.32
CA ARG A 315 1.97 17.06 17.29
C ARG A 315 1.35 18.41 16.96
N MET A 316 0.03 18.44 16.85
CA MET A 316 -0.68 19.66 16.50
C MET A 316 -0.61 20.66 17.65
N MET A 317 -0.72 20.17 18.88
CA MET A 317 -0.56 21.05 20.03
C MET A 317 0.81 21.71 20.02
N ALA A 318 1.87 20.92 19.87
CA ALA A 318 3.21 21.48 19.79
C ALA A 318 3.32 22.55 18.72
N ALA A 319 2.93 22.20 17.49
CA ALA A 319 3.03 23.18 16.41
C ALA A 319 2.29 24.47 16.75
N THR A 320 1.11 24.37 17.35
CA THR A 320 0.38 25.58 17.73
C THR A 320 1.13 26.40 18.76
N MET A 321 1.71 25.76 19.78
CA MET A 321 2.43 26.52 20.80
C MET A 321 3.59 27.27 20.15
N TYR A 322 4.43 26.55 19.39
CA TYR A 322 5.55 27.20 18.76
C TYR A 322 5.09 28.35 17.89
N PHE A 323 3.99 28.15 17.16
CA PHE A 323 3.56 29.18 16.23
C PHE A 323 3.12 30.44 16.94
N ASN A 324 2.43 30.31 18.08
CA ASN A 324 2.08 31.51 18.83
C ASN A 324 3.33 32.21 19.36
N GLN A 325 4.39 31.46 19.65
CA GLN A 325 5.62 32.06 20.16
C GLN A 325 6.36 32.86 19.08
N ILE A 326 6.32 32.37 17.83
CA ILE A 326 7.34 32.73 16.85
C ILE A 326 7.24 34.19 16.40
N GLU A 327 6.03 34.76 16.39
CA GLU A 327 5.89 36.14 15.90
C GLU A 327 6.54 37.12 16.88
N ASP A 328 6.33 36.90 18.18
CA ASP A 328 6.94 37.77 19.18
C ASP A 328 8.45 37.61 19.19
N LEU A 329 8.94 36.39 18.96
CA LEU A 329 10.38 36.25 18.79
C LEU A 329 10.86 37.07 17.58
N MET A 330 10.09 37.07 16.49
CA MET A 330 10.46 37.90 15.36
C MET A 330 10.49 39.37 15.75
N PHE A 331 9.51 39.81 16.53
CA PHE A 331 9.47 41.22 16.93
C PHE A 331 10.69 41.62 17.73
N GLU A 332 11.22 40.72 18.57
CA GLU A 332 12.40 41.16 19.33
C GLU A 332 13.67 41.14 18.50
N MET A 333 13.83 40.14 17.64
CA MET A 333 15.07 40.01 16.87
C MET A 333 15.25 41.07 15.79
N SER A 334 15.36 42.32 16.21
CA SER A 334 15.40 43.46 15.29
C SER A 334 16.81 44.04 15.16
N MET A 335 17.83 43.28 15.50
CA MET A 335 19.18 43.78 15.30
C MET A 335 19.48 43.84 13.82
N TRP A 336 20.56 44.57 13.47
CA TRP A 336 21.03 44.69 12.09
C TRP A 336 22.44 44.15 11.87
N ARG A 337 23.16 43.80 12.93
CA ARG A 337 24.45 43.11 12.85
C ARG A 337 24.26 41.61 12.90
N CYS A 338 24.95 40.89 12.02
CA CYS A 338 24.98 39.42 12.06
C CYS A 338 26.34 38.96 11.53
N ASN A 339 26.60 37.65 11.60
CA ASN A 339 27.81 37.16 10.98
C ASN A 339 27.66 37.15 9.47
N ASP A 340 28.76 36.82 8.81
CA ASP A 340 28.67 36.53 7.39
C ASP A 340 27.83 35.29 7.15
N GLU A 341 27.82 34.35 8.11
CA GLU A 341 27.04 33.13 7.94
C GLU A 341 25.55 33.48 7.89
N LEU A 342 25.03 34.09 8.96
CA LEU A 342 23.63 34.47 8.95
C LEU A 342 23.33 35.46 7.83
N ARG A 343 24.29 36.35 7.51
CA ARG A 343 24.11 37.25 6.38
C ARG A 343 23.81 36.47 5.11
N ALA A 344 24.67 35.49 4.80
CA ALA A 344 24.50 34.71 3.60
C ALA A 344 23.15 34.01 3.60
N ARG A 345 22.78 33.43 4.74
CA ARG A 345 21.52 32.69 4.78
C ARG A 345 20.32 33.62 4.61
N ALA A 346 20.31 34.77 5.29
CA ALA A 346 19.20 35.71 5.14
C ALA A 346 19.10 36.22 3.70
N ASP A 347 20.24 36.44 3.05
CA ASP A 347 20.19 36.80 1.64
C ASP A 347 19.59 35.67 0.82
N GLU A 348 19.90 34.42 1.19
CA GLU A 348 19.30 33.27 0.51
C GLU A 348 17.79 33.27 0.64
N VAL A 349 17.29 33.43 1.87
CA VAL A 349 15.84 33.44 2.06
C VAL A 349 15.22 34.58 1.28
N HIS A 350 15.85 35.75 1.30
CA HIS A 350 15.30 36.87 0.57
C HIS A 350 15.36 36.67 -0.94
N ALA A 351 16.23 35.78 -1.42
CA ALA A 351 16.21 35.45 -2.86
C ALA A 351 14.91 34.74 -3.24
N ASN A 352 14.62 33.62 -2.57
CA ASN A 352 13.33 32.94 -2.72
C ASN A 352 12.30 33.48 -1.74
N SER A 353 12.20 34.80 -1.66
CA SER A 353 11.35 35.42 -0.65
C SER A 353 9.88 35.40 -1.00
N ARG A 354 9.52 35.03 -2.23
CA ARG A 354 8.14 35.05 -2.67
C ARG A 354 7.58 36.47 -2.51
N LYS A 355 7.92 37.34 -3.45
CA LYS A 355 7.41 38.71 -3.45
C LYS A 355 5.90 38.72 -3.71
N ASP A 356 5.11 38.63 -2.64
CA ASP A 356 3.68 38.45 -2.73
C ASP A 356 3.01 39.34 -1.68
N ALA A 357 1.68 39.30 -1.64
CA ALA A 357 0.96 40.02 -0.61
C ALA A 357 1.11 39.35 0.75
N ALA A 358 1.05 38.01 0.80
CA ALA A 358 1.18 37.23 2.04
C ALA A 358 0.22 37.70 3.11
N LYS A 359 -1.06 37.85 2.73
CA LYS A 359 -2.08 38.42 3.59
C LYS A 359 -2.66 37.43 4.61
N HIS A 360 -2.25 36.15 4.62
CA HIS A 360 -2.82 35.26 5.61
C HIS A 360 -2.28 35.54 7.01
N TYR A 361 -1.06 36.04 7.14
CA TYR A 361 -0.57 36.50 8.43
C TYR A 361 -1.18 37.84 8.76
N ILE A 362 -1.19 38.17 10.05
CA ILE A 362 -1.63 39.49 10.47
C ILE A 362 -0.45 40.44 10.47
N GLU A 363 0.59 40.10 11.24
CA GLU A 363 1.80 40.91 11.29
C GLU A 363 2.85 40.36 10.34
N PHE A 364 3.75 41.25 9.93
CA PHE A 364 4.84 40.94 9.01
C PHE A 364 4.33 40.37 7.68
N TRP A 365 3.23 40.92 7.18
CA TRP A 365 2.73 40.33 5.94
C TRP A 365 3.52 40.78 4.73
N LYS A 366 4.37 41.80 4.88
CA LYS A 366 5.23 42.28 3.82
C LYS A 366 6.55 41.51 3.83
N SER A 367 7.15 41.39 2.65
CA SER A 367 8.44 40.72 2.54
C SER A 367 9.46 41.40 3.43
N ILE A 368 10.06 40.63 4.34
CA ILE A 368 10.91 41.23 5.38
C ILE A 368 12.22 41.65 4.75
N PRO A 369 12.62 42.92 4.90
CA PRO A 369 13.84 43.38 4.25
C PRO A 369 15.07 42.83 4.92
N THR A 370 16.14 42.69 4.12
CA THR A 370 17.35 42.10 4.64
C THR A 370 18.05 42.98 5.66
N THR A 371 17.55 44.21 5.86
CA THR A 371 18.12 45.13 6.86
C THR A 371 18.13 44.51 8.24
N GLU A 372 17.09 43.74 8.57
CA GLU A 372 16.97 43.03 9.84
C GLU A 372 17.06 41.54 9.56
N PRO A 373 18.27 40.97 9.45
CA PRO A 373 18.39 39.61 8.91
C PRO A 373 17.76 38.55 9.78
N TYR A 374 17.86 38.72 11.10
CA TYR A 374 17.22 37.80 12.01
C TYR A 374 15.73 37.70 11.73
N ARG A 375 15.07 38.83 11.49
CA ARG A 375 13.65 38.77 11.17
C ARG A 375 13.40 38.04 9.86
N VAL A 376 14.30 38.15 8.89
CA VAL A 376 14.17 37.38 7.65
C VAL A 376 14.12 35.90 7.97
N ILE A 377 15.12 35.43 8.72
CA ILE A 377 15.26 34.01 9.03
C ILE A 377 14.08 33.52 9.86
N LEU A 378 13.81 34.20 10.96
CA LEU A 378 12.70 33.77 11.81
C LEU A 378 11.39 33.88 11.07
N GLY A 379 11.29 34.75 10.09
CA GLY A 379 10.12 34.76 9.25
C GLY A 379 9.97 33.47 8.48
N ASP A 380 11.08 32.91 8.00
CA ASP A 380 10.99 31.60 7.38
C ASP A 380 10.60 30.53 8.40
N VAL A 381 11.17 30.58 9.60
CA VAL A 381 10.77 29.68 10.68
C VAL A 381 9.26 29.77 10.90
N ARG A 382 8.71 30.98 10.84
CA ARG A 382 7.27 31.15 10.96
C ARG A 382 6.54 30.48 9.81
N ASP A 383 7.09 30.56 8.60
CA ASP A 383 6.45 29.90 7.45
C ASP A 383 6.39 28.39 7.66
N LYS A 384 7.51 27.79 8.06
CA LYS A 384 7.51 26.33 8.23
C LYS A 384 6.69 25.92 9.45
N LEU A 385 6.60 26.76 10.46
CA LEU A 385 5.69 26.46 11.55
C LEU A 385 4.25 26.51 11.07
N TYR A 386 3.91 27.54 10.29
CA TYR A 386 2.55 27.66 9.78
C TYR A 386 2.15 26.42 9.00
N HIS A 387 3.04 25.94 8.13
CA HIS A 387 2.65 24.79 7.32
C HIS A 387 2.71 23.48 8.10
N THR A 388 3.63 23.35 9.08
CA THR A 388 3.61 22.17 9.94
C THR A 388 2.32 22.10 10.72
N ARG A 389 1.89 23.24 11.28
CA ARG A 389 0.65 23.28 12.04
C ARG A 389 -0.55 22.95 11.16
N GLU A 390 -0.60 23.53 9.96
CA GLU A 390 -1.72 23.24 9.05
C GLU A 390 -1.74 21.77 8.62
N ARG A 391 -0.58 21.20 8.34
CA ARG A 391 -0.51 19.80 7.94
C ARG A 391 -0.95 18.89 9.08
N ALA A 392 -0.38 19.08 10.27
CA ALA A 392 -0.80 18.27 11.40
C ALA A 392 -2.29 18.42 11.63
N HIS A 393 -2.84 19.62 11.40
CA HIS A 393 -4.26 19.86 11.63
C HIS A 393 -5.13 19.12 10.61
N GLN A 394 -4.71 19.07 9.35
CA GLN A 394 -5.49 18.32 8.37
C GLN A 394 -5.32 16.82 8.58
N LEU A 395 -4.08 16.38 8.80
CA LEU A 395 -3.80 15.00 9.13
C LEU A 395 -4.67 14.52 10.30
N LEU A 396 -4.86 15.37 11.30
CA LEU A 396 -5.70 14.99 12.43
C LEU A 396 -7.17 15.03 12.05
N SER A 397 -7.65 16.17 11.55
CA SER A 397 -9.08 16.32 11.29
C SER A 397 -9.60 15.35 10.24
N ASN A 398 -8.99 15.33 9.06
CA ASN A 398 -9.34 14.36 8.03
C ASN A 398 -8.35 13.20 8.09
N GLY A 399 -8.21 12.45 7.00
CA GLY A 399 -7.24 11.39 6.97
C GLY A 399 -5.96 11.70 6.23
N HIS A 400 -5.79 12.93 5.77
CA HIS A 400 -4.72 13.24 4.83
C HIS A 400 -4.54 14.76 4.76
N SER A 401 -3.48 15.18 4.10
CA SER A 401 -3.20 16.58 3.90
C SER A 401 -2.50 16.77 2.57
N ASP A 402 -2.82 17.86 1.88
CA ASP A 402 -2.18 18.25 0.63
C ASP A 402 -0.95 19.15 0.84
N VAL A 403 -0.71 19.63 2.04
CA VAL A 403 0.45 20.48 2.35
C VAL A 403 1.72 19.67 2.11
N PRO A 404 2.65 20.15 1.31
CA PRO A 404 3.86 19.36 1.05
C PRO A 404 4.66 19.18 2.32
N VAL A 405 5.29 18.01 2.45
CA VAL A 405 6.06 17.77 3.66
C VAL A 405 7.27 18.69 3.70
N GLU A 406 7.86 18.99 2.54
CA GLU A 406 9.03 19.86 2.48
C GLU A 406 8.71 21.28 2.95
N ALA A 407 7.42 21.65 2.97
CA ALA A 407 7.02 22.95 3.48
C ALA A 407 6.94 23.00 4.99
N THR A 408 7.04 21.84 5.64
CA THR A 408 6.90 21.73 7.08
C THR A 408 8.23 21.37 7.71
N PHE A 409 8.22 21.27 9.03
CA PHE A 409 9.35 20.79 9.80
C PHE A 409 9.17 19.29 10.01
N ILE A 410 10.07 18.49 9.44
CA ILE A 410 9.93 17.05 9.58
C ILE A 410 10.92 16.55 10.62
N ASN A 411 12.07 17.20 10.72
CA ASN A 411 13.10 16.77 11.64
C ASN A 411 12.93 17.43 12.99
N LEU A 412 13.44 16.75 14.01
CA LEU A 412 13.43 17.33 15.36
C LEU A 412 14.22 18.62 15.42
N GLU A 413 15.14 18.84 14.47
CA GLU A 413 16.10 19.94 14.52
C GLU A 413 16.33 20.66 13.20
N GLN A 414 15.63 20.32 12.13
CA GLN A 414 15.41 21.28 11.07
C GLN A 414 14.86 22.57 11.66
N PHE A 415 13.92 22.44 12.57
CA PHE A 415 13.46 23.55 13.39
C PHE A 415 14.61 24.18 14.19
N LEU A 416 15.48 23.35 14.76
CA LEU A 416 16.51 23.89 15.66
C LEU A 416 17.59 24.67 14.93
N GLU A 417 17.96 24.22 13.71
CA GLU A 417 19.07 24.80 12.94
C GLU A 417 18.98 26.31 12.75
N PRO A 418 17.89 26.89 12.22
CA PRO A 418 17.89 28.34 12.05
C PRO A 418 18.05 29.09 13.37
N LEU A 419 17.41 28.63 14.44
CA LEU A 419 17.56 29.29 15.72
C LEU A 419 18.99 29.19 16.24
N GLU A 420 19.64 28.03 16.02
CA GLU A 420 21.05 27.90 16.33
C GLU A 420 21.86 28.94 15.57
N LEU A 421 21.50 29.17 14.31
CA LEU A 421 22.21 30.16 13.52
C LEU A 421 22.06 31.55 14.14
N CYS A 422 20.81 31.93 14.49
CA CYS A 422 20.59 33.19 15.16
C CYS A 422 21.40 33.31 16.44
N TYR A 423 21.53 32.21 17.18
CA TYR A 423 22.28 32.26 18.45
C TYR A 423 23.77 32.46 18.18
N ARG A 424 24.35 31.69 17.25
CA ARG A 424 25.76 31.89 16.90
C ARG A 424 26.01 33.32 16.43
N SER A 425 25.13 33.86 15.60
CA SER A 425 25.27 35.23 15.13
C SER A 425 25.28 36.21 16.28
N LEU A 426 24.23 36.17 17.11
CA LEU A 426 24.13 37.11 18.22
C LEU A 426 25.33 37.04 19.14
N CYS A 427 25.83 35.84 19.40
CA CYS A 427 27.01 35.75 20.25
C CYS A 427 28.24 36.35 19.57
N SER A 428 28.43 36.10 18.26
CA SER A 428 29.60 36.63 17.58
C SER A 428 29.63 38.15 17.59
N CYS A 429 28.47 38.76 17.44
CA CYS A 429 28.38 40.20 17.33
C CYS A 429 28.27 40.89 18.68
N GLY A 430 28.61 40.18 19.76
CA GLY A 430 28.63 40.79 21.07
C GLY A 430 27.30 40.81 21.79
N ASP A 431 26.27 40.20 21.21
CA ASP A 431 24.91 40.20 21.76
C ASP A 431 24.55 38.89 22.45
N ARG A 432 25.48 38.23 23.12
CA ARG A 432 25.09 37.04 23.87
C ARG A 432 23.98 37.32 24.86
N PRO A 433 23.95 38.45 25.57
CA PRO A 433 22.77 38.72 26.40
C PRO A 433 21.46 38.71 25.64
N ILE A 434 21.41 39.29 24.45
CA ILE A 434 20.19 39.24 23.65
C ILE A 434 19.87 37.79 23.28
N ALA A 435 20.89 36.99 22.95
CA ALA A 435 20.66 35.59 22.61
C ALA A 435 20.12 34.80 23.79
N ASP A 436 20.58 35.12 25.00
CA ASP A 436 20.10 34.45 26.22
C ASP A 436 18.78 35.00 26.75
N GLY A 437 17.84 35.32 25.87
CA GLY A 437 16.51 35.73 26.31
C GLY A 437 15.43 34.91 25.62
N SER A 438 14.52 35.58 24.90
CA SER A 438 13.44 34.86 24.25
C SER A 438 13.98 33.80 23.29
N LEU A 439 15.10 34.08 22.63
CA LEU A 439 15.69 33.11 21.73
C LEU A 439 16.21 31.88 22.47
N LEU A 440 16.78 32.08 23.65
CA LEU A 440 17.27 30.92 24.40
C LEU A 440 16.11 30.11 24.98
N ASP A 441 15.09 30.78 25.52
CA ASP A 441 13.88 30.07 25.94
C ASP A 441 13.30 29.24 24.80
N PHE A 442 13.24 29.84 23.60
CA PHE A 442 12.71 29.14 22.43
C PHE A 442 13.57 27.96 22.05
N LEU A 443 14.90 28.13 22.09
CA LEU A 443 15.79 27.00 21.86
C LEU A 443 15.48 25.84 22.79
N ARG A 444 15.35 26.16 24.09
CA ARG A 444 15.08 25.12 25.07
C ARG A 444 13.71 24.48 24.86
N GLN A 445 12.71 25.29 24.57
CA GLN A 445 11.37 24.73 24.32
C GLN A 445 11.39 23.77 23.13
N VAL A 446 12.14 24.10 22.08
CA VAL A 446 12.27 23.17 20.96
C VAL A 446 13.00 21.90 21.37
N SER A 447 14.17 22.06 22.00
CA SER A 447 14.95 20.86 22.30
C SER A 447 14.37 20.06 23.44
N THR A 448 13.31 20.52 24.10
CA THR A 448 12.66 19.76 25.16
C THR A 448 11.30 19.23 24.74
N PHE A 449 10.54 19.99 23.96
CA PHE A 449 9.24 19.49 23.55
C PHE A 449 9.20 18.97 22.12
N GLY A 450 10.15 19.40 21.28
CA GLY A 450 10.24 18.94 19.89
C GLY A 450 8.97 19.17 19.08
N LEU A 451 8.86 18.40 18.00
CA LEU A 451 7.73 18.55 17.10
C LEU A 451 6.46 17.91 17.65
N SER A 452 6.60 17.08 18.68
CA SER A 452 5.51 16.38 19.36
C SER A 452 5.77 16.46 20.85
N LEU A 453 4.90 17.18 21.58
CA LEU A 453 5.19 17.57 22.96
C LEU A 453 5.87 16.51 23.82
N VAL A 454 5.43 15.26 23.67
CA VAL A 454 5.90 14.13 24.45
C VAL A 454 6.16 12.94 23.54
N ARG A 455 7.21 12.20 23.83
CA ARG A 455 7.42 10.93 23.15
C ARG A 455 6.51 9.88 23.78
N LEU A 456 5.76 9.18 22.94
CA LEU A 456 4.77 8.20 23.39
C LEU A 456 5.37 6.81 23.51
N ASP A 457 5.08 6.15 24.64
CA ASP A 457 5.40 4.74 24.86
C ASP A 457 4.23 3.84 24.52
N ILE A 458 4.55 2.66 24.04
CA ILE A 458 3.56 1.61 23.74
C ILE A 458 3.83 0.46 24.70
N ARG A 459 2.78 -0.03 25.35
CA ARG A 459 2.93 -1.16 26.26
C ARG A 459 1.95 -2.27 25.86
N GLN A 460 2.42 -3.51 25.98
CA GLN A 460 1.57 -4.65 25.64
C GLN A 460 2.09 -5.88 26.37
N GLU A 461 1.17 -6.75 26.77
CA GLU A 461 1.57 -7.96 27.49
C GLU A 461 2.20 -8.98 26.54
N SER A 462 3.23 -9.66 27.03
CA SER A 462 4.00 -10.58 26.20
C SER A 462 3.11 -11.63 25.53
N ASP A 463 2.10 -12.09 26.27
CA ASP A 463 1.25 -13.16 25.74
C ASP A 463 0.62 -12.79 24.41
N ARG A 464 0.36 -11.49 24.15
CA ARG A 464 -0.25 -11.10 22.89
C ARG A 464 0.73 -11.29 21.73
N HIS A 465 2.00 -10.96 21.96
CA HIS A 465 3.03 -11.20 20.96
C HIS A 465 3.22 -12.70 20.75
N THR A 466 3.11 -13.51 21.82
CA THR A 466 3.22 -14.95 21.67
C THR A 466 2.07 -15.52 20.86
N ASP A 467 0.86 -15.01 21.09
CA ASP A 467 -0.29 -15.36 20.25
C ASP A 467 -0.01 -15.03 18.80
N VAL A 468 0.57 -13.86 18.52
CA VAL A 468 0.88 -13.50 17.13
C VAL A 468 1.84 -14.52 16.53
N LEU A 469 2.99 -14.74 17.20
CA LEU A 469 3.97 -15.65 16.64
C LEU A 469 3.42 -17.06 16.49
N ASP A 470 2.60 -17.50 17.44
CA ASP A 470 1.96 -18.81 17.30
C ASP A 470 1.10 -18.85 16.05
N ALA A 471 0.34 -17.77 15.79
CA ALA A 471 -0.45 -17.71 14.58
C ALA A 471 0.42 -17.79 13.34
N ILE A 472 1.58 -17.15 13.37
CA ILE A 472 2.45 -17.11 12.21
C ILE A 472 3.10 -18.46 11.95
N THR A 473 3.52 -19.15 13.02
CA THR A 473 4.16 -20.45 12.82
C THR A 473 3.13 -21.50 12.44
N THR A 474 1.93 -21.42 13.03
CA THR A 474 0.89 -22.37 12.67
C THR A 474 0.46 -22.18 11.22
N HIS A 475 0.25 -20.94 10.81
CA HIS A 475 -0.12 -20.66 9.42
C HIS A 475 1.00 -21.01 8.47
N LEU A 476 2.25 -20.88 8.90
CA LEU A 476 3.39 -21.31 8.09
C LEU A 476 3.58 -22.80 8.14
N ASP A 477 2.77 -23.49 8.93
CA ASP A 477 2.84 -24.94 9.10
C ASP A 477 4.28 -25.36 9.39
N ILE A 478 4.81 -24.78 10.47
CA ILE A 478 6.15 -25.07 10.94
C ILE A 478 6.15 -25.52 12.40
N GLY A 479 4.98 -25.59 13.03
CA GLY A 479 4.83 -25.96 14.42
C GLY A 479 3.94 -24.97 15.12
N SER A 480 4.04 -24.94 16.44
CA SER A 480 3.31 -23.98 17.26
C SER A 480 4.30 -23.29 18.19
N TYR A 481 4.47 -21.99 17.99
CA TYR A 481 5.40 -21.24 18.81
C TYR A 481 5.03 -21.31 20.29
N ARG A 482 3.74 -21.42 20.63
CA ARG A 482 3.40 -21.55 22.04
C ARG A 482 4.06 -22.79 22.62
N GLU A 483 3.80 -23.96 22.00
CA GLU A 483 4.31 -25.21 22.54
C GLU A 483 5.83 -25.28 22.52
N TRP A 484 6.49 -24.47 21.68
CA TRP A 484 7.94 -24.50 21.59
C TRP A 484 8.59 -24.07 22.90
N SER A 485 9.71 -24.72 23.21
CA SER A 485 10.52 -24.35 24.36
C SER A 485 11.22 -23.02 24.11
N GLU A 486 11.83 -22.50 25.17
CA GLU A 486 12.59 -21.26 25.02
C GLU A 486 13.71 -21.43 23.99
N GLU A 487 14.56 -22.44 24.17
CA GLU A 487 15.63 -22.71 23.23
C GLU A 487 15.14 -22.69 21.78
N ARG A 488 14.09 -23.45 21.47
CA ARG A 488 13.61 -23.49 20.08
C ARG A 488 13.12 -22.13 19.62
N ARG A 489 12.36 -21.41 20.46
CA ARG A 489 11.93 -20.05 20.12
C ARG A 489 13.13 -19.16 19.79
N GLN A 490 14.20 -19.24 20.58
CA GLN A 490 15.41 -18.46 20.32
C GLN A 490 16.05 -18.84 18.99
N GLU A 491 16.17 -20.13 18.69
CA GLU A 491 16.79 -20.50 17.43
C GLU A 491 15.97 -19.97 16.25
N TRP A 492 14.66 -20.17 16.27
CA TRP A 492 13.83 -19.68 15.17
C TRP A 492 13.88 -18.17 15.07
N LEU A 493 13.65 -17.47 16.19
CA LEU A 493 13.71 -16.01 16.16
C LEU A 493 15.04 -15.52 15.62
N LEU A 494 16.16 -16.16 16.00
CA LEU A 494 17.43 -15.70 15.44
C LEU A 494 17.48 -15.94 13.94
N SER A 495 16.99 -17.09 13.48
CA SER A 495 17.05 -17.36 12.04
C SER A 495 16.21 -16.38 11.24
N GLU A 496 15.05 -15.96 11.77
CA GLU A 496 14.23 -14.99 11.05
C GLU A 496 14.78 -13.59 11.17
N LEU A 497 15.31 -13.23 12.34
CA LEU A 497 15.86 -11.89 12.50
C LEU A 497 17.06 -11.68 11.58
N SER A 498 17.89 -12.71 11.41
CA SER A 498 19.00 -12.57 10.48
C SER A 498 18.61 -12.88 9.04
N GLY A 499 17.48 -13.54 8.83
CA GLY A 499 17.02 -13.79 7.48
C GLY A 499 16.43 -12.57 6.83
N LYS A 500 16.29 -12.64 5.50
CA LYS A 500 15.86 -11.51 4.70
C LYS A 500 14.52 -11.71 4.01
N ARG A 501 13.89 -12.86 4.17
CA ARG A 501 12.61 -13.16 3.54
C ARG A 501 11.44 -12.73 4.43
N PRO A 502 10.38 -12.16 3.86
CA PRO A 502 9.22 -11.79 4.68
C PRO A 502 8.63 -12.99 5.37
N LEU A 503 7.96 -12.72 6.50
CA LEU A 503 7.35 -13.77 7.32
C LEU A 503 5.92 -14.01 6.86
N PHE A 504 4.97 -13.42 7.59
CA PHE A 504 3.57 -13.51 7.22
C PHE A 504 3.26 -12.63 6.01
N GLY A 505 2.03 -12.77 5.53
CA GLY A 505 1.56 -12.04 4.38
C GLY A 505 0.22 -11.36 4.62
N SER A 506 -0.43 -10.93 3.55
CA SER A 506 -1.74 -10.31 3.68
C SER A 506 -2.78 -11.29 4.20
N ASP A 507 -2.62 -12.58 3.89
CA ASP A 507 -3.63 -13.60 4.14
C ASP A 507 -3.41 -14.36 5.44
N LEU A 508 -2.69 -13.79 6.40
CA LEU A 508 -2.48 -14.47 7.67
C LEU A 508 -3.75 -14.39 8.51
N PRO A 509 -4.33 -15.52 8.93
CA PRO A 509 -5.54 -15.47 9.76
C PRO A 509 -5.26 -14.82 11.11
N LYS A 510 -6.01 -13.75 11.40
CA LYS A 510 -5.79 -12.95 12.61
C LYS A 510 -7.05 -12.88 13.45
N THR A 511 -6.84 -12.80 14.77
CA THR A 511 -7.90 -12.50 15.71
C THR A 511 -7.99 -10.99 15.91
N GLU A 512 -9.06 -10.53 16.55
CA GLU A 512 -9.11 -9.13 16.89
C GLU A 512 -7.94 -8.74 17.79
N GLU A 513 -7.49 -9.66 18.66
CA GLU A 513 -6.30 -9.39 19.45
C GLU A 513 -5.05 -9.31 18.56
N ILE A 514 -4.87 -10.33 17.70
CA ILE A 514 -3.71 -10.35 16.81
C ILE A 514 -3.73 -9.14 15.89
N ALA A 515 -4.90 -8.83 15.34
CA ALA A 515 -5.01 -7.64 14.49
C ALA A 515 -4.75 -6.38 15.27
N ASP A 516 -5.13 -6.34 16.54
CA ASP A 516 -4.82 -5.17 17.35
C ASP A 516 -3.31 -4.97 17.42
N VAL A 517 -2.55 -6.03 17.73
CA VAL A 517 -1.11 -5.82 17.89
C VAL A 517 -0.43 -5.51 16.55
N LEU A 518 -0.82 -6.22 15.48
CA LEU A 518 -0.24 -5.94 14.17
C LEU A 518 -0.57 -4.52 13.72
N ASP A 519 -1.80 -4.08 13.95
CA ASP A 519 -2.17 -2.73 13.56
C ASP A 519 -1.44 -1.68 14.40
N THR A 520 -1.22 -1.93 15.70
CA THR A 520 -0.42 -0.95 16.44
C THR A 520 0.98 -0.86 15.85
N PHE A 521 1.52 -1.98 15.37
CA PHE A 521 2.82 -1.86 14.71
C PHE A 521 2.69 -1.10 13.41
N HIS A 522 1.60 -1.28 12.67
CA HIS A 522 1.45 -0.52 11.43
C HIS A 522 1.29 0.96 11.72
N VAL A 523 0.54 1.33 12.76
CA VAL A 523 0.41 2.74 13.13
C VAL A 523 1.77 3.30 13.53
N ILE A 524 2.56 2.53 14.27
CA ILE A 524 3.90 2.99 14.61
C ILE A 524 4.73 3.21 13.35
N ALA A 525 4.54 2.36 12.34
CA ALA A 525 5.31 2.55 11.11
C ALA A 525 4.83 3.78 10.34
N GLU A 526 3.51 4.04 10.32
CA GLU A 526 2.97 5.15 9.53
C GLU A 526 3.31 6.50 10.16
N LEU A 527 3.53 6.55 11.47
CA LEU A 527 3.70 7.84 12.13
C LEU A 527 5.17 8.18 12.32
N PRO A 528 5.48 9.46 12.58
CA PRO A 528 6.87 9.88 12.66
C PRO A 528 7.61 9.22 13.81
N ALA A 529 8.90 8.98 13.58
CA ALA A 529 9.70 8.23 14.54
C ALA A 529 9.89 8.99 15.84
N ASP A 530 10.06 10.31 15.77
CA ASP A 530 10.26 11.07 16.99
C ASP A 530 8.96 11.30 17.75
N SER A 531 7.86 10.67 17.30
CA SER A 531 6.61 10.80 18.01
C SER A 531 6.41 9.69 19.04
N PHE A 532 7.27 8.66 19.03
CA PHE A 532 7.16 7.49 19.90
C PHE A 532 8.39 7.35 20.79
N GLY A 533 8.20 6.67 21.91
CA GLY A 533 9.30 6.44 22.82
C GLY A 533 9.77 4.99 22.82
N ALA A 534 9.29 4.22 23.80
CA ALA A 534 9.72 2.84 24.00
C ALA A 534 8.52 1.91 23.96
N TYR A 535 8.79 0.64 23.59
CA TYR A 535 7.82 -0.44 23.59
C TYR A 535 8.07 -1.34 24.80
N ILE A 536 7.16 -1.27 25.77
CA ILE A 536 7.27 -1.97 27.04
C ILE A 536 6.50 -3.29 26.98
N ILE A 537 7.17 -4.37 27.35
CA ILE A 537 6.58 -5.71 27.36
C ILE A 537 6.20 -6.05 28.79
N SER A 538 4.90 -6.17 29.02
CA SER A 538 4.37 -6.60 30.30
C SER A 538 4.48 -8.12 30.42
N MET A 539 4.72 -8.60 31.65
CA MET A 539 4.91 -10.03 31.90
C MET A 539 6.03 -10.58 31.02
N ALA A 540 7.20 -9.97 31.12
CA ALA A 540 8.35 -10.42 30.35
C ALA A 540 9.15 -11.36 31.22
N THR A 541 9.57 -12.47 30.64
CA THR A 541 10.22 -13.55 31.38
C THR A 541 11.46 -14.12 30.70
N ALA A 542 11.58 -14.03 29.38
CA ALA A 542 12.64 -14.65 28.61
C ALA A 542 13.15 -13.70 27.54
N PRO A 543 14.34 -13.94 26.99
CA PRO A 543 14.76 -13.19 25.80
C PRO A 543 13.84 -13.37 24.61
N SER A 544 13.16 -14.51 24.50
CA SER A 544 12.26 -14.67 23.37
C SER A 544 11.17 -13.60 23.37
N ASP A 545 10.79 -13.09 24.54
CA ASP A 545 9.71 -12.11 24.57
C ASP A 545 10.13 -10.79 23.93
N VAL A 546 11.37 -10.36 24.19
CA VAL A 546 11.87 -9.13 23.57
C VAL A 546 12.16 -9.34 22.09
N LEU A 547 12.91 -10.41 21.75
CA LEU A 547 13.23 -10.68 20.35
C LEU A 547 11.97 -10.87 19.51
N ALA A 548 10.89 -11.36 20.11
CA ALA A 548 9.62 -11.42 19.40
C ALA A 548 9.16 -10.03 18.99
N VAL A 549 9.37 -9.04 19.86
CA VAL A 549 8.93 -7.69 19.53
C VAL A 549 9.86 -7.07 18.50
N GLU A 550 11.16 -7.32 18.62
CA GLU A 550 12.05 -6.83 17.57
C GLU A 550 11.65 -7.42 16.23
N LEU A 551 11.27 -8.70 16.20
CA LEU A 551 10.88 -9.31 14.94
C LEU A 551 9.55 -8.76 14.44
N LEU A 552 8.54 -8.64 15.30
CA LEU A 552 7.27 -8.06 14.86
C LEU A 552 7.42 -6.64 14.37
N GLN A 553 8.31 -5.85 14.98
CA GLN A 553 8.58 -4.50 14.48
C GLN A 553 9.20 -4.57 13.10
N ARG A 554 10.29 -5.31 12.97
CA ARG A 554 10.96 -5.41 11.69
C ARG A 554 10.00 -5.92 10.62
N GLU A 555 9.11 -6.84 11.00
CA GLU A 555 8.26 -7.49 10.03
C GLU A 555 7.05 -6.65 9.65
N CYS A 556 6.60 -5.77 10.54
CA CYS A 556 5.54 -4.82 10.23
C CYS A 556 6.07 -3.55 9.56
N ARG A 557 7.28 -3.61 9.00
CA ARG A 557 7.85 -2.52 8.24
C ARG A 557 7.89 -1.24 9.06
N VAL A 558 8.35 -1.36 10.29
CA VAL A 558 8.60 -0.20 11.12
C VAL A 558 9.99 0.33 10.78
N LYS A 559 10.01 1.46 10.08
CA LYS A 559 11.25 2.04 9.56
C LYS A 559 12.31 2.21 10.65
N GLN A 560 12.02 3.00 11.68
CA GLN A 560 12.90 3.20 12.83
C GLN A 560 12.28 2.49 14.01
N PRO A 561 12.66 1.24 14.28
CA PRO A 561 11.98 0.45 15.33
C PRO A 561 12.29 0.99 16.71
N LEU A 562 11.27 1.09 17.55
CA LEU A 562 11.46 1.64 18.90
C LEU A 562 12.08 0.60 19.83
N ARG A 563 12.77 1.12 20.85
CA ARG A 563 13.49 0.25 21.77
C ARG A 563 12.53 -0.59 22.57
N VAL A 564 12.94 -1.83 22.86
CA VAL A 564 12.10 -2.75 23.63
C VAL A 564 12.58 -2.73 25.07
N VAL A 565 11.64 -2.78 25.99
CA VAL A 565 11.94 -2.67 27.42
C VAL A 565 11.04 -3.63 28.21
N PRO A 566 11.63 -4.51 29.01
CA PRO A 566 10.84 -5.45 29.81
C PRO A 566 10.35 -4.81 31.09
N LEU A 567 9.19 -5.25 31.54
CA LEU A 567 8.56 -4.71 32.74
C LEU A 567 8.49 -5.80 33.79
N PHE A 568 9.29 -5.65 34.83
CA PHE A 568 9.30 -6.55 35.97
C PHE A 568 8.54 -5.90 37.12
N GLU A 569 7.34 -6.38 37.40
CA GLU A 569 6.54 -5.77 38.45
C GLU A 569 6.19 -6.71 39.59
N LYS A 570 5.87 -7.97 39.31
CA LYS A 570 5.53 -8.89 40.37
C LYS A 570 6.79 -9.39 41.06
N LEU A 571 6.64 -9.70 42.36
CA LEU A 571 7.81 -10.06 43.18
C LEU A 571 8.59 -11.22 42.56
N ALA A 572 7.89 -12.21 42.02
CA ALA A 572 8.57 -13.29 41.34
C ALA A 572 9.45 -12.77 40.21
N ASP A 573 8.93 -11.83 39.42
CA ASP A 573 9.66 -11.34 38.26
C ASP A 573 10.80 -10.42 38.66
N LEU A 574 10.63 -9.60 39.70
CA LEU A 574 11.75 -8.80 40.16
C LEU A 574 12.87 -9.69 40.66
N GLU A 575 12.51 -10.80 41.30
CA GLU A 575 13.51 -11.73 41.78
C GLU A 575 14.31 -12.31 40.63
N ALA A 576 13.63 -12.59 39.51
CA ALA A 576 14.27 -13.27 38.40
C ALA A 576 14.65 -12.32 37.28
N ALA A 577 14.50 -11.02 37.49
CA ALA A 577 14.84 -10.07 36.43
C ALA A 577 16.32 -10.12 36.06
N PRO A 578 17.27 -10.07 37.00
CA PRO A 578 18.67 -10.02 36.56
C PRO A 578 19.06 -11.19 35.68
N ALA A 579 18.63 -12.41 36.05
CA ALA A 579 18.94 -13.58 35.25
C ALA A 579 18.40 -13.45 33.83
N ALA A 580 17.16 -12.98 33.70
CA ALA A 580 16.55 -12.90 32.38
C ALA A 580 17.25 -11.86 31.53
N VAL A 581 17.55 -10.71 32.14
CA VAL A 581 18.22 -9.64 31.42
C VAL A 581 19.61 -10.08 30.99
N ALA A 582 20.33 -10.79 31.87
CA ALA A 582 21.63 -11.31 31.47
C ALA A 582 21.49 -12.32 30.35
N ARG A 583 20.47 -13.18 30.42
CA ARG A 583 20.27 -14.14 29.35
C ARG A 583 20.01 -13.43 28.02
N LEU A 584 19.32 -12.28 28.06
CA LEU A 584 19.09 -11.51 26.84
C LEU A 584 20.38 -10.91 26.31
N PHE A 585 21.18 -10.28 27.18
CA PHE A 585 22.47 -9.72 26.76
C PHE A 585 23.40 -10.81 26.23
N SER A 586 23.13 -12.07 26.58
CA SER A 586 23.95 -13.15 26.07
C SER A 586 23.80 -13.31 24.58
N VAL A 587 22.63 -12.98 24.04
CA VAL A 587 22.43 -13.10 22.60
C VAL A 587 23.24 -12.01 21.92
N ASP A 588 24.33 -12.40 21.25
CA ASP A 588 25.19 -11.38 20.69
C ASP A 588 24.45 -10.55 19.65
N TRP A 589 23.58 -11.20 18.87
CA TRP A 589 22.83 -10.48 17.86
C TRP A 589 22.04 -9.33 18.47
N TYR A 590 21.47 -9.55 19.65
CA TYR A 590 20.71 -8.48 20.27
C TYR A 590 21.61 -7.46 20.97
N LYS A 591 22.68 -7.91 21.60
CA LYS A 591 23.53 -6.93 22.27
C LYS A 591 24.23 -6.02 21.28
N ASN A 592 24.45 -6.50 20.04
CA ASN A 592 25.12 -5.67 19.05
C ASN A 592 24.16 -4.64 18.43
N ARG A 593 22.88 -4.95 18.37
CA ARG A 593 21.90 -4.00 17.88
C ARG A 593 21.39 -3.08 18.97
N ILE A 594 21.61 -3.43 20.25
CA ILE A 594 21.11 -2.59 21.33
C ILE A 594 21.95 -1.30 21.48
N ASN A 595 23.15 -1.27 20.92
CA ASN A 595 23.92 -0.02 20.87
C ASN A 595 24.28 0.46 22.28
N GLY A 596 24.75 -0.47 23.12
CA GLY A 596 25.20 -0.14 24.45
C GLY A 596 24.18 0.41 25.42
N LYS A 597 22.90 0.52 25.01
CA LYS A 597 21.88 1.09 25.89
C LYS A 597 20.68 0.17 25.96
N GLN A 598 20.22 -0.10 27.18
CA GLN A 598 19.06 -0.95 27.41
C GLN A 598 18.29 -0.34 28.57
N GLU A 599 16.97 -0.25 28.40
CA GLU A 599 16.11 0.30 29.42
C GLU A 599 15.17 -0.80 29.85
N VAL A 600 15.02 -0.96 31.16
CA VAL A 600 14.16 -1.98 31.71
C VAL A 600 13.33 -1.32 32.80
N MET A 601 12.02 -1.58 32.78
CA MET A 601 11.09 -0.95 33.71
C MET A 601 10.95 -1.79 34.97
N ILE A 602 10.74 -1.10 36.09
CA ILE A 602 10.64 -1.74 37.41
C ILE A 602 9.35 -1.26 38.06
N GLY A 603 8.32 -2.11 38.05
CA GLY A 603 7.05 -1.72 38.65
C GLY A 603 7.06 -1.82 40.17
N TYR A 604 6.24 -0.96 40.79
CA TYR A 604 6.17 -0.87 42.25
C TYR A 604 4.82 -1.24 42.83
N SER A 605 3.77 -1.28 42.01
CA SER A 605 2.42 -1.46 42.53
C SER A 605 2.19 -2.88 43.03
N ASP A 606 2.42 -3.89 42.19
CA ASP A 606 2.01 -5.25 42.50
C ASP A 606 2.95 -5.99 43.46
N SER A 607 4.21 -5.57 43.62
CA SER A 607 5.15 -6.32 44.45
C SER A 607 4.68 -6.38 45.89
N GLY A 608 4.32 -5.24 46.46
CA GLY A 608 3.84 -5.15 47.82
C GLY A 608 2.40 -5.57 48.03
N LYS A 609 1.79 -6.19 47.02
CA LYS A 609 0.43 -6.70 47.11
C LYS A 609 0.41 -8.20 47.35
N ASP A 610 1.23 -8.95 46.61
CA ASP A 610 1.31 -10.39 46.82
C ASP A 610 2.28 -10.79 47.93
N ALA A 611 3.30 -9.98 48.20
CA ALA A 611 4.23 -10.17 49.32
C ALA A 611 4.11 -9.00 50.28
N GLY A 612 4.97 -8.95 51.30
CA GLY A 612 4.95 -7.83 52.22
C GLY A 612 5.35 -6.53 51.53
N ARG A 613 5.10 -5.39 52.20
CA ARG A 613 5.61 -4.14 51.65
CA ARG A 613 5.60 -4.12 51.69
C ARG A 613 7.10 -4.00 51.92
N LEU A 614 7.57 -4.36 53.12
CA LEU A 614 9.00 -4.36 53.40
C LEU A 614 9.73 -5.30 52.47
N SER A 615 9.24 -6.54 52.36
CA SER A 615 9.86 -7.50 51.46
C SER A 615 9.90 -6.98 50.03
N ALA A 616 8.82 -6.34 49.59
CA ALA A 616 8.77 -5.85 48.22
C ALA A 616 9.78 -4.74 48.01
N ALA A 617 9.81 -3.75 48.90
CA ALA A 617 10.79 -2.67 48.79
C ALA A 617 12.21 -3.23 48.74
N TRP A 618 12.54 -4.09 49.70
CA TRP A 618 13.87 -4.67 49.76
C TRP A 618 14.20 -5.45 48.51
N GLN A 619 13.25 -6.24 48.01
CA GLN A 619 13.49 -6.97 46.77
C GLN A 619 13.71 -6.03 45.60
N LEU A 620 12.99 -4.90 45.58
CA LEU A 620 13.21 -3.91 44.53
C LEU A 620 14.65 -3.41 44.60
N TYR A 621 15.10 -3.06 45.81
CA TYR A 621 16.47 -2.58 45.97
C TYR A 621 17.48 -3.58 45.43
N LYS A 622 17.37 -4.84 45.87
CA LYS A 622 18.29 -5.86 45.37
C LYS A 622 18.19 -6.01 43.85
N ALA A 623 16.97 -5.95 43.31
CA ALA A 623 16.78 -6.11 41.87
C ALA A 623 17.55 -5.03 41.10
N GLN A 624 17.29 -3.76 41.43
CA GLN A 624 18.05 -2.65 40.85
C GLN A 624 19.55 -2.92 40.92
N GLU A 625 20.00 -3.38 42.08
CA GLU A 625 21.42 -3.55 42.31
C GLU A 625 22.02 -4.60 41.37
N GLU A 626 21.36 -5.75 41.21
CA GLU A 626 21.93 -6.79 40.37
C GLU A 626 21.65 -6.58 38.88
N LEU A 627 20.61 -5.85 38.51
CA LEU A 627 20.47 -5.45 37.11
C LEU A 627 21.62 -4.55 36.69
N VAL A 628 21.97 -3.59 37.56
CA VAL A 628 23.14 -2.78 37.30
C VAL A 628 24.40 -3.64 37.20
N LYS A 629 24.57 -4.61 38.13
CA LYS A 629 25.73 -5.49 38.05
C LYS A 629 25.79 -6.22 36.70
N VAL A 630 24.65 -6.73 36.23
CA VAL A 630 24.62 -7.44 34.95
C VAL A 630 25.02 -6.51 33.81
N ALA A 631 24.42 -5.33 33.77
CA ALA A 631 24.72 -4.41 32.68
C ALA A 631 26.19 -4.05 32.68
N LYS A 632 26.72 -3.73 33.87
CA LYS A 632 28.15 -3.46 33.97
C LYS A 632 28.95 -4.64 33.44
N GLU A 633 28.49 -5.86 33.70
CA GLU A 633 29.20 -7.02 33.21
C GLU A 633 29.17 -7.12 31.70
N TYR A 634 28.16 -6.54 31.04
CA TYR A 634 28.12 -6.57 29.59
C TYR A 634 28.49 -5.24 28.94
N GLY A 635 28.95 -4.26 29.71
CA GLY A 635 29.27 -2.98 29.12
C GLY A 635 28.07 -2.31 28.48
N VAL A 636 26.92 -2.37 29.14
CA VAL A 636 25.68 -1.77 28.67
C VAL A 636 25.27 -0.66 29.64
N LYS A 637 24.92 0.51 29.10
CA LYS A 637 24.38 1.59 29.93
C LYS A 637 22.92 1.28 30.23
N LEU A 638 22.67 0.84 31.45
CA LEU A 638 21.32 0.51 31.88
C LEU A 638 20.70 1.75 32.51
N THR A 639 19.55 2.15 31.99
CA THR A 639 18.73 3.18 32.62
C THR A 639 17.40 2.52 33.00
N MET A 640 17.03 2.63 34.27
CA MET A 640 15.86 1.93 34.77
C MET A 640 14.67 2.87 34.89
N PHE A 641 13.51 2.35 34.53
CA PHE A 641 12.26 3.09 34.43
C PHE A 641 11.39 2.67 35.63
N HIS A 642 11.29 3.56 36.61
CA HIS A 642 10.68 3.23 37.91
C HIS A 642 9.19 3.47 37.84
N GLY A 643 8.41 2.39 37.88
CA GLY A 643 6.98 2.54 37.81
C GLY A 643 6.35 2.88 39.14
N ARG A 644 6.75 4.03 39.71
CA ARG A 644 6.30 4.44 41.03
C ARG A 644 4.90 5.07 40.98
N GLY A 645 4.15 4.89 42.07
CA GLY A 645 2.84 5.49 42.23
C GLY A 645 2.89 6.78 43.01
N GLY A 646 1.70 7.27 43.35
CA GLY A 646 1.59 8.48 44.16
C GLY A 646 1.53 8.16 45.63
N THR A 647 0.85 7.07 45.96
CA THR A 647 0.71 6.58 47.33
C THR A 647 1.91 5.73 47.72
N VAL A 648 2.27 5.79 49.01
CA VAL A 648 3.41 4.99 49.49
C VAL A 648 3.21 3.51 49.22
N GLY A 649 1.96 3.04 49.21
CA GLY A 649 1.68 1.64 48.97
C GLY A 649 2.06 1.15 47.59
N ARG A 650 2.02 2.04 46.59
CA ARG A 650 2.49 1.73 45.23
C ARG A 650 3.85 2.38 44.93
N GLY A 651 4.66 2.59 45.94
CA GLY A 651 5.97 3.16 45.70
C GLY A 651 6.01 4.67 45.60
N GLY A 652 5.00 5.36 46.14
CA GLY A 652 5.00 6.80 46.16
C GLY A 652 5.81 7.35 47.32
N GLY A 653 5.54 8.60 47.67
CA GLY A 653 6.25 9.30 48.69
C GLY A 653 6.96 10.50 48.10
N PRO A 654 7.61 11.31 48.94
CA PRO A 654 8.42 12.42 48.42
C PRO A 654 9.46 11.94 47.41
N THR A 655 9.58 12.67 46.30
CA THR A 655 10.42 12.22 45.18
C THR A 655 11.90 12.17 45.56
N HIS A 656 12.40 13.17 46.27
CA HIS A 656 13.80 13.13 46.66
C HIS A 656 14.07 11.98 47.61
N LEU A 657 13.11 11.63 48.45
CA LEU A 657 13.27 10.49 49.34
C LEU A 657 13.28 9.19 48.56
N ALA A 658 12.44 9.08 47.54
CA ALA A 658 12.42 7.87 46.74
C ALA A 658 13.73 7.71 45.98
N ILE A 659 14.29 8.81 45.49
CA ILE A 659 15.56 8.69 44.78
C ILE A 659 16.68 8.38 45.76
N LEU A 660 16.63 8.95 46.97
CA LEU A 660 17.63 8.63 48.00
C LEU A 660 17.59 7.16 48.39
N SER A 661 16.41 6.56 48.39
CA SER A 661 16.33 5.14 48.71
C SER A 661 16.69 4.27 47.53
N GLN A 662 17.30 4.80 46.52
CA GLN A 662 17.76 3.87 45.49
C GLN A 662 19.20 3.47 45.74
N PRO A 663 19.56 2.25 45.35
CA PRO A 663 20.93 1.80 45.58
C PRO A 663 21.91 2.67 44.83
N PRO A 664 23.10 2.88 45.38
CA PRO A 664 24.06 3.79 44.76
C PRO A 664 24.59 3.24 43.46
N ASP A 665 24.96 4.18 42.58
CA ASP A 665 25.55 3.89 41.28
C ASP A 665 24.63 3.05 40.41
N THR A 666 23.33 3.38 40.44
CA THR A 666 22.35 2.77 39.57
C THR A 666 21.64 3.77 38.67
N ILE A 667 21.83 5.07 38.86
CA ILE A 667 21.15 6.06 38.02
C ILE A 667 22.12 6.63 37.00
N ASN A 668 23.18 7.27 37.49
CA ASN A 668 24.24 7.76 36.64
C ASN A 668 23.65 8.68 35.56
N GLY A 669 23.03 9.76 36.02
CA GLY A 669 22.53 10.81 35.15
C GLY A 669 21.50 10.37 34.15
N SER A 670 20.74 9.33 34.45
CA SER A 670 19.68 8.91 33.54
C SER A 670 18.63 8.23 34.41
N LEU A 671 17.49 8.89 34.57
CA LEU A 671 16.42 8.45 35.44
C LEU A 671 15.11 8.56 34.68
N ARG A 672 14.23 7.61 34.92
CA ARG A 672 12.94 7.60 34.25
C ARG A 672 11.90 7.17 35.27
N VAL A 673 10.92 8.03 35.50
CA VAL A 673 9.96 7.88 36.57
C VAL A 673 8.58 8.13 36.01
N THR A 674 7.62 7.30 36.41
CA THR A 674 6.25 7.60 36.03
C THR A 674 5.69 8.70 36.90
N VAL A 675 4.71 9.42 36.37
CA VAL A 675 3.91 10.38 37.12
C VAL A 675 2.46 9.93 36.97
N GLN A 676 1.94 9.29 38.02
CA GLN A 676 0.63 8.64 38.01
C GLN A 676 -0.51 9.65 38.06
N GLY A 677 -1.39 9.57 37.06
CA GLY A 677 -2.58 10.41 36.94
C GLY A 677 -2.74 11.58 37.89
N GLU A 678 -3.06 11.27 39.14
CA GLU A 678 -3.34 12.30 40.14
C GLU A 678 -2.08 13.09 40.51
N VAL A 679 -0.91 12.46 40.41
CA VAL A 679 0.34 13.16 40.69
C VAL A 679 0.66 14.22 39.64
N ILE A 680 0.15 14.07 38.42
CA ILE A 680 0.34 15.12 37.42
C ILE A 680 -0.24 16.42 37.93
N GLU A 681 -1.51 16.40 38.36
CA GLU A 681 -2.11 17.59 38.94
C GLU A 681 -1.35 18.02 40.18
N GLN A 682 -0.94 17.05 40.99
CA GLN A 682 -0.29 17.38 42.24
C GLN A 682 1.00 18.17 42.01
N SER A 683 1.69 17.92 40.90
CA SER A 683 3.02 18.47 40.68
C SER A 683 3.15 19.32 39.42
N PHE A 684 2.04 19.70 38.77
CA PHE A 684 2.15 20.60 37.62
C PHE A 684 0.93 21.51 37.47
N SER A 685 0.12 21.70 38.50
CA SER A 685 -1.06 22.53 38.38
C SER A 685 -0.79 24.01 38.61
N GLU A 686 0.39 24.36 39.13
CA GLU A 686 0.77 25.74 39.39
C GLU A 686 2.21 25.95 38.95
N GLU A 687 2.56 27.22 38.71
CA GLU A 687 3.94 27.55 38.40
C GLU A 687 4.88 27.10 39.51
N HIS A 688 4.56 27.47 40.75
CA HIS A 688 5.44 27.11 41.86
C HIS A 688 5.56 25.61 41.97
N LEU A 689 4.44 24.89 41.83
CA LEU A 689 4.50 23.43 41.95
C LEU A 689 5.37 22.86 40.86
N CYS A 690 5.13 23.25 39.61
CA CYS A 690 5.94 22.72 38.52
C CYS A 690 7.42 22.98 38.74
N PHE A 691 7.76 24.19 39.18
CA PHE A 691 9.16 24.45 39.43
C PHE A 691 9.70 23.58 40.55
N ARG A 692 9.00 23.54 41.69
CA ARG A 692 9.51 22.74 42.79
C ARG A 692 9.67 21.28 42.38
N THR A 693 8.82 20.80 41.45
CA THR A 693 8.93 19.44 40.93
C THR A 693 10.22 19.23 40.16
N LEU A 694 10.40 19.99 39.07
CA LEU A 694 11.62 19.81 38.29
C LEU A 694 12.85 20.01 39.17
N GLN A 695 12.75 20.97 40.11
CA GLN A 695 13.75 21.20 41.14
C GLN A 695 14.08 19.92 41.89
N ARG A 696 13.06 19.31 42.49
CA ARG A 696 13.26 18.14 43.35
C ARG A 696 13.91 17.02 42.56
N PHE A 697 13.39 16.75 41.37
CA PHE A 697 13.94 15.66 40.56
C PHE A 697 15.40 15.92 40.21
N THR A 698 15.71 17.08 39.60
CA THR A 698 17.07 17.25 39.11
C THR A 698 18.06 17.39 40.25
N ALA A 699 17.67 18.09 41.32
CA ALA A 699 18.56 18.20 42.46
C ALA A 699 18.79 16.83 43.09
N ALA A 700 17.73 16.04 43.27
CA ALA A 700 17.89 14.72 43.86
C ALA A 700 18.77 13.83 43.01
N THR A 701 18.56 13.84 41.69
CA THR A 701 19.37 12.98 40.84
C THR A 701 20.83 13.41 40.90
N LEU A 702 21.09 14.72 40.85
CA LEU A 702 22.45 15.21 40.89
C LEU A 702 23.15 14.80 42.19
N GLU A 703 22.47 14.94 43.32
CA GLU A 703 23.04 14.51 44.59
C GLU A 703 23.29 13.01 44.61
N HIS A 704 22.30 12.23 44.16
CA HIS A 704 22.46 10.80 44.11
C HIS A 704 23.62 10.38 43.22
N GLY A 705 24.08 11.27 42.36
CA GLY A 705 25.24 10.95 41.57
C GLY A 705 26.52 11.32 42.30
N MET A 706 26.58 12.52 42.84
CA MET A 706 27.82 12.96 43.45
C MET A 706 27.91 12.61 44.93
N ARG A 707 26.77 12.51 45.61
CA ARG A 707 26.74 12.07 47.01
C ARG A 707 26.12 10.68 47.01
N PRO A 708 26.91 9.63 46.80
CA PRO A 708 26.33 8.30 46.73
C PRO A 708 25.80 7.92 48.10
N PRO A 709 24.65 7.27 48.16
CA PRO A 709 24.18 6.74 49.45
C PRO A 709 25.11 5.64 49.93
N ILE A 710 25.15 5.47 51.26
CA ILE A 710 26.03 4.48 51.83
C ILE A 710 25.62 3.09 51.35
N SER A 711 26.60 2.24 51.08
CA SER A 711 26.17 0.91 50.68
C SER A 711 26.01 0.02 51.91
N PRO A 712 25.02 -0.87 51.96
CA PRO A 712 24.71 -1.57 53.22
C PRO A 712 25.82 -2.50 53.68
N LYS A 713 26.03 -2.54 55.00
CA LYS A 713 26.90 -3.52 55.60
C LYS A 713 26.32 -4.91 55.37
N PRO A 714 27.18 -5.93 55.26
CA PRO A 714 26.66 -7.30 55.01
C PRO A 714 25.74 -7.82 56.09
N GLU A 715 25.98 -7.44 57.35
CA GLU A 715 25.07 -7.77 58.44
C GLU A 715 23.67 -7.24 58.17
N TRP A 716 23.57 -6.04 57.59
CA TRP A 716 22.29 -5.46 57.24
C TRP A 716 21.61 -6.22 56.12
N ARG A 717 22.39 -6.78 55.20
CA ARG A 717 21.83 -7.64 54.16
C ARG A 717 21.22 -8.90 54.75
N ALA A 718 22.00 -9.67 55.52
CA ALA A 718 21.44 -10.86 56.14
C ALA A 718 20.24 -10.50 57.01
N LEU A 719 20.36 -9.41 57.77
CA LEU A 719 19.29 -8.95 58.65
C LEU A 719 18.01 -8.68 57.87
N LEU A 720 18.13 -7.98 56.73
CA LEU A 720 16.95 -7.72 55.93
C LEU A 720 16.45 -8.96 55.20
N ASP A 721 17.32 -9.92 54.92
CA ASP A 721 16.85 -11.15 54.30
C ASP A 721 15.91 -11.90 55.25
N GLU A 722 16.41 -12.21 56.46
CA GLU A 722 15.54 -12.82 57.46
C GLU A 722 14.28 -11.98 57.69
N MET A 723 14.49 -10.67 57.90
CA MET A 723 13.39 -9.76 58.21
C MET A 723 12.33 -9.78 57.13
N ALA A 724 12.74 -9.92 55.86
CA ALA A 724 11.79 -10.00 54.76
C ALA A 724 11.07 -11.33 54.76
N VAL A 725 11.76 -12.42 55.07
CA VAL A 725 11.07 -13.72 55.17
C VAL A 725 9.98 -13.64 56.22
N VAL A 726 10.32 -13.12 57.40
CA VAL A 726 9.36 -12.98 58.49
C VAL A 726 8.19 -12.10 58.06
N ALA A 727 8.51 -11.02 57.35
CA ALA A 727 7.47 -10.10 56.90
C ALA A 727 6.53 -10.75 55.90
N THR A 728 7.06 -11.46 54.91
CA THR A 728 6.18 -12.05 53.93
C THR A 728 5.29 -13.09 54.56
N GLU A 729 5.85 -13.94 55.44
CA GLU A 729 5.02 -14.91 56.13
C GLU A 729 3.93 -14.22 56.93
N GLU A 730 4.28 -13.15 57.65
CA GLU A 730 3.29 -12.42 58.42
C GLU A 730 2.23 -11.79 57.54
N TYR A 731 2.60 -11.32 56.35
CA TYR A 731 1.66 -10.64 55.45
C TYR A 731 0.68 -11.62 54.83
N ARG A 732 1.21 -12.63 54.12
CA ARG A 732 0.33 -13.60 53.50
C ARG A 732 -0.46 -14.39 54.54
N SER A 733 0.02 -14.43 55.78
CA SER A 733 -0.75 -15.08 56.83
C SER A 733 -2.13 -14.48 56.94
N VAL A 734 -2.22 -13.14 56.92
CA VAL A 734 -3.51 -12.50 57.12
C VAL A 734 -4.20 -12.14 55.81
N VAL A 735 -3.49 -12.01 54.70
CA VAL A 735 -4.18 -11.65 53.46
C VAL A 735 -4.42 -12.84 52.52
N PHE A 736 -3.74 -13.96 52.72
CA PHE A 736 -3.94 -15.10 51.82
C PHE A 736 -4.23 -16.41 52.55
N GLN A 737 -3.61 -16.64 53.70
CA GLN A 737 -3.88 -17.86 54.45
C GLN A 737 -5.25 -17.80 55.10
N GLU A 738 -5.58 -16.65 55.70
CA GLU A 738 -6.89 -16.44 56.31
C GLU A 738 -7.99 -16.63 55.27
N PRO A 739 -8.86 -17.63 55.43
CA PRO A 739 -9.86 -17.93 54.39
C PRO A 739 -10.99 -16.93 54.34
N ARG A 740 -11.29 -16.30 55.47
CA ARG A 740 -12.32 -15.28 55.52
C ARG A 740 -11.82 -13.88 55.22
N PHE A 741 -10.55 -13.70 54.87
CA PHE A 741 -10.01 -12.35 54.73
C PHE A 741 -10.68 -11.58 53.61
N VAL A 742 -10.80 -12.20 52.43
CA VAL A 742 -11.39 -11.51 51.29
C VAL A 742 -12.82 -11.09 51.59
N GLU A 743 -13.57 -11.92 52.31
CA GLU A 743 -14.91 -11.55 52.75
C GLU A 743 -14.87 -10.30 53.62
N TYR A 744 -14.05 -10.35 54.68
CA TYR A 744 -13.95 -9.23 55.59
C TYR A 744 -13.52 -7.97 54.88
N PHE A 745 -12.67 -8.13 53.86
CA PHE A 745 -12.20 -7.00 53.07
C PHE A 745 -13.32 -6.41 52.24
N ARG A 746 -14.00 -7.25 51.44
CA ARG A 746 -15.11 -6.77 50.63
C ARG A 746 -16.24 -6.22 51.48
N LEU A 747 -16.16 -6.35 52.79
CA LEU A 747 -17.21 -5.77 53.62
C LEU A 747 -16.76 -4.56 54.41
N ALA A 748 -15.54 -4.56 54.91
CA ALA A 748 -15.07 -3.54 55.85
C ALA A 748 -14.50 -2.28 55.20
N THR A 749 -14.27 -2.28 53.89
CA THR A 749 -13.73 -1.17 53.14
C THR A 749 -14.64 -0.88 51.95
N PRO A 750 -14.57 0.32 51.40
CA PRO A 750 -15.39 0.62 50.21
C PRO A 750 -14.77 0.17 48.90
N GLU A 751 -14.00 -0.92 48.93
CA GLU A 751 -13.23 -1.32 47.75
C GLU A 751 -14.13 -1.48 46.53
N LEU A 752 -15.20 -2.26 46.64
CA LEU A 752 -16.02 -2.60 45.48
C LEU A 752 -16.60 -1.38 44.80
N GLU A 753 -16.81 -0.30 45.56
CA GLU A 753 -17.49 0.86 45.00
C GLU A 753 -16.57 1.77 44.19
N TYR A 754 -15.28 1.43 44.11
CA TYR A 754 -14.33 2.30 43.44
C TYR A 754 -14.77 2.61 42.01
N GLY A 755 -15.14 1.59 41.25
CA GLY A 755 -15.48 1.81 39.85
C GLY A 755 -16.56 2.84 39.62
N ARG A 756 -17.34 3.18 40.67
CA ARG A 756 -18.44 4.12 40.46
C ARG A 756 -17.94 5.53 40.14
N MET A 757 -16.66 5.80 40.39
CA MET A 757 -16.13 7.14 40.13
C MET A 757 -15.87 7.40 38.64
N ASN A 758 -15.80 6.35 37.83
CA ASN A 758 -15.61 6.45 36.39
C ASN A 758 -14.33 7.22 36.05
N ILE A 759 -13.26 6.92 36.76
CA ILE A 759 -12.03 7.69 36.64
C ILE A 759 -11.29 7.35 35.36
N GLY A 760 -11.08 6.07 35.08
CA GLY A 760 -10.29 5.66 33.93
C GLY A 760 -11.14 5.24 32.74
N SER A 761 -10.44 4.89 31.67
CA SER A 761 -11.06 4.38 30.45
C SER A 761 -10.95 2.87 30.35
N ARG A 762 -10.51 2.20 31.41
CA ARG A 762 -10.36 0.75 31.45
C ARG A 762 -11.67 0.11 31.86
N PRO A 763 -12.30 -0.71 31.02
CA PRO A 763 -13.58 -1.32 31.37
C PRO A 763 -13.49 -2.27 32.57
N PRO A 768 -14.79 -7.56 37.29
CA PRO A 768 -14.09 -8.76 37.76
C PRO A 768 -14.57 -9.24 39.14
N SER A 769 -14.05 -10.38 39.58
CA SER A 769 -14.38 -10.93 40.89
C SER A 769 -13.15 -11.59 41.49
N GLY A 770 -13.12 -12.93 41.50
CA GLY A 770 -11.96 -13.71 41.92
C GLY A 770 -11.45 -13.42 43.33
N GLY A 771 -10.12 -13.47 43.47
CA GLY A 771 -9.44 -13.30 44.73
C GLY A 771 -8.66 -11.99 44.80
N ILE A 772 -7.99 -11.79 45.94
CA ILE A 772 -7.19 -10.57 46.10
C ILE A 772 -5.93 -10.64 45.25
N GLU A 773 -5.39 -11.83 45.04
CA GLU A 773 -4.31 -11.99 44.09
C GLU A 773 -4.69 -11.45 42.71
N SER A 774 -5.99 -11.45 42.40
CA SER A 774 -6.47 -11.16 41.06
C SER A 774 -7.10 -9.78 40.91
N LEU A 775 -6.85 -8.85 41.84
CA LEU A 775 -7.35 -7.48 41.66
C LEU A 775 -6.20 -6.53 41.36
N ARG A 776 -6.56 -5.37 40.84
CA ARG A 776 -5.59 -4.32 40.59
C ARG A 776 -5.14 -3.69 41.91
N ALA A 777 -3.87 -3.28 41.95
CA ALA A 777 -3.31 -2.72 43.18
C ALA A 777 -3.90 -1.36 43.53
N ILE A 778 -4.44 -0.64 42.55
CA ILE A 778 -4.91 0.72 42.80
C ILE A 778 -6.08 0.67 43.79
N PRO A 779 -7.17 -0.05 43.53
CA PRO A 779 -8.23 -0.10 44.53
C PRO A 779 -7.83 -0.85 45.78
N TRP A 780 -6.76 -1.65 45.72
CA TRP A 780 -6.27 -2.29 46.93
C TRP A 780 -5.74 -1.25 47.90
N ILE A 781 -4.86 -0.36 47.44
CA ILE A 781 -4.39 0.67 48.36
C ILE A 781 -5.52 1.66 48.65
N PHE A 782 -6.40 1.87 47.68
CA PHE A 782 -7.54 2.76 47.86
C PHE A 782 -8.41 2.32 49.02
N ALA A 783 -8.74 1.03 49.08
CA ALA A 783 -9.68 0.55 50.09
C ALA A 783 -9.16 0.82 51.48
N TRP A 784 -7.92 0.43 51.75
CA TRP A 784 -7.40 0.65 53.09
C TRP A 784 -7.04 2.10 53.35
N THR A 785 -6.98 2.93 52.30
CA THR A 785 -6.75 4.35 52.54
C THR A 785 -8.04 5.07 52.92
N GLN A 786 -9.14 4.76 52.22
CA GLN A 786 -10.43 5.35 52.55
C GLN A 786 -10.75 5.15 54.02
N THR A 787 -10.64 3.91 54.47
CA THR A 787 -10.88 3.53 55.84
C THR A 787 -9.78 4.03 56.78
N ARG A 788 -8.76 4.69 56.23
CA ARG A 788 -7.68 5.32 57.00
C ARG A 788 -6.93 4.30 57.87
N PHE A 789 -6.88 3.05 57.43
CA PHE A 789 -6.19 1.98 58.15
C PHE A 789 -4.82 1.67 57.57
N HIS A 790 -4.68 1.63 56.25
CA HIS A 790 -3.39 1.53 55.54
C HIS A 790 -2.69 0.19 55.73
N LEU A 791 -3.47 -0.90 55.78
CA LEU A 791 -2.92 -2.25 55.98
C LEU A 791 -1.73 -2.60 55.09
N PRO A 792 -1.79 -2.44 53.76
CA PRO A 792 -0.67 -2.87 52.89
C PRO A 792 0.58 -2.06 53.10
N VAL A 793 0.51 -0.95 53.83
CA VAL A 793 1.68 -0.11 54.05
C VAL A 793 2.56 -0.68 55.15
N TRP A 794 1.97 -1.16 56.25
CA TRP A 794 2.73 -1.55 57.43
C TRP A 794 2.66 -3.02 57.80
N LEU A 795 1.90 -3.86 57.07
CA LEU A 795 1.62 -5.20 57.58
C LEU A 795 2.84 -6.00 58.07
N GLY A 796 3.74 -6.40 57.17
CA GLY A 796 4.83 -7.32 57.53
C GLY A 796 5.83 -6.79 58.55
N PHE A 797 5.86 -5.47 58.76
CA PHE A 797 6.92 -4.83 59.53
C PHE A 797 6.94 -5.27 60.99
N GLY A 798 5.75 -5.45 61.58
CA GLY A 798 5.63 -5.88 62.96
C GLY A 798 6.35 -7.18 63.28
N SER A 799 5.93 -8.27 62.61
CA SER A 799 6.60 -9.54 62.82
C SER A 799 8.06 -9.46 62.45
N ALA A 800 8.39 -8.67 61.41
CA ALA A 800 9.79 -8.52 61.04
C ALA A 800 10.62 -8.01 62.21
N ILE A 801 10.24 -6.86 62.76
CA ILE A 801 11.02 -6.26 63.83
C ILE A 801 11.01 -7.15 65.07
N ARG A 802 9.83 -7.62 65.47
CA ARG A 802 9.75 -8.50 66.63
CA ARG A 802 9.75 -8.50 66.63
C ARG A 802 10.70 -9.68 66.49
N HIS A 803 10.59 -10.43 65.38
CA HIS A 803 11.45 -11.58 65.19
C HIS A 803 12.92 -11.19 65.25
N VAL A 804 13.25 -9.97 64.83
CA VAL A 804 14.66 -9.62 64.84
C VAL A 804 15.15 -9.29 66.27
N ILE A 805 14.30 -8.72 67.14
CA ILE A 805 14.75 -8.51 68.52
C ILE A 805 14.69 -9.80 69.33
N GLU A 806 13.74 -10.68 69.03
CA GLU A 806 13.66 -11.96 69.72
C GLU A 806 14.87 -12.83 69.38
N LYS A 807 15.23 -12.93 68.10
CA LYS A 807 16.33 -13.83 67.73
C LYS A 807 17.64 -13.41 68.38
N ASP A 808 17.85 -12.10 68.59
CA ASP A 808 19.08 -11.60 69.19
C ASP A 808 18.79 -10.22 69.74
N VAL A 809 19.31 -9.94 70.93
CA VAL A 809 19.01 -8.67 71.58
C VAL A 809 19.86 -7.53 71.03
N ARG A 810 21.09 -7.82 70.59
CA ARG A 810 21.94 -6.79 69.99
C ARG A 810 21.43 -6.33 68.62
N ASN A 811 20.51 -7.09 68.00
CA ASN A 811 19.89 -6.64 66.76
C ASN A 811 19.06 -5.38 66.94
N LEU A 812 18.68 -5.06 68.18
CA LEU A 812 18.04 -3.78 68.44
C LEU A 812 19.03 -2.65 68.25
N HIS A 813 20.25 -2.81 68.78
CA HIS A 813 21.30 -1.83 68.53
C HIS A 813 21.66 -1.77 67.05
N MET A 814 21.53 -2.90 66.35
CA MET A 814 21.84 -2.87 64.91
C MET A 814 20.72 -2.24 64.07
N LEU A 815 19.46 -2.41 64.47
CA LEU A 815 18.37 -1.68 63.83
C LEU A 815 18.49 -0.19 64.07
N GLN A 816 18.80 0.21 65.30
CA GLN A 816 19.10 1.60 65.57
C GLN A 816 20.25 2.08 64.69
N ASP A 817 21.24 1.22 64.45
CA ASP A 817 22.36 1.60 63.57
C ASP A 817 21.89 1.83 62.13
N MET A 818 21.01 0.95 61.63
CA MET A 818 20.58 1.03 60.24
C MET A 818 19.69 2.25 60.01
N TYR A 819 18.87 2.62 60.99
CA TYR A 819 18.00 3.77 60.80
C TYR A 819 18.80 5.07 60.74
N GLN A 820 19.98 5.12 61.33
CA GLN A 820 20.74 6.37 61.38
C GLN A 820 21.85 6.43 60.36
N HIS A 821 22.00 5.43 59.49
CA HIS A 821 23.12 5.44 58.55
C HIS A 821 22.79 4.90 57.16
N TRP A 822 21.82 3.99 57.02
CA TRP A 822 21.49 3.45 55.72
C TRP A 822 20.28 4.19 55.15
N PRO A 823 20.43 5.01 54.10
CA PRO A 823 19.28 5.80 53.62
C PRO A 823 18.08 4.97 53.22
N PHE A 824 18.27 3.79 52.62
CA PHE A 824 17.13 2.97 52.21
C PHE A 824 16.25 2.64 53.41
N PHE A 825 16.87 2.22 54.51
CA PHE A 825 16.08 1.88 55.67
C PHE A 825 15.43 3.11 56.27
N ARG A 826 16.20 4.20 56.40
CA ARG A 826 15.65 5.42 56.98
C ARG A 826 14.42 5.91 56.19
N VAL A 827 14.50 5.89 54.86
CA VAL A 827 13.35 6.30 54.07
C VAL A 827 12.18 5.34 54.29
N THR A 828 12.45 4.03 54.27
CA THR A 828 11.36 3.06 54.45
C THR A 828 10.63 3.28 55.77
N ILE A 829 11.39 3.35 56.86
CA ILE A 829 10.80 3.52 58.18
C ILE A 829 10.08 4.85 58.28
N ASP A 830 10.71 5.91 57.77
CA ASP A 830 10.11 7.24 57.86
C ASP A 830 8.78 7.31 57.11
N LEU A 831 8.69 6.63 55.96
CA LEU A 831 7.43 6.60 55.24
C LEU A 831 6.36 5.90 56.06
N ILE A 832 6.69 4.71 56.60
CA ILE A 832 5.71 4.00 57.42
C ILE A 832 5.23 4.87 58.58
N GLU A 833 6.14 5.65 59.17
CA GLU A 833 5.76 6.56 60.25
C GLU A 833 4.80 7.64 59.74
N MET A 834 5.04 8.16 58.53
CA MET A 834 4.08 9.10 57.96
C MET A 834 2.70 8.48 57.85
N VAL A 835 2.63 7.29 57.27
CA VAL A 835 1.32 6.67 57.03
C VAL A 835 0.61 6.41 58.34
N PHE A 836 1.34 6.02 59.39
CA PHE A 836 0.71 5.93 60.70
C PHE A 836 0.25 7.30 61.18
N ALA A 837 1.00 8.35 60.87
CA ALA A 837 0.55 9.69 61.24
C ALA A 837 -0.72 10.07 60.52
N LYS A 838 -1.06 9.37 59.43
CA LYS A 838 -2.31 9.58 58.72
C LYS A 838 -3.36 8.50 58.99
N GLY A 839 -3.18 7.67 60.02
CA GLY A 839 -4.15 6.63 60.33
C GLY A 839 -4.86 6.82 61.66
N ASP A 840 -6.06 6.24 61.74
CA ASP A 840 -6.87 6.24 62.96
C ASP A 840 -7.67 4.96 62.98
N PRO A 841 -7.28 4.00 63.80
CA PRO A 841 -7.97 2.70 63.79
C PRO A 841 -9.40 2.78 64.27
N GLY A 842 -9.79 3.83 64.99
CA GLY A 842 -11.17 3.97 65.40
C GLY A 842 -12.12 3.97 64.22
N ILE A 843 -11.65 4.45 63.07
CA ILE A 843 -12.46 4.43 61.85
C ILE A 843 -12.69 3.00 61.39
N ALA A 844 -11.62 2.22 61.23
CA ALA A 844 -11.77 0.82 60.86
C ALA A 844 -12.68 0.09 61.83
N ALA A 845 -12.58 0.44 63.12
CA ALA A 845 -13.49 -0.11 64.11
C ALA A 845 -14.93 0.22 63.79
N LEU A 846 -15.20 1.49 63.47
CA LEU A 846 -16.56 1.90 63.16
C LEU A 846 -17.11 1.15 61.96
N TYR A 847 -16.33 1.07 60.89
CA TYR A 847 -16.75 0.34 59.70
C TYR A 847 -17.05 -1.11 60.02
N ASP A 848 -16.21 -1.76 60.84
CA ASP A 848 -16.49 -3.13 61.25
C ASP A 848 -17.83 -3.20 61.96
N LYS A 849 -18.04 -2.33 62.96
CA LYS A 849 -19.26 -2.40 63.76
C LYS A 849 -20.50 -2.18 62.91
N LEU A 850 -20.38 -1.44 61.81
CA LEU A 850 -21.56 -1.10 61.02
C LEU A 850 -21.77 -2.01 59.83
N LEU A 851 -20.73 -2.64 59.33
CA LEU A 851 -20.76 -3.36 58.06
C LEU A 851 -20.23 -4.78 58.15
N VAL A 852 -19.43 -5.10 59.15
CA VAL A 852 -18.90 -6.44 59.33
C VAL A 852 -19.87 -7.20 60.22
N SER A 853 -20.17 -8.45 59.84
CA SER A 853 -21.08 -9.28 60.63
C SER A 853 -20.51 -9.53 62.02
N GLU A 854 -21.42 -9.69 62.99
CA GLU A 854 -21.03 -9.92 64.38
C GLU A 854 -19.98 -11.01 64.50
N GLU A 855 -20.00 -11.98 63.58
CA GLU A 855 -19.09 -13.12 63.57
C GLU A 855 -17.63 -12.69 63.62
N LEU A 856 -17.07 -12.33 62.47
CA LEU A 856 -15.66 -11.97 62.33
C LEU A 856 -15.35 -10.53 62.72
N TRP A 857 -16.05 -9.99 63.71
CA TRP A 857 -15.59 -8.79 64.39
C TRP A 857 -14.21 -8.98 65.00
N PRO A 858 -13.91 -10.08 65.71
CA PRO A 858 -12.58 -10.19 66.31
C PRO A 858 -11.46 -10.17 65.27
N PHE A 859 -11.74 -10.58 64.03
CA PHE A 859 -10.68 -10.50 63.01
C PHE A 859 -10.13 -9.09 62.93
N GLY A 860 -11.01 -8.10 62.74
CA GLY A 860 -10.57 -6.73 62.74
C GLY A 860 -9.83 -6.36 64.01
N GLU A 861 -10.29 -6.85 65.16
CA GLU A 861 -9.62 -6.53 66.40
C GLU A 861 -8.19 -7.06 66.38
N LYS A 862 -7.97 -8.24 65.80
CA LYS A 862 -6.62 -8.71 65.57
C LYS A 862 -5.84 -7.70 64.73
N LEU A 863 -6.42 -7.30 63.59
CA LEU A 863 -5.76 -6.35 62.71
C LEU A 863 -5.44 -5.06 63.44
N ARG A 864 -6.44 -4.47 64.10
CA ARG A 864 -6.19 -3.27 64.90
C ARG A 864 -5.09 -3.51 65.91
N ALA A 865 -5.08 -4.70 66.53
CA ALA A 865 -3.97 -5.02 67.41
C ALA A 865 -2.66 -4.92 66.64
N ASN A 866 -2.57 -5.67 65.54
CA ASN A 866 -1.38 -5.66 64.72
C ASN A 866 -1.00 -4.24 64.35
N PHE A 867 -2.02 -3.40 64.08
CA PHE A 867 -1.78 -1.99 63.78
C PHE A 867 -0.97 -1.36 64.91
N GLU A 868 -1.58 -1.25 66.09
CA GLU A 868 -0.95 -0.49 67.17
C GLU A 868 0.41 -1.10 67.53
N GLU A 869 0.45 -2.43 67.66
CA GLU A 869 1.70 -3.10 67.97
C GLU A 869 2.77 -2.72 66.95
N THR A 870 2.44 -2.83 65.65
CA THR A 870 3.42 -2.51 64.63
C THR A 870 3.88 -1.06 64.75
N LYS A 871 2.94 -0.14 65.02
CA LYS A 871 3.35 1.26 65.14
C LYS A 871 4.32 1.42 66.30
N LYS A 872 4.06 0.73 67.41
CA LYS A 872 4.95 0.84 68.56
C LYS A 872 6.37 0.48 68.14
N LEU A 873 6.51 -0.51 67.27
CA LEU A 873 7.83 -0.94 66.85
C LEU A 873 8.50 0.11 65.98
N ILE A 874 7.73 0.75 65.09
CA ILE A 874 8.32 1.69 64.13
C ILE A 874 8.99 2.84 64.86
N LEU A 875 8.24 3.55 65.69
CA LEU A 875 8.83 4.62 66.48
C LEU A 875 9.94 4.12 67.38
N GLN A 876 9.92 2.83 67.75
CA GLN A 876 10.97 2.30 68.61
C GLN A 876 12.29 2.15 67.85
N THR A 877 12.23 1.94 66.53
CA THR A 877 13.46 1.89 65.75
C THR A 877 13.92 3.30 65.38
N ALA A 878 12.98 4.16 64.99
CA ALA A 878 13.30 5.55 64.65
C ALA A 878 13.59 6.41 65.87
N GLY A 879 13.34 5.91 67.07
CA GLY A 879 13.63 6.66 68.27
C GLY A 879 12.72 7.83 68.56
N HIS A 880 11.41 7.67 68.31
CA HIS A 880 10.43 8.71 68.58
C HIS A 880 9.43 8.22 69.61
N LYS A 881 8.72 9.16 70.24
CA LYS A 881 7.74 8.81 71.25
C LYS A 881 6.37 9.41 70.95
N ASP A 882 6.28 10.73 70.86
CA ASP A 882 5.01 11.44 70.66
C ASP A 882 4.34 11.05 69.33
N TYR A 889 2.00 24.61 67.65
CA TYR A 889 2.48 23.56 66.76
C TYR A 889 1.69 23.61 65.47
N LEU A 890 2.17 22.89 64.45
CA LEU A 890 1.46 22.74 63.18
C LEU A 890 0.49 21.55 63.19
N LYS A 891 0.80 20.51 63.96
CA LYS A 891 -0.10 19.36 64.05
C LYS A 891 -1.41 19.73 64.74
N GLN A 892 -1.35 20.60 65.76
CA GLN A 892 -2.57 21.05 66.42
C GLN A 892 -3.49 21.77 65.45
N ARG A 893 -2.94 22.47 64.47
CA ARG A 893 -3.78 23.08 63.46
C ARG A 893 -4.11 22.09 62.35
N LEU A 894 -3.17 21.19 62.03
CA LEU A 894 -3.39 20.19 60.98
C LEU A 894 -4.63 19.36 61.28
N ARG A 895 -4.75 18.86 62.52
CA ARG A 895 -5.82 17.95 62.90
C ARG A 895 -7.21 18.41 62.45
N LEU A 896 -7.42 19.71 62.30
CA LEU A 896 -8.76 20.20 61.99
C LEU A 896 -9.31 19.64 60.67
N ARG A 897 -8.47 19.41 59.65
CA ARG A 897 -9.02 18.80 58.44
C ARG A 897 -9.46 17.36 58.70
N ASP A 898 -8.80 16.67 59.64
CA ASP A 898 -9.24 15.34 60.02
C ASP A 898 -10.65 15.35 60.60
N SER A 899 -11.11 16.49 61.11
CA SER A 899 -12.51 16.58 61.53
C SER A 899 -13.43 16.36 60.34
N TYR A 900 -13.20 17.11 59.26
CA TYR A 900 -13.97 16.91 58.04
C TYR A 900 -13.83 15.48 57.55
N ILE A 901 -12.60 14.95 57.51
CA ILE A 901 -12.41 13.60 56.99
C ILE A 901 -13.20 12.60 57.81
N THR A 902 -13.20 12.75 59.13
CA THR A 902 -13.97 11.87 59.99
C THR A 902 -15.45 11.94 59.67
N THR A 903 -16.01 13.16 59.54
CA THR A 903 -17.43 13.27 59.21
C THR A 903 -17.75 12.52 57.91
N LEU A 904 -16.91 12.67 56.89
CA LEU A 904 -17.11 11.92 55.65
C LEU A 904 -16.94 10.42 55.86
N ASN A 905 -16.08 10.02 56.79
CA ASN A 905 -15.91 8.60 57.13
C ASN A 905 -17.22 8.03 57.66
N VAL A 906 -17.80 8.68 58.67
CA VAL A 906 -19.06 8.24 59.24
C VAL A 906 -20.15 8.19 58.18
N CYS A 907 -20.26 9.25 57.38
CA CYS A 907 -21.29 9.32 56.33
C CYS A 907 -21.11 8.20 55.30
N GLN A 908 -19.86 7.89 54.96
CA GLN A 908 -19.62 6.79 54.03
C GLN A 908 -20.02 5.46 54.64
N ALA A 909 -19.72 5.27 55.93
CA ALA A 909 -20.04 4.01 56.57
C ALA A 909 -21.54 3.79 56.60
N TYR A 910 -22.28 4.75 57.17
CA TYR A 910 -23.73 4.58 57.25
C TYR A 910 -24.34 4.44 55.85
N THR A 911 -23.78 5.15 54.89
CA THR A 911 -24.27 5.09 53.51
C THR A 911 -24.01 3.73 52.89
N LEU A 912 -22.85 3.13 53.17
CA LEU A 912 -22.62 1.75 52.76
C LEU A 912 -23.60 0.80 53.43
N LYS A 913 -24.01 1.08 54.67
CA LYS A 913 -25.01 0.23 55.29
C LYS A 913 -26.34 0.35 54.56
N ARG A 914 -26.74 1.55 54.20
CA ARG A 914 -28.02 1.70 53.52
C ARG A 914 -27.99 1.25 52.07
N ILE A 915 -26.82 1.24 51.44
CA ILE A 915 -26.71 0.76 50.07
C ILE A 915 -26.83 -0.74 50.03
N ARG A 916 -26.18 -1.42 50.98
CA ARG A 916 -26.17 -2.87 51.04
C ARG A 916 -27.34 -3.29 51.92
N ASP A 917 -28.51 -3.21 51.33
CA ASP A 917 -29.82 -3.49 51.89
C ASP A 917 -30.64 -4.02 50.72
N PRO A 918 -31.84 -4.43 50.91
CA PRO A 918 -32.66 -4.72 49.75
C PRO A 918 -33.76 -3.69 49.57
N SER A 919 -34.24 -3.11 50.67
CA SER A 919 -35.35 -2.15 50.58
C SER A 919 -34.96 -0.93 49.74
N TYR A 920 -33.68 -0.55 49.79
CA TYR A 920 -33.21 0.65 49.11
C TYR A 920 -32.56 0.32 47.78
N HIS A 921 -33.04 -0.70 47.08
CA HIS A 921 -32.52 -1.07 45.77
C HIS A 921 -33.62 -0.98 44.74
N VAL A 922 -33.37 -0.28 43.64
CA VAL A 922 -34.29 -0.18 42.52
C VAL A 922 -33.78 -1.05 41.36
N THR A 923 -34.66 -1.82 40.75
CA THR A 923 -34.28 -2.72 39.66
C THR A 923 -35.06 -2.30 38.41
N LEU A 924 -34.35 -1.70 37.46
CA LEU A 924 -34.97 -1.24 36.22
C LEU A 924 -34.49 -2.12 35.06
N ARG A 925 -35.39 -2.40 34.11
CA ARG A 925 -35.07 -3.35 33.06
C ARG A 925 -34.66 -2.61 31.77
N PRO A 926 -35.59 -2.19 30.83
CA PRO A 926 -35.22 -1.06 29.97
C PRO A 926 -36.24 0.07 30.01
N HIS A 927 -35.83 1.24 30.49
CA HIS A 927 -36.72 2.41 30.54
C HIS A 927 -36.12 3.59 29.80
N ILE A 928 -35.05 4.19 30.30
CA ILE A 928 -34.37 5.32 29.69
C ILE A 928 -35.31 6.51 29.58
N SER A 936 -36.04 11.23 29.11
CA SER A 936 -35.13 12.27 28.65
C SER A 936 -35.54 13.65 29.18
N LYS A 937 -35.68 13.71 30.51
CA LYS A 937 -36.15 14.83 31.32
C LYS A 937 -34.99 15.73 31.74
N PRO A 938 -35.28 16.96 32.20
CA PRO A 938 -34.23 17.79 32.82
C PRO A 938 -34.10 17.48 34.28
N ALA A 939 -33.16 18.11 34.96
CA ALA A 939 -32.92 17.91 36.38
C ALA A 939 -32.94 19.25 37.07
N LYS A 940 -33.66 19.36 38.18
CA LYS A 940 -33.71 20.65 38.84
C LYS A 940 -33.32 20.59 40.32
N GLU A 941 -32.79 19.46 40.79
CA GLU A 941 -32.26 19.35 42.14
C GLU A 941 -31.34 18.14 42.20
N LEU A 942 -30.49 18.10 43.24
CA LEU A 942 -29.40 17.13 43.29
C LEU A 942 -29.87 15.68 43.21
N ILE A 943 -31.10 15.39 43.66
CA ILE A 943 -31.52 13.99 43.69
C ILE A 943 -31.83 13.50 42.29
N GLU A 944 -32.31 14.37 41.41
CA GLU A 944 -32.67 13.96 40.06
C GLU A 944 -31.46 13.77 39.16
N LEU A 945 -30.25 13.93 39.68
CA LEU A 945 -29.05 13.82 38.88
C LEU A 945 -28.65 12.37 38.58
N ASN A 946 -29.18 11.40 39.32
CA ASN A 946 -28.92 10.00 39.04
C ASN A 946 -30.25 9.28 38.81
N PRO A 947 -30.67 9.13 37.57
CA PRO A 947 -31.97 8.52 37.29
C PRO A 947 -31.87 7.04 37.00
N THR A 948 -30.67 6.56 36.69
CA THR A 948 -30.46 5.18 36.34
C THR A 948 -29.66 4.45 37.40
N SER A 949 -29.97 4.71 38.66
CA SER A 949 -29.22 4.17 39.79
C SER A 949 -29.95 2.94 40.29
N GLU A 950 -29.24 1.81 40.37
CA GLU A 950 -29.87 0.60 40.92
C GLU A 950 -30.23 0.79 42.39
N TYR A 951 -29.50 1.63 43.10
CA TYR A 951 -29.83 1.91 44.48
C TYR A 951 -30.85 3.04 44.56
N ALA A 952 -31.41 3.23 45.75
CA ALA A 952 -32.37 4.29 46.06
C ALA A 952 -31.86 5.65 45.57
N PRO A 953 -32.75 6.66 45.40
CA PRO A 953 -32.35 7.90 44.74
C PRO A 953 -31.12 8.62 45.27
N GLY A 954 -31.10 9.02 46.53
CA GLY A 954 -30.00 9.88 46.91
C GLY A 954 -28.72 9.18 47.35
N LEU A 955 -28.70 7.86 47.24
CA LEU A 955 -27.72 7.04 47.95
C LEU A 955 -26.40 6.91 47.19
N GLU A 956 -26.46 6.54 45.91
CA GLU A 956 -25.24 6.29 45.16
C GLU A 956 -24.40 7.55 45.08
N ASP A 957 -25.04 8.68 44.75
CA ASP A 957 -24.35 9.97 44.69
C ASP A 957 -23.66 10.28 46.02
N THR A 958 -24.36 10.05 47.14
CA THR A 958 -23.75 10.31 48.44
C THR A 958 -22.53 9.42 48.65
N LEU A 959 -22.60 8.16 48.19
CA LEU A 959 -21.44 7.29 48.36
C LEU A 959 -20.26 7.77 47.53
N ILE A 960 -20.50 8.09 46.25
CA ILE A 960 -19.40 8.57 45.42
C ILE A 960 -18.80 9.84 46.01
N LEU A 961 -19.66 10.76 46.45
CA LEU A 961 -19.19 12.01 47.04
C LEU A 961 -18.34 11.76 48.26
N THR A 962 -18.72 10.80 49.10
CA THR A 962 -17.92 10.50 50.28
C THR A 962 -16.54 9.98 49.89
N MET A 963 -16.47 9.08 48.90
CA MET A 963 -15.16 8.59 48.47
C MET A 963 -14.30 9.73 47.94
N LYS A 964 -14.87 10.56 47.06
CA LYS A 964 -14.17 11.71 46.52
C LYS A 964 -13.61 12.59 47.64
N GLY A 965 -14.48 12.98 48.58
CA GLY A 965 -14.05 13.89 49.64
C GLY A 965 -12.97 13.30 50.53
N ILE A 966 -13.12 12.02 50.89
CA ILE A 966 -12.10 11.36 51.70
C ILE A 966 -10.78 11.32 50.95
N ALA A 967 -10.81 11.08 49.64
CA ALA A 967 -9.58 11.13 48.87
C ALA A 967 -8.95 12.52 48.96
N ALA A 968 -9.78 13.55 48.84
CA ALA A 968 -9.27 14.91 48.84
C ALA A 968 -8.58 15.23 50.15
N GLY A 969 -9.22 14.88 51.28
CA GLY A 969 -8.60 15.19 52.56
C GLY A 969 -7.26 14.51 52.75
N LEU A 970 -7.17 13.24 52.36
CA LEU A 970 -5.93 12.46 52.43
C LEU A 970 -4.99 12.74 51.28
N GLN A 971 -5.45 13.47 50.27
CA GLN A 971 -4.61 13.85 49.13
C GLN A 971 -4.10 12.63 48.36
N ASN A 972 -4.84 11.53 48.39
CA ASN A 972 -4.42 10.32 47.71
C ASN A 972 -5.66 9.50 47.41
N THR A 973 -5.67 8.88 46.23
CA THR A 973 -6.73 7.94 45.89
C THR A 973 -6.24 6.49 45.96
N GLY A 974 -5.22 6.14 45.16
CA GLY A 974 -4.62 4.83 45.21
C GLY A 974 -3.15 4.85 44.85
N TYR B 40 -9.54 -1.66 -69.36
CA TYR B 40 -9.90 -1.11 -68.05
C TYR B 40 -8.65 -0.93 -67.20
N ASP B 41 -7.66 -1.78 -67.43
CA ASP B 41 -6.35 -1.59 -66.81
C ASP B 41 -5.77 -0.24 -67.20
N ALA B 42 -6.03 0.19 -68.44
CA ALA B 42 -5.59 1.49 -68.96
C ALA B 42 -6.17 2.67 -68.20
N LEU B 43 -7.30 2.51 -67.52
CA LEU B 43 -7.96 3.63 -66.84
C LEU B 43 -7.04 4.29 -65.81
N LEU B 44 -6.66 3.55 -64.78
CA LEU B 44 -5.75 4.07 -63.75
C LEU B 44 -4.52 4.73 -64.38
N LEU B 45 -3.88 4.05 -65.32
CA LEU B 45 -2.75 4.63 -66.04
C LEU B 45 -3.09 6.01 -66.58
N ASP B 46 -4.20 6.11 -67.31
CA ASP B 46 -4.66 7.38 -67.85
C ASP B 46 -4.80 8.46 -66.78
N ARG B 47 -5.60 8.19 -65.74
CA ARG B 47 -5.90 9.21 -64.73
C ARG B 47 -4.64 9.63 -63.98
N PHE B 48 -3.90 8.64 -63.45
CA PHE B 48 -2.70 8.93 -62.70
C PHE B 48 -1.70 9.69 -63.55
N LEU B 49 -1.39 9.19 -64.74
CA LEU B 49 -0.41 9.87 -65.59
C LEU B 49 -0.86 11.29 -65.95
N ASP B 50 -2.17 11.52 -66.08
CA ASP B 50 -2.66 12.89 -66.21
C ASP B 50 -2.28 13.73 -64.99
N ILE B 51 -2.48 13.18 -63.78
CA ILE B 51 -2.13 13.95 -62.58
C ILE B 51 -0.62 14.14 -62.50
N LEU B 52 0.15 13.11 -62.83
CA LEU B 52 1.60 13.18 -62.79
C LEU B 52 2.11 14.28 -63.72
N GLN B 53 1.53 14.38 -64.91
CA GLN B 53 1.90 15.47 -65.80
C GLN B 53 1.47 16.81 -65.23
N ASP B 54 0.28 16.87 -64.63
CA ASP B 54 -0.16 18.11 -64.01
C ASP B 54 0.68 18.51 -62.80
N LEU B 55 1.51 17.60 -62.26
CA LEU B 55 2.34 17.89 -61.11
C LEU B 55 3.83 18.00 -61.39
N HIS B 56 4.32 17.41 -62.48
CA HIS B 56 5.76 17.38 -62.76
C HIS B 56 6.11 17.55 -64.24
N GLY B 57 5.14 17.78 -65.12
CA GLY B 57 5.41 18.10 -66.51
C GLY B 57 5.31 16.91 -67.44
N GLU B 58 5.30 17.23 -68.74
CA GLU B 58 5.24 16.18 -69.75
C GLU B 58 6.49 15.32 -69.75
N ASP B 59 7.66 15.94 -69.58
CA ASP B 59 8.93 15.22 -69.73
C ASP B 59 8.98 13.99 -68.83
N LEU B 60 8.62 14.17 -67.56
CA LEU B 60 8.73 13.08 -66.61
C LEU B 60 7.67 12.02 -66.86
N ARG B 61 6.48 12.44 -67.29
CA ARG B 61 5.43 11.48 -67.63
C ARG B 61 5.85 10.64 -68.84
N GLU B 62 6.52 11.26 -69.80
CA GLU B 62 7.02 10.50 -70.95
C GLU B 62 8.08 9.51 -70.53
N THR B 63 9.00 9.92 -69.64
CA THR B 63 10.03 8.97 -69.18
C THR B 63 9.41 7.79 -68.43
N VAL B 64 8.37 8.04 -67.62
CA VAL B 64 7.65 6.96 -66.96
C VAL B 64 7.01 6.04 -68.00
N GLN B 65 6.46 6.63 -69.07
CA GLN B 65 5.86 5.82 -70.13
C GLN B 65 6.91 4.95 -70.82
N GLU B 66 8.10 5.50 -71.06
CA GLU B 66 9.19 4.72 -71.64
C GLU B 66 9.54 3.53 -70.76
N LEU B 67 9.73 3.78 -69.46
CA LEU B 67 10.01 2.69 -68.53
C LEU B 67 8.90 1.64 -68.57
N TYR B 68 7.66 2.09 -68.67
CA TYR B 68 6.54 1.15 -68.76
C TYR B 68 6.64 0.29 -70.02
N GLU B 69 7.04 0.90 -71.15
CA GLU B 69 7.14 0.15 -72.39
C GLU B 69 8.28 -0.87 -72.36
N HIS B 70 9.45 -0.47 -71.82
CA HIS B 70 10.55 -1.42 -71.69
C HIS B 70 10.16 -2.57 -70.76
N SER B 71 9.55 -2.24 -69.62
CA SER B 71 9.09 -3.29 -68.71
C SER B 71 8.04 -4.18 -69.37
N ALA B 72 7.21 -3.62 -70.25
CA ALA B 72 6.24 -4.44 -70.97
C ALA B 72 6.93 -5.41 -71.91
N GLU B 73 7.96 -4.94 -72.62
CA GLU B 73 8.74 -5.83 -73.48
C GLU B 73 9.50 -6.87 -72.67
N TYR B 74 9.81 -6.58 -71.40
CA TYR B 74 10.46 -7.59 -70.58
C TYR B 74 9.47 -8.64 -70.08
N GLU B 75 8.34 -8.20 -69.52
CA GLU B 75 7.34 -9.17 -69.06
C GLU B 75 6.65 -9.88 -70.22
N GLY B 76 6.89 -9.45 -71.46
CA GLY B 76 6.41 -10.19 -72.62
C GLY B 76 7.48 -11.06 -73.24
N LYS B 77 8.47 -10.42 -73.88
CA LYS B 77 9.49 -11.16 -74.60
C LYS B 77 10.48 -11.84 -73.65
N HIS B 78 10.64 -11.30 -72.44
CA HIS B 78 11.52 -11.86 -71.41
C HIS B 78 12.99 -11.86 -71.83
N GLU B 79 13.38 -10.89 -72.65
CA GLU B 79 14.78 -10.71 -73.00
C GLU B 79 15.50 -10.08 -71.83
N PRO B 80 16.51 -10.73 -71.24
CA PRO B 80 17.24 -10.11 -70.12
C PRO B 80 18.07 -8.89 -70.52
N LYS B 81 18.29 -8.67 -71.82
CA LYS B 81 18.91 -7.43 -72.28
C LYS B 81 18.04 -6.22 -71.98
N LYS B 82 16.72 -6.40 -72.04
CA LYS B 82 15.78 -5.30 -71.78
C LYS B 82 15.99 -4.69 -70.41
N LEU B 83 16.41 -5.48 -69.43
CA LEU B 83 16.65 -4.95 -68.08
C LEU B 83 17.77 -3.91 -68.11
N GLU B 84 18.90 -4.25 -68.73
CA GLU B 84 19.99 -3.29 -68.86
C GLU B 84 19.57 -2.10 -69.70
N GLU B 85 18.79 -2.35 -70.77
CA GLU B 85 18.23 -1.26 -71.57
C GLU B 85 17.43 -0.29 -70.72
N LEU B 86 16.73 -0.81 -69.71
CA LEU B 86 15.92 0.03 -68.82
C LEU B 86 16.80 0.77 -67.83
N GLY B 87 17.75 0.05 -67.20
CA GLY B 87 18.65 0.68 -66.26
C GLY B 87 19.43 1.82 -66.87
N SER B 88 19.83 1.68 -68.13
CA SER B 88 20.47 2.78 -68.83
C SER B 88 19.61 4.04 -68.78
N VAL B 89 18.31 3.89 -69.01
CA VAL B 89 17.40 5.03 -68.90
C VAL B 89 17.33 5.51 -67.45
N LEU B 90 17.45 4.60 -66.48
CA LEU B 90 17.36 5.01 -65.08
C LEU B 90 18.58 5.80 -64.62
N THR B 91 19.75 5.56 -65.22
CA THR B 91 20.96 6.24 -64.77
C THR B 91 20.88 7.75 -65.00
N SER B 92 20.26 8.17 -66.10
CA SER B 92 20.26 9.59 -66.48
C SER B 92 19.52 10.46 -65.47
N LEU B 93 18.58 9.88 -64.73
CA LEU B 93 17.64 10.66 -63.92
C LEU B 93 18.35 11.55 -62.90
N ASP B 94 17.90 12.80 -62.83
CA ASP B 94 18.31 13.74 -61.78
C ASP B 94 17.99 13.17 -60.41
N PRO B 95 18.58 13.73 -59.34
CA PRO B 95 18.26 13.22 -57.99
C PRO B 95 16.80 13.32 -57.62
N GLY B 96 16.14 14.45 -57.92
CA GLY B 96 14.71 14.56 -57.64
C GLY B 96 13.87 13.69 -58.55
N ASP B 97 14.27 13.59 -59.82
CA ASP B 97 13.48 12.86 -60.80
C ASP B 97 13.41 11.37 -60.48
N SER B 98 14.53 10.78 -60.04
CA SER B 98 14.51 9.37 -59.66
C SER B 98 13.56 9.13 -58.48
N ILE B 99 13.53 10.06 -57.52
CA ILE B 99 12.56 9.98 -56.43
C ILE B 99 11.15 9.99 -56.98
N VAL B 100 10.87 10.90 -57.92
CA VAL B 100 9.53 11.00 -58.49
C VAL B 100 9.17 9.73 -59.27
N ILE B 101 10.15 9.08 -59.91
CA ILE B 101 9.88 7.87 -60.69
C ILE B 101 9.51 6.73 -59.76
N ALA B 102 10.30 6.54 -58.70
CA ALA B 102 9.98 5.50 -57.73
C ALA B 102 8.61 5.77 -57.10
N LYS B 103 8.33 7.03 -56.78
CA LYS B 103 7.00 7.42 -56.31
C LYS B 103 5.93 7.00 -57.31
N ALA B 104 6.17 7.26 -58.59
CA ALA B 104 5.17 7.01 -59.64
C ALA B 104 4.83 5.53 -59.73
N PHE B 105 5.84 4.66 -59.89
CA PHE B 105 5.53 3.25 -59.99
C PHE B 105 4.98 2.69 -58.69
N SER B 106 5.39 3.26 -57.54
CA SER B 106 4.82 2.83 -56.27
C SER B 106 3.32 3.11 -56.22
N HIS B 107 2.91 4.34 -56.51
CA HIS B 107 1.49 4.68 -56.46
C HIS B 107 0.70 3.94 -57.52
N MET B 108 1.29 3.70 -58.70
CA MET B 108 0.61 2.89 -59.70
C MET B 108 0.38 1.48 -59.19
N LEU B 109 1.36 0.92 -58.49
CA LEU B 109 1.16 -0.41 -57.89
C LEU B 109 0.03 -0.39 -56.86
N ASN B 110 0.01 0.62 -55.99
CA ASN B 110 -1.05 0.71 -54.98
C ASN B 110 -2.42 0.78 -55.66
N LEU B 111 -2.54 1.66 -56.66
CA LEU B 111 -3.80 1.77 -57.40
C LEU B 111 -4.16 0.44 -58.05
N ALA B 112 -3.16 -0.30 -58.55
CA ALA B 112 -3.44 -1.63 -59.09
C ALA B 112 -4.03 -2.56 -58.03
N ASN B 113 -3.51 -2.46 -56.80
CA ASN B 113 -4.08 -3.25 -55.71
C ASN B 113 -5.53 -2.89 -55.47
N LEU B 114 -5.83 -1.58 -55.49
CA LEU B 114 -7.19 -1.15 -55.20
C LEU B 114 -8.15 -1.56 -56.31
N ALA B 115 -7.76 -1.35 -57.58
CA ALA B 115 -8.58 -1.80 -58.68
C ALA B 115 -8.79 -3.31 -58.65
N GLU B 116 -7.76 -4.07 -58.26
CA GLU B 116 -7.93 -5.50 -58.13
C GLU B 116 -8.98 -5.85 -57.08
N GLU B 117 -8.92 -5.18 -55.93
CA GLU B 117 -9.90 -5.43 -54.87
C GLU B 117 -11.31 -5.10 -55.33
N VAL B 118 -11.48 -3.96 -56.01
CA VAL B 118 -12.80 -3.57 -56.48
C VAL B 118 -13.33 -4.59 -57.49
N GLN B 119 -12.49 -4.98 -58.45
CA GLN B 119 -12.91 -5.93 -59.47
C GLN B 119 -13.25 -7.29 -58.87
N ILE B 120 -12.53 -7.71 -57.83
CA ILE B 120 -12.87 -8.96 -57.14
C ILE B 120 -14.22 -8.83 -56.45
N ALA B 121 -14.44 -7.72 -55.72
CA ALA B 121 -15.68 -7.55 -54.99
C ALA B 121 -16.88 -7.49 -55.92
N TYR B 122 -16.75 -6.81 -57.06
CA TYR B 122 -17.87 -6.73 -58.00
C TYR B 122 -18.06 -8.04 -58.74
N ARG B 123 -16.98 -8.64 -59.25
CA ARG B 123 -17.08 -9.92 -59.95
C ARG B 123 -17.68 -10.99 -59.06
N ARG B 124 -17.46 -10.89 -57.74
CA ARG B 124 -18.10 -11.81 -56.81
C ARG B 124 -19.56 -11.42 -56.58
N ARG B 125 -19.83 -10.12 -56.45
CA ARG B 125 -21.19 -9.66 -56.17
C ARG B 125 -22.14 -9.90 -57.35
N ILE B 126 -21.65 -9.85 -58.58
CA ILE B 126 -22.49 -10.12 -59.75
C ILE B 126 -22.62 -11.63 -59.94
N LYS B 127 -23.08 -12.31 -58.89
CA LYS B 127 -23.45 -13.72 -58.93
C LYS B 127 -24.84 -13.86 -58.32
N LYS B 128 -25.80 -13.15 -58.91
CA LYS B 128 -27.14 -13.04 -58.38
C LYS B 128 -28.18 -13.42 -59.44
N SER B 144 -14.75 -21.55 -51.35
CA SER B 144 -15.74 -21.84 -50.33
C SER B 144 -16.66 -20.64 -50.09
N ASP B 145 -17.72 -20.87 -49.30
CA ASP B 145 -18.73 -19.87 -48.97
C ASP B 145 -19.67 -20.50 -47.97
N LEU B 146 -20.30 -19.65 -47.14
CA LEU B 146 -21.11 -20.14 -46.02
C LEU B 146 -22.26 -21.01 -46.52
N GLU B 147 -23.09 -20.46 -47.40
CA GLU B 147 -24.23 -21.21 -47.91
C GLU B 147 -23.77 -22.47 -48.64
N GLU B 148 -22.73 -22.36 -49.46
CA GLU B 148 -22.19 -23.51 -50.16
C GLU B 148 -21.64 -24.55 -49.18
N THR B 149 -20.95 -24.08 -48.13
CA THR B 149 -20.42 -25.00 -47.12
C THR B 149 -21.54 -25.75 -46.42
N PHE B 150 -22.61 -25.05 -46.04
CA PHE B 150 -23.74 -25.73 -45.41
C PHE B 150 -24.34 -26.76 -46.36
N LYS B 151 -24.63 -26.36 -47.60
CA LYS B 151 -25.23 -27.28 -48.56
C LYS B 151 -24.35 -28.50 -48.78
N LYS B 152 -23.03 -28.31 -48.88
CA LYS B 152 -22.13 -29.44 -49.06
C LYS B 152 -22.09 -30.32 -47.82
N LEU B 153 -22.15 -29.72 -46.63
CA LEU B 153 -22.17 -30.53 -45.41
C LEU B 153 -23.44 -31.36 -45.31
N VAL B 154 -24.55 -30.89 -45.86
CA VAL B 154 -25.78 -31.68 -45.84
C VAL B 154 -25.76 -32.75 -46.93
N GLY B 155 -25.52 -32.35 -48.17
CA GLY B 155 -25.52 -33.27 -49.30
C GLY B 155 -24.42 -34.30 -49.28
N ASP B 156 -23.17 -33.85 -49.22
CA ASP B 156 -22.04 -34.78 -49.25
C ASP B 156 -22.05 -35.71 -48.04
N LEU B 157 -21.96 -35.14 -46.84
CA LEU B 157 -21.64 -35.92 -45.65
C LEU B 157 -22.86 -36.37 -44.85
N ASN B 158 -24.07 -36.12 -45.36
CA ASN B 158 -25.30 -36.52 -44.68
C ASN B 158 -25.50 -35.84 -43.33
N LYS B 159 -24.70 -34.82 -43.02
CA LYS B 159 -24.87 -34.12 -41.75
C LYS B 159 -26.16 -33.29 -41.76
N SER B 160 -26.83 -33.26 -40.61
CA SER B 160 -28.13 -32.64 -40.49
C SER B 160 -28.00 -31.18 -40.10
N PRO B 161 -29.04 -30.37 -40.32
CA PRO B 161 -28.95 -28.95 -39.95
C PRO B 161 -28.67 -28.72 -38.47
N GLU B 162 -29.38 -29.44 -37.59
CA GLU B 162 -29.18 -29.24 -36.16
C GLU B 162 -27.77 -29.62 -35.73
N GLU B 163 -27.12 -30.55 -36.43
CA GLU B 163 -25.72 -30.82 -36.16
C GLU B 163 -24.84 -29.63 -36.53
N ILE B 164 -25.10 -29.02 -37.68
CA ILE B 164 -24.33 -27.86 -38.11
C ILE B 164 -24.54 -26.70 -37.15
N PHE B 165 -25.79 -26.49 -36.73
CA PHE B 165 -26.12 -25.43 -35.78
C PHE B 165 -25.49 -25.68 -34.43
N ASP B 166 -25.55 -26.93 -33.95
CA ASP B 166 -24.97 -27.26 -32.66
C ASP B 166 -23.46 -27.07 -32.68
N ALA B 167 -22.79 -27.63 -33.69
CA ALA B 167 -21.34 -27.47 -33.82
C ALA B 167 -20.97 -26.01 -33.99
N LEU B 168 -21.82 -25.23 -34.67
CA LEU B 168 -21.54 -23.82 -34.89
C LEU B 168 -21.71 -23.01 -33.61
N LYS B 169 -22.66 -23.40 -32.76
CA LYS B 169 -22.84 -22.71 -31.49
C LYS B 169 -21.59 -22.82 -30.63
N ASN B 170 -21.02 -24.02 -30.54
CA ASN B 170 -19.88 -24.28 -29.68
C ASN B 170 -18.54 -24.07 -30.37
N GLN B 171 -18.52 -23.33 -31.48
CA GLN B 171 -17.29 -23.09 -32.21
C GLN B 171 -16.80 -21.67 -31.93
N THR B 172 -15.48 -21.52 -31.77
CA THR B 172 -14.87 -20.23 -31.45
C THR B 172 -13.63 -19.99 -32.32
N VAL B 173 -13.48 -18.76 -32.79
CA VAL B 173 -12.34 -18.36 -33.62
C VAL B 173 -11.77 -17.06 -33.03
N ASP B 174 -10.59 -17.15 -32.44
CA ASP B 174 -9.95 -16.04 -31.73
C ASP B 174 -8.89 -15.40 -32.62
N LEU B 175 -9.26 -14.31 -33.30
CA LEU B 175 -8.30 -13.57 -34.12
C LEU B 175 -7.56 -12.55 -33.26
N VAL B 176 -6.24 -12.67 -33.21
CA VAL B 176 -5.39 -11.79 -32.41
C VAL B 176 -4.51 -10.99 -33.36
N LEU B 177 -4.59 -9.67 -33.23
CA LEU B 177 -3.85 -8.73 -34.08
C LEU B 177 -2.48 -8.47 -33.47
N THR B 178 -1.46 -8.44 -34.31
CA THR B 178 -0.10 -8.22 -33.84
C THR B 178 0.48 -6.97 -34.49
N ALA B 179 1.40 -6.32 -33.78
CA ALA B 179 2.13 -5.17 -34.31
C ALA B 179 3.45 -5.59 -34.94
N HIS B 180 3.47 -6.77 -35.56
CA HIS B 180 4.68 -7.25 -36.20
C HIS B 180 5.03 -6.33 -37.37
N PRO B 181 6.28 -5.91 -37.49
CA PRO B 181 6.59 -4.83 -38.44
C PRO B 181 6.56 -5.30 -39.89
N THR B 182 5.36 -5.64 -40.37
CA THR B 182 5.19 -6.06 -41.75
C THR B 182 4.31 -5.10 -42.54
N GLN B 183 3.75 -4.06 -41.93
CA GLN B 183 2.90 -3.10 -42.62
C GLN B 183 3.76 -1.97 -43.17
N SER B 184 4.03 -2.01 -44.47
CA SER B 184 4.98 -1.07 -45.07
C SER B 184 4.39 0.33 -45.26
N VAL B 185 3.10 0.42 -45.59
CA VAL B 185 2.49 1.71 -45.92
C VAL B 185 2.11 2.42 -44.63
N ARG B 186 2.45 3.70 -44.53
CA ARG B 186 2.12 4.44 -43.33
C ARG B 186 0.62 4.73 -43.28
N ARG B 187 0.11 4.85 -42.05
CA ARG B 187 -1.33 5.00 -41.84
C ARG B 187 -1.87 6.26 -42.51
N SER B 188 -1.12 7.37 -42.43
CA SER B 188 -1.51 8.61 -43.07
C SER B 188 -1.83 8.42 -44.54
N LEU B 189 -1.15 7.48 -45.20
CA LEU B 189 -1.42 7.13 -46.58
C LEU B 189 -2.50 6.05 -46.71
N LEU B 190 -2.60 5.18 -45.71
CA LEU B 190 -3.64 4.14 -45.75
C LEU B 190 -5.03 4.74 -45.79
N GLN B 191 -5.24 5.84 -45.05
CA GLN B 191 -6.53 6.52 -45.13
C GLN B 191 -6.83 6.95 -46.57
N LYS B 192 -5.87 7.61 -47.21
CA LYS B 192 -6.06 8.07 -48.58
C LYS B 192 -6.39 6.90 -49.50
N HIS B 193 -5.72 5.77 -49.31
CA HIS B 193 -6.07 4.58 -50.08
C HIS B 193 -7.53 4.21 -49.86
N GLY B 194 -8.00 4.24 -48.61
CA GLY B 194 -9.39 3.91 -48.35
C GLY B 194 -10.35 4.82 -49.08
N ARG B 195 -10.07 6.13 -49.08
CA ARG B 195 -10.93 7.04 -49.83
C ARG B 195 -10.91 6.71 -51.32
N ILE B 196 -9.73 6.42 -51.85
CA ILE B 196 -9.62 6.16 -53.28
C ILE B 196 -10.41 4.93 -53.67
N ARG B 197 -10.29 3.84 -52.88
CA ARG B 197 -11.07 2.65 -53.19
C ARG B 197 -12.56 2.89 -53.00
N ASP B 198 -12.95 3.83 -52.13
CA ASP B 198 -14.36 4.22 -52.09
C ASP B 198 -14.78 4.83 -53.41
N CYS B 199 -13.97 5.75 -53.95
CA CYS B 199 -14.29 6.39 -55.23
C CYS B 199 -14.34 5.37 -56.37
N LEU B 200 -13.32 4.52 -56.46
CA LEU B 200 -13.28 3.52 -57.53
C LEU B 200 -14.41 2.52 -57.42
N ALA B 201 -14.82 2.18 -56.18
CA ALA B 201 -15.97 1.30 -56.01
C ALA B 201 -17.25 1.97 -56.48
N GLN B 202 -17.46 3.24 -56.14
CA GLN B 202 -18.63 3.95 -56.60
C GLN B 202 -18.62 4.21 -58.11
N LEU B 203 -17.44 4.19 -58.74
CA LEU B 203 -17.38 4.38 -60.19
C LEU B 203 -17.72 3.09 -60.93
N TYR B 204 -17.12 1.97 -60.50
CA TYR B 204 -17.39 0.66 -61.09
C TYR B 204 -18.83 0.24 -60.81
N ALA B 205 -19.76 0.88 -61.50
CA ALA B 205 -21.20 0.69 -61.33
C ALA B 205 -21.89 1.38 -62.50
N LYS B 206 -23.17 1.05 -62.68
CA LYS B 206 -23.95 1.56 -63.81
C LYS B 206 -25.10 2.45 -63.38
N ASP B 207 -25.06 2.94 -62.13
CA ASP B 207 -26.05 3.88 -61.62
C ASP B 207 -25.44 5.27 -61.41
N ILE B 208 -24.50 5.65 -62.27
CA ILE B 208 -23.84 6.95 -62.15
C ILE B 208 -24.72 8.00 -62.82
N THR B 209 -25.06 9.04 -62.06
CA THR B 209 -25.76 10.19 -62.62
C THR B 209 -24.72 11.22 -63.03
N PRO B 210 -24.67 11.64 -64.31
CA PRO B 210 -23.53 12.40 -64.85
C PRO B 210 -22.77 13.32 -63.91
N ASP B 211 -23.49 14.15 -63.16
CA ASP B 211 -22.81 15.06 -62.22
C ASP B 211 -22.17 14.31 -61.06
N ASP B 212 -22.80 13.23 -60.59
CA ASP B 212 -22.17 12.39 -59.57
C ASP B 212 -20.86 11.81 -60.08
N LYS B 213 -20.86 11.33 -61.32
CA LYS B 213 -19.63 10.80 -61.91
C LYS B 213 -18.55 11.88 -62.01
N GLN B 214 -18.94 13.10 -62.41
CA GLN B 214 -17.97 14.19 -62.49
C GLN B 214 -17.43 14.57 -61.12
N GLU B 215 -18.28 14.59 -60.10
CA GLU B 215 -17.83 14.95 -58.76
C GLU B 215 -16.95 13.86 -58.17
N LEU B 216 -17.22 12.60 -58.48
CA LEU B 216 -16.31 11.53 -58.09
C LEU B 216 -15.00 11.60 -58.86
N ASP B 217 -15.05 12.08 -60.11
CA ASP B 217 -13.82 12.34 -60.86
C ASP B 217 -12.95 13.37 -60.14
N GLU B 218 -13.53 14.53 -59.83
CA GLU B 218 -12.81 15.54 -59.08
C GLU B 218 -12.32 15.00 -57.74
N ALA B 219 -13.15 14.18 -57.08
CA ALA B 219 -12.79 13.65 -55.76
C ALA B 219 -11.59 12.71 -55.85
N LEU B 220 -11.65 11.76 -56.78
CA LEU B 220 -10.56 10.81 -56.96
C LEU B 220 -9.29 11.53 -57.40
N GLN B 221 -9.43 12.54 -58.25
CA GLN B 221 -8.26 13.32 -58.66
C GLN B 221 -7.61 14.00 -57.46
N ARG B 222 -8.42 14.64 -56.61
CA ARG B 222 -7.84 15.36 -55.48
C ARG B 222 -7.31 14.40 -54.42
N GLU B 223 -7.86 13.20 -54.33
CA GLU B 223 -7.38 12.26 -53.34
C GLU B 223 -6.08 11.59 -53.79
N ILE B 224 -5.96 11.32 -55.09
CA ILE B 224 -4.67 10.89 -55.64
C ILE B 224 -3.62 11.98 -55.42
N GLN B 225 -3.98 13.22 -55.74
CA GLN B 225 -3.05 14.32 -55.53
C GLN B 225 -2.66 14.45 -54.05
N ALA B 226 -3.60 14.17 -53.15
CA ALA B 226 -3.29 14.26 -51.72
C ALA B 226 -2.37 13.14 -51.29
N ALA B 227 -2.60 11.92 -51.78
CA ALA B 227 -1.72 10.82 -51.44
C ALA B 227 -0.31 11.07 -51.95
N PHE B 228 -0.20 11.49 -53.21
CA PHE B 228 1.09 11.75 -53.83
C PHE B 228 1.80 12.95 -53.20
N ARG B 229 1.07 13.82 -52.51
CA ARG B 229 1.65 15.01 -51.88
C ARG B 229 2.04 14.77 -50.42
N THR B 230 1.92 13.53 -49.94
CA THR B 230 2.35 13.17 -48.59
C THR B 230 3.68 12.43 -48.67
N ASP B 231 4.54 12.70 -47.69
CA ASP B 231 5.82 11.98 -47.60
C ASP B 231 5.53 10.55 -47.15
N GLU B 232 5.76 9.59 -48.04
CA GLU B 232 5.44 8.20 -47.75
C GLU B 232 6.41 7.56 -46.78
N ILE B 233 7.47 8.28 -46.39
CA ILE B 233 8.56 7.74 -45.59
C ILE B 233 8.33 8.10 -44.14
N LYS B 234 8.18 7.10 -43.29
CA LYS B 234 8.23 7.36 -41.85
C LYS B 234 9.61 7.88 -41.47
N ARG B 235 9.67 9.12 -40.98
CA ARG B 235 10.93 9.73 -40.61
C ARG B 235 11.37 9.43 -39.18
N THR B 236 10.52 8.77 -38.40
CA THR B 236 10.90 8.27 -37.08
C THR B 236 10.09 7.00 -36.88
N PRO B 237 10.64 5.97 -36.25
CA PRO B 237 9.86 4.75 -36.04
C PRO B 237 8.79 4.98 -34.99
N PRO B 238 7.68 4.26 -35.07
CA PRO B 238 6.57 4.52 -34.16
C PRO B 238 6.85 4.03 -32.75
N THR B 239 6.02 4.48 -31.84
CA THR B 239 5.96 3.97 -30.49
C THR B 239 5.01 2.78 -30.43
N PRO B 240 5.06 1.99 -29.36
CA PRO B 240 4.07 0.90 -29.24
C PRO B 240 2.64 1.40 -29.20
N GLN B 241 2.40 2.53 -28.52
CA GLN B 241 1.06 3.09 -28.48
C GLN B 241 0.56 3.40 -29.88
N ASP B 242 1.43 3.93 -30.74
CA ASP B 242 1.04 4.17 -32.13
C ASP B 242 0.69 2.88 -32.84
N GLU B 243 1.46 1.81 -32.60
CA GLU B 243 1.12 0.54 -33.22
C GLU B 243 -0.25 0.09 -32.76
N MET B 244 -0.54 0.25 -31.47
CA MET B 244 -1.84 -0.17 -30.96
C MET B 244 -2.96 0.68 -31.54
N ARG B 245 -2.69 1.96 -31.78
CA ARG B 245 -3.68 2.82 -32.41
C ARG B 245 -3.96 2.35 -33.82
N ALA B 246 -2.91 2.08 -34.59
CA ALA B 246 -3.07 1.61 -35.96
C ALA B 246 -3.86 0.31 -36.00
N GLY B 247 -3.63 -0.56 -35.01
CA GLY B 247 -4.40 -1.80 -34.95
C GLY B 247 -5.86 -1.57 -34.61
N MET B 248 -6.13 -0.77 -33.58
CA MET B 248 -7.50 -0.56 -33.11
C MET B 248 -8.32 0.33 -34.04
N SER B 249 -7.69 1.04 -34.98
CA SER B 249 -8.44 1.88 -35.90
C SER B 249 -9.42 1.08 -36.73
N TYR B 250 -9.14 -0.19 -36.98
CA TYR B 250 -10.04 -1.00 -37.80
C TYR B 250 -11.35 -1.30 -37.09
N PHE B 251 -11.39 -1.15 -35.76
CA PHE B 251 -12.62 -1.35 -35.01
C PHE B 251 -13.62 -0.22 -35.25
N HIS B 252 -13.29 0.99 -34.81
CA HIS B 252 -14.22 2.12 -34.95
C HIS B 252 -14.28 2.58 -36.41
N GLU B 253 -14.01 1.67 -37.33
CA GLU B 253 -14.17 1.94 -38.76
C GLU B 253 -14.78 0.79 -39.53
N THR B 254 -14.63 -0.45 -39.08
CA THR B 254 -15.11 -1.58 -39.88
C THR B 254 -15.57 -2.74 -39.01
N ILE B 255 -14.72 -3.17 -38.08
CA ILE B 255 -15.03 -4.37 -37.29
C ILE B 255 -16.27 -4.14 -36.44
N TRP B 256 -16.40 -2.96 -35.85
CA TRP B 256 -17.46 -2.70 -34.87
C TRP B 256 -18.85 -2.92 -35.46
N LYS B 257 -19.07 -2.41 -36.67
CA LYS B 257 -20.31 -2.69 -37.39
C LYS B 257 -20.24 -3.97 -38.21
N GLY B 258 -19.04 -4.48 -38.47
CA GLY B 258 -18.92 -5.67 -39.30
C GLY B 258 -19.33 -6.94 -38.59
N VAL B 259 -19.01 -7.04 -37.29
CA VAL B 259 -19.37 -8.25 -36.54
C VAL B 259 -20.87 -8.49 -36.51
N PRO B 260 -21.73 -7.52 -36.13
CA PRO B 260 -23.18 -7.80 -36.15
C PRO B 260 -23.70 -8.15 -37.52
N LYS B 261 -23.23 -7.48 -38.57
CA LYS B 261 -23.66 -7.80 -39.93
C LYS B 261 -23.33 -9.25 -40.27
N PHE B 262 -22.11 -9.69 -39.94
CA PHE B 262 -21.70 -11.07 -40.21
C PHE B 262 -22.59 -12.07 -39.49
N LEU B 263 -22.82 -11.84 -38.19
CA LEU B 263 -23.71 -12.74 -37.46
C LEU B 263 -25.10 -12.77 -38.09
N ARG B 264 -25.60 -11.62 -38.55
CA ARG B 264 -26.90 -11.59 -39.22
C ARG B 264 -26.90 -12.46 -40.47
N ARG B 265 -25.80 -12.42 -41.23
CA ARG B 265 -25.71 -13.26 -42.44
C ARG B 265 -25.70 -14.73 -42.07
N VAL B 266 -24.99 -15.09 -40.99
CA VAL B 266 -25.01 -16.46 -40.50
C VAL B 266 -26.43 -16.87 -40.15
N ASP B 267 -27.19 -15.96 -39.54
CA ASP B 267 -28.59 -16.25 -39.24
C ASP B 267 -29.37 -16.52 -40.52
N THR B 268 -29.11 -15.73 -41.57
CA THR B 268 -29.80 -15.93 -42.84
C THR B 268 -29.50 -17.31 -43.42
N ALA B 269 -28.22 -17.71 -43.42
CA ALA B 269 -27.87 -19.03 -43.93
C ALA B 269 -28.55 -20.14 -43.12
N LEU B 270 -28.53 -20.01 -41.79
CA LEU B 270 -29.19 -21.03 -40.95
C LEU B 270 -30.67 -21.12 -41.27
N LYS B 271 -31.31 -19.99 -41.56
CA LYS B 271 -32.71 -20.03 -41.99
C LYS B 271 -32.85 -20.60 -43.39
N ASN B 272 -31.80 -20.53 -44.20
CA ASN B 272 -31.80 -21.19 -45.50
C ASN B 272 -31.54 -22.68 -45.40
N ILE B 273 -31.19 -23.19 -44.22
CA ILE B 273 -31.12 -24.62 -44.00
C ILE B 273 -32.33 -25.16 -43.22
N GLY B 274 -33.21 -24.28 -42.77
CA GLY B 274 -34.39 -24.69 -42.04
C GLY B 274 -34.32 -24.49 -40.54
N ILE B 275 -33.34 -23.74 -40.05
CA ILE B 275 -33.14 -23.54 -38.62
C ILE B 275 -33.69 -22.15 -38.29
N GLU B 276 -34.97 -22.12 -37.92
CA GLU B 276 -35.60 -20.85 -37.55
C GLU B 276 -34.89 -20.19 -36.38
N GLU B 277 -34.28 -20.98 -35.51
CA GLU B 277 -33.51 -20.44 -34.38
C GLU B 277 -32.36 -19.58 -34.89
N ARG B 278 -31.85 -18.73 -34.00
CA ARG B 278 -30.80 -17.77 -34.33
C ARG B 278 -29.54 -18.11 -33.56
N VAL B 279 -28.41 -17.59 -34.03
CA VAL B 279 -27.16 -17.83 -33.29
C VAL B 279 -27.23 -17.09 -31.96
N PRO B 280 -26.94 -17.73 -30.84
CA PRO B 280 -27.01 -17.04 -29.54
C PRO B 280 -26.15 -15.79 -29.52
N TYR B 281 -26.70 -14.70 -28.98
CA TYR B 281 -25.97 -13.45 -28.91
C TYR B 281 -24.68 -13.61 -28.11
N ASN B 282 -24.72 -14.43 -27.06
CA ASN B 282 -23.54 -14.69 -26.23
C ASN B 282 -22.67 -15.83 -26.77
N ALA B 283 -23.10 -16.49 -27.84
CA ALA B 283 -22.28 -17.52 -28.47
C ALA B 283 -21.02 -16.88 -29.02
N PRO B 284 -19.84 -17.36 -28.65
CA PRO B 284 -18.59 -16.70 -29.06
C PRO B 284 -18.03 -17.22 -30.39
N LEU B 285 -18.72 -16.89 -31.48
CA LEU B 285 -18.29 -17.36 -32.81
C LEU B 285 -16.98 -16.70 -33.25
N ILE B 286 -16.79 -15.43 -32.93
CA ILE B 286 -15.55 -14.72 -33.24
C ILE B 286 -15.14 -13.88 -32.04
N GLN B 287 -13.84 -13.79 -31.82
CA GLN B 287 -13.29 -12.97 -30.75
C GLN B 287 -12.05 -12.27 -31.28
N PHE B 288 -11.62 -11.23 -30.58
CA PHE B 288 -10.43 -10.48 -30.95
C PHE B 288 -9.51 -10.31 -29.75
N SER B 289 -8.25 -10.68 -29.94
CA SER B 289 -7.19 -10.40 -28.98
C SER B 289 -6.16 -9.49 -29.66
N SER B 290 -5.25 -8.93 -28.85
CA SER B 290 -4.22 -8.05 -29.37
C SER B 290 -2.90 -8.36 -28.70
N TRP B 291 -1.81 -8.14 -29.44
CA TRP B 291 -0.47 -8.12 -28.88
C TRP B 291 0.09 -6.72 -28.76
N MET B 292 -0.49 -5.75 -29.47
CA MET B 292 -0.05 -4.36 -29.44
C MET B 292 0.03 -3.80 -28.03
N GLY B 293 1.25 -3.53 -27.56
CA GLY B 293 1.46 -3.08 -26.20
C GLY B 293 1.67 -4.20 -25.20
N GLY B 294 1.57 -5.45 -25.64
CA GLY B 294 1.77 -6.59 -24.74
C GLY B 294 2.99 -7.42 -25.05
N ASP B 295 3.26 -7.64 -26.34
CA ASP B 295 4.42 -8.42 -26.73
C ASP B 295 5.68 -7.60 -26.51
N ARG B 296 6.48 -7.98 -25.52
CA ARG B 296 7.72 -7.27 -25.19
C ARG B 296 8.95 -8.12 -25.48
N ASP B 297 8.80 -9.19 -26.25
CA ASP B 297 9.90 -10.11 -26.52
C ASP B 297 10.91 -9.45 -27.43
N GLY B 298 12.09 -9.13 -26.88
CA GLY B 298 13.09 -8.46 -27.69
C GLY B 298 12.77 -7.03 -28.04
N ASN B 299 11.76 -6.45 -27.39
CA ASN B 299 11.34 -5.07 -27.64
C ASN B 299 11.32 -4.35 -26.30
N PRO B 300 12.43 -3.74 -25.90
CA PRO B 300 12.46 -3.01 -24.63
C PRO B 300 11.59 -1.76 -24.61
N ARG B 301 11.10 -1.30 -25.77
CA ARG B 301 10.26 -0.11 -25.79
C ARG B 301 8.85 -0.39 -25.29
N VAL B 302 8.43 -1.65 -25.29
CA VAL B 302 7.17 -2.04 -24.67
C VAL B 302 7.39 -2.13 -23.17
N THR B 303 7.30 -1.00 -22.48
CA THR B 303 7.49 -0.94 -21.03
C THR B 303 6.18 -1.32 -20.35
N PRO B 304 6.20 -1.52 -19.03
CA PRO B 304 4.93 -1.69 -18.32
C PRO B 304 3.97 -0.52 -18.49
N GLU B 305 4.49 0.72 -18.45
CA GLU B 305 3.61 1.86 -18.66
C GLU B 305 2.98 1.85 -20.04
N VAL B 306 3.65 1.25 -21.01
CA VAL B 306 3.05 1.09 -22.33
C VAL B 306 1.85 0.16 -22.25
N THR B 307 1.98 -0.96 -21.52
CA THR B 307 0.87 -1.90 -21.38
C THR B 307 -0.32 -1.28 -20.66
N ARG B 308 -0.06 -0.57 -19.55
CA ARG B 308 -1.11 0.24 -18.93
C ARG B 308 -1.76 1.15 -19.95
N ASP B 309 -0.94 1.86 -20.73
CA ASP B 309 -1.46 2.83 -21.69
C ASP B 309 -2.39 2.16 -22.70
N VAL B 310 -1.97 1.03 -23.27
CA VAL B 310 -2.78 0.42 -24.31
C VAL B 310 -4.05 -0.19 -23.73
N CYS B 311 -4.00 -0.62 -22.46
CA CYS B 311 -5.20 -1.19 -21.85
C CYS B 311 -6.23 -0.09 -21.53
N LEU B 312 -5.79 0.99 -20.90
CA LEU B 312 -6.68 2.12 -20.67
C LEU B 312 -7.21 2.67 -21.99
N LEU B 313 -6.33 2.75 -23.00
CA LEU B 313 -6.71 3.21 -24.32
C LEU B 313 -7.88 2.39 -24.87
N ALA B 314 -7.65 1.10 -25.08
CA ALA B 314 -8.71 0.25 -25.65
C ALA B 314 -9.99 0.35 -24.83
N ARG B 315 -9.87 0.44 -23.50
CA ARG B 315 -11.07 0.52 -22.66
C ARG B 315 -11.85 1.80 -22.96
N MET B 316 -11.14 2.92 -23.13
CA MET B 316 -11.81 4.18 -23.37
C MET B 316 -12.46 4.18 -24.74
N MET B 317 -11.80 3.55 -25.72
CA MET B 317 -12.41 3.43 -27.04
C MET B 317 -13.73 2.67 -26.95
N ALA B 318 -13.72 1.50 -26.31
CA ALA B 318 -14.95 0.73 -26.15
C ALA B 318 -16.06 1.56 -25.48
N ALA B 319 -15.74 2.20 -24.36
CA ALA B 319 -16.74 3.00 -23.66
C ALA B 319 -17.33 4.07 -24.57
N THR B 320 -16.48 4.72 -25.38
CA THR B 320 -16.98 5.73 -26.31
C THR B 320 -17.92 5.13 -27.34
N MET B 321 -17.56 3.98 -27.93
CA MET B 321 -18.40 3.38 -28.95
C MET B 321 -19.77 3.01 -28.39
N TYR B 322 -19.78 2.30 -27.25
CA TYR B 322 -21.06 1.95 -26.64
C TYR B 322 -21.88 3.21 -26.37
N PHE B 323 -21.23 4.28 -25.92
CA PHE B 323 -21.99 5.48 -25.58
C PHE B 323 -22.61 6.10 -26.82
N ASN B 324 -21.88 6.12 -27.94
CA ASN B 324 -22.47 6.64 -29.17
C ASN B 324 -23.64 5.77 -29.65
N GLN B 325 -23.59 4.46 -29.39
CA GLN B 325 -24.68 3.58 -29.84
C GLN B 325 -25.94 3.77 -28.98
N ILE B 326 -25.76 4.01 -27.68
CA ILE B 326 -26.83 3.76 -26.73
C ILE B 326 -27.99 4.76 -26.90
N GLU B 327 -27.70 5.98 -27.35
CA GLU B 327 -28.78 6.97 -27.45
C GLU B 327 -29.75 6.61 -28.57
N ASP B 328 -29.22 6.17 -29.71
CA ASP B 328 -30.08 5.76 -30.81
C ASP B 328 -30.86 4.51 -30.46
N LEU B 329 -30.22 3.58 -29.74
CA LEU B 329 -30.98 2.43 -29.28
C LEU B 329 -32.13 2.87 -28.37
N MET B 330 -31.89 3.84 -27.49
CA MET B 330 -32.97 4.36 -26.65
C MET B 330 -34.10 4.93 -27.48
N PHE B 331 -33.76 5.64 -28.56
CA PHE B 331 -34.81 6.20 -29.40
C PHE B 331 -35.67 5.11 -30.04
N GLU B 332 -35.06 3.98 -30.41
CA GLU B 332 -35.88 2.97 -31.09
C GLU B 332 -36.79 2.17 -30.14
N MET B 333 -36.29 1.75 -28.98
CA MET B 333 -37.07 0.89 -28.08
C MET B 333 -38.23 1.61 -27.41
N SER B 334 -39.22 2.04 -28.19
CA SER B 334 -40.29 2.89 -27.69
C SER B 334 -41.59 2.12 -27.44
N MET B 335 -41.50 0.81 -27.30
CA MET B 335 -42.69 0.04 -26.98
C MET B 335 -43.13 0.30 -25.54
N TRP B 336 -44.36 -0.09 -25.25
CA TRP B 336 -44.95 0.03 -23.93
C TRP B 336 -45.34 -1.31 -23.32
N ARG B 337 -45.25 -2.40 -24.06
CA ARG B 337 -45.50 -3.74 -23.54
C ARG B 337 -44.20 -4.35 -23.04
N CYS B 338 -44.23 -4.92 -21.83
CA CYS B 338 -43.11 -5.66 -21.27
C CYS B 338 -43.66 -6.76 -20.38
N ASN B 339 -42.77 -7.60 -19.84
CA ASN B 339 -43.18 -8.61 -18.88
C ASN B 339 -43.51 -7.96 -17.54
N ASP B 340 -43.96 -8.79 -16.60
CA ASP B 340 -43.97 -8.38 -15.21
C ASP B 340 -42.55 -8.16 -14.70
N GLU B 341 -41.60 -8.91 -15.24
CA GLU B 341 -40.20 -8.79 -14.85
C GLU B 341 -39.64 -7.41 -15.18
N LEU B 342 -39.60 -7.09 -16.47
CA LEU B 342 -39.08 -5.78 -16.88
C LEU B 342 -39.90 -4.64 -16.30
N ARG B 343 -41.21 -4.85 -16.14
CA ARG B 343 -42.03 -3.87 -15.44
C ARG B 343 -41.48 -3.60 -14.03
N ALA B 344 -41.21 -4.66 -13.27
CA ALA B 344 -40.69 -4.49 -11.92
C ALA B 344 -39.35 -3.77 -11.93
N ARG B 345 -38.45 -4.18 -12.83
CA ARG B 345 -37.13 -3.57 -12.86
C ARG B 345 -37.19 -2.10 -13.29
N ALA B 346 -37.98 -1.79 -14.32
CA ALA B 346 -38.13 -0.40 -14.75
C ALA B 346 -38.74 0.44 -13.64
N ASP B 347 -39.70 -0.13 -12.90
CA ASP B 347 -40.23 0.59 -11.74
C ASP B 347 -39.14 0.85 -10.70
N GLU B 348 -38.25 -0.13 -10.52
CA GLU B 348 -37.11 0.05 -9.61
C GLU B 348 -36.25 1.23 -10.03
N VAL B 349 -35.88 1.29 -11.31
CA VAL B 349 -35.07 2.40 -11.80
C VAL B 349 -35.81 3.72 -11.62
N HIS B 350 -37.12 3.73 -11.90
CA HIS B 350 -37.90 4.96 -11.75
C HIS B 350 -38.04 5.39 -10.30
N ALA B 351 -37.84 4.47 -9.35
CA ALA B 351 -37.81 4.86 -7.95
C ALA B 351 -36.60 5.73 -7.66
N ASN B 352 -35.41 5.23 -7.94
CA ASN B 352 -34.18 6.01 -7.85
C ASN B 352 -33.90 6.75 -9.15
N SER B 353 -34.91 7.46 -9.66
CA SER B 353 -34.80 8.09 -10.96
C SER B 353 -34.01 9.38 -10.94
N ARG B 354 -33.71 9.92 -9.75
CA ARG B 354 -33.00 11.20 -9.63
C ARG B 354 -33.78 12.27 -10.39
N LYS B 355 -34.85 12.78 -9.78
CA LYS B 355 -35.59 13.87 -10.40
C LYS B 355 -34.73 15.12 -10.45
N ASP B 356 -33.98 15.27 -11.55
CA ASP B 356 -33.01 16.35 -11.69
C ASP B 356 -33.09 16.90 -13.11
N ALA B 357 -32.29 17.94 -13.36
CA ALA B 357 -32.24 18.48 -14.71
C ALA B 357 -31.52 17.54 -15.66
N ALA B 358 -30.41 16.94 -15.21
CA ALA B 358 -29.62 15.99 -16.00
C ALA B 358 -29.26 16.60 -17.36
N LYS B 359 -28.73 17.82 -17.31
CA LYS B 359 -28.49 18.58 -18.53
C LYS B 359 -27.18 18.23 -19.21
N HIS B 360 -26.37 17.32 -18.67
CA HIS B 360 -25.13 17.01 -19.36
C HIS B 360 -25.39 16.22 -20.63
N TYR B 361 -26.48 15.48 -20.68
CA TYR B 361 -26.90 14.86 -21.93
C TYR B 361 -27.58 15.88 -22.83
N ILE B 362 -27.62 15.56 -24.12
CA ILE B 362 -28.36 16.36 -25.10
C ILE B 362 -29.79 15.85 -25.20
N GLU B 363 -29.97 14.57 -25.51
CA GLU B 363 -31.29 13.98 -25.62
C GLU B 363 -31.70 13.29 -24.32
N PHE B 364 -33.01 13.20 -24.10
CA PHE B 364 -33.58 12.52 -22.93
C PHE B 364 -33.04 13.08 -21.61
N TRP B 365 -32.92 14.40 -21.51
CA TRP B 365 -32.44 14.96 -20.26
C TRP B 365 -33.52 15.01 -19.19
N LYS B 366 -34.77 14.77 -19.55
CA LYS B 366 -35.86 14.71 -18.60
C LYS B 366 -35.99 13.30 -18.06
N SER B 367 -36.49 13.20 -16.83
CA SER B 367 -36.72 11.89 -16.22
C SER B 367 -37.64 11.05 -17.10
N ILE B 368 -37.17 9.86 -17.46
CA ILE B 368 -37.87 9.05 -18.46
C ILE B 368 -39.12 8.43 -17.82
N PRO B 369 -40.29 8.62 -18.41
CA PRO B 369 -41.51 8.09 -17.81
C PRO B 369 -41.60 6.58 -17.98
N THR B 370 -42.32 5.95 -17.05
CA THR B 370 -42.50 4.50 -17.06
C THR B 370 -43.40 4.04 -18.20
N THR B 371 -44.01 4.97 -18.94
CA THR B 371 -44.84 4.59 -20.09
C THR B 371 -44.03 3.77 -21.09
N GLU B 372 -42.75 4.10 -21.24
CA GLU B 372 -41.82 3.43 -22.13
C GLU B 372 -40.73 2.72 -21.32
N PRO B 373 -40.96 1.49 -20.86
CA PRO B 373 -40.06 0.90 -19.86
C PRO B 373 -38.67 0.58 -20.40
N TYR B 374 -38.60 0.12 -21.65
CA TYR B 374 -37.30 -0.11 -22.28
C TYR B 374 -36.45 1.13 -22.24
N ARG B 375 -37.07 2.30 -22.43
CA ARG B 375 -36.33 3.56 -22.33
C ARG B 375 -35.82 3.80 -20.93
N VAL B 376 -36.57 3.39 -19.90
CA VAL B 376 -36.07 3.52 -18.53
C VAL B 376 -34.81 2.69 -18.34
N ILE B 377 -34.88 1.40 -18.68
CA ILE B 377 -33.74 0.52 -18.45
C ILE B 377 -32.54 0.97 -19.26
N LEU B 378 -32.73 1.17 -20.57
CA LEU B 378 -31.64 1.64 -21.40
C LEU B 378 -31.14 3.01 -20.98
N GLY B 379 -32.00 3.83 -20.36
CA GLY B 379 -31.53 5.08 -19.79
C GLY B 379 -30.54 4.86 -18.66
N ASP B 380 -30.78 3.86 -17.82
CA ASP B 380 -29.79 3.52 -16.80
C ASP B 380 -28.51 3.01 -17.44
N VAL B 381 -28.63 2.16 -18.48
CA VAL B 381 -27.45 1.71 -19.22
C VAL B 381 -26.66 2.90 -19.76
N ARG B 382 -27.37 3.93 -20.23
CA ARG B 382 -26.70 5.15 -20.67
C ARG B 382 -25.97 5.84 -19.53
N ASP B 383 -26.59 5.88 -18.34
CA ASP B 383 -25.92 6.53 -17.22
C ASP B 383 -24.60 5.84 -16.88
N LYS B 384 -24.64 4.50 -16.75
CA LYS B 384 -23.44 3.77 -16.40
C LYS B 384 -22.42 3.80 -17.53
N LEU B 385 -22.88 3.93 -18.78
CA LEU B 385 -21.95 4.12 -19.88
C LEU B 385 -21.27 5.48 -19.81
N TYR B 386 -22.03 6.54 -19.54
CA TYR B 386 -21.44 7.86 -19.43
C TYR B 386 -20.37 7.86 -18.35
N HIS B 387 -20.67 7.25 -17.21
CA HIS B 387 -19.69 7.27 -16.14
C HIS B 387 -18.51 6.33 -16.42
N THR B 388 -18.74 5.23 -17.14
CA THR B 388 -17.64 4.39 -17.58
C THR B 388 -16.70 5.17 -18.49
N ARG B 389 -17.27 5.89 -19.46
CA ARG B 389 -16.44 6.65 -20.40
C ARG B 389 -15.67 7.75 -19.70
N GLU B 390 -16.35 8.53 -18.86
CA GLU B 390 -15.68 9.61 -18.15
C GLU B 390 -14.59 9.08 -17.23
N ARG B 391 -14.84 7.94 -16.59
CA ARG B 391 -13.83 7.35 -15.71
C ARG B 391 -12.60 6.93 -16.51
N ALA B 392 -12.78 6.13 -17.56
CA ALA B 392 -11.63 5.70 -18.37
C ALA B 392 -10.90 6.88 -18.97
N HIS B 393 -11.63 7.94 -19.32
CA HIS B 393 -11.02 9.15 -19.86
C HIS B 393 -10.15 9.85 -18.84
N GLN B 394 -10.60 9.92 -17.59
CA GLN B 394 -9.77 10.53 -16.55
C GLN B 394 -8.60 9.62 -16.17
N LEU B 395 -8.87 8.32 -15.99
CA LEU B 395 -7.83 7.35 -15.72
C LEU B 395 -6.70 7.41 -16.75
N LEU B 396 -7.06 7.61 -18.02
CA LEU B 396 -6.05 7.73 -19.07
C LEU B 396 -5.39 9.11 -19.03
N SER B 397 -6.21 10.17 -19.00
CA SER B 397 -5.69 11.54 -19.03
C SER B 397 -4.81 11.82 -17.81
N ASN B 398 -5.35 11.62 -16.62
CA ASN B 398 -4.57 11.75 -15.40
C ASN B 398 -4.10 10.37 -14.96
N GLY B 399 -3.74 10.22 -13.69
CA GLY B 399 -3.39 8.95 -13.11
C GLY B 399 -4.48 8.35 -12.26
N HIS B 400 -5.67 8.95 -12.23
CA HIS B 400 -6.70 8.61 -11.26
C HIS B 400 -8.01 9.23 -11.73
N SER B 401 -9.09 8.84 -11.07
CA SER B 401 -10.41 9.39 -11.36
C SER B 401 -11.22 9.40 -10.07
N ASP B 402 -12.06 10.41 -9.92
CA ASP B 402 -12.99 10.49 -8.79
C ASP B 402 -14.32 9.82 -9.07
N VAL B 403 -14.56 9.37 -10.30
CA VAL B 403 -15.81 8.70 -10.66
C VAL B 403 -15.94 7.39 -9.88
N PRO B 404 -17.01 7.18 -9.13
CA PRO B 404 -17.13 5.96 -8.32
C PRO B 404 -17.22 4.73 -9.18
N VAL B 405 -16.57 3.65 -8.72
CA VAL B 405 -16.59 2.41 -9.48
C VAL B 405 -18.00 1.82 -9.50
N GLU B 406 -18.76 1.99 -8.42
CA GLU B 406 -20.13 1.50 -8.37
C GLU B 406 -21.04 2.21 -9.36
N ALA B 407 -20.63 3.38 -9.84
CA ALA B 407 -21.36 4.13 -10.86
C ALA B 407 -21.06 3.67 -12.27
N THR B 408 -20.07 2.79 -12.46
CA THR B 408 -19.65 2.35 -13.80
C THR B 408 -20.05 0.90 -14.03
N PHE B 409 -19.69 0.40 -15.21
CA PHE B 409 -19.82 -1.01 -15.53
C PHE B 409 -18.47 -1.65 -15.25
N ILE B 410 -18.43 -2.56 -14.26
CA ILE B 410 -17.18 -3.20 -13.87
C ILE B 410 -17.16 -4.62 -14.41
N ASN B 411 -18.34 -5.23 -14.57
CA ASN B 411 -18.46 -6.61 -15.04
C ASN B 411 -18.61 -6.66 -16.56
N LEU B 412 -18.18 -7.79 -17.12
CA LEU B 412 -18.40 -8.05 -18.56
C LEU B 412 -19.88 -8.13 -18.89
N GLU B 413 -20.73 -8.42 -17.90
CA GLU B 413 -22.13 -8.70 -18.12
C GLU B 413 -23.04 -8.04 -17.09
N GLN B 414 -22.51 -7.26 -16.16
CA GLN B 414 -23.31 -6.19 -15.58
C GLN B 414 -23.93 -5.36 -16.68
N PHE B 415 -23.12 -5.08 -17.72
CA PHE B 415 -23.60 -4.46 -18.94
C PHE B 415 -24.66 -5.31 -19.64
N LEU B 416 -24.42 -6.62 -19.72
CA LEU B 416 -25.29 -7.52 -20.50
C LEU B 416 -26.65 -7.74 -19.85
N GLU B 417 -26.72 -7.76 -18.52
CA GLU B 417 -27.95 -8.05 -17.77
C GLU B 417 -29.13 -7.20 -18.23
N PRO B 418 -29.04 -5.85 -18.24
CA PRO B 418 -30.21 -5.06 -18.68
C PRO B 418 -30.61 -5.33 -20.13
N LEU B 419 -29.62 -5.48 -21.03
CA LEU B 419 -29.94 -5.76 -22.42
C LEU B 419 -30.54 -7.16 -22.58
N GLU B 420 -30.05 -8.14 -21.81
CA GLU B 420 -30.67 -9.46 -21.80
C GLU B 420 -32.13 -9.37 -21.35
N LEU B 421 -32.40 -8.56 -20.33
CA LEU B 421 -33.76 -8.40 -19.84
C LEU B 421 -34.64 -7.80 -20.93
N CYS B 422 -34.15 -6.75 -21.60
CA CYS B 422 -34.90 -6.17 -22.70
C CYS B 422 -35.21 -7.21 -23.78
N TYR B 423 -34.25 -8.11 -24.05
CA TYR B 423 -34.50 -9.11 -25.08
C TYR B 423 -35.58 -10.11 -24.65
N ARG B 424 -35.46 -10.65 -23.43
CA ARG B 424 -36.50 -11.55 -22.91
C ARG B 424 -37.86 -10.88 -22.96
N SER B 425 -37.92 -9.61 -22.58
CA SER B 425 -39.17 -8.87 -22.61
C SER B 425 -39.75 -8.83 -24.02
N LEU B 426 -38.94 -8.41 -25.00
CA LEU B 426 -39.44 -8.32 -26.36
C LEU B 426 -39.91 -9.67 -26.89
N CYS B 427 -39.19 -10.75 -26.58
CA CYS B 427 -39.63 -12.07 -27.04
C CYS B 427 -40.94 -12.49 -26.40
N SER B 428 -41.09 -12.25 -25.08
CA SER B 428 -42.33 -12.66 -24.41
C SER B 428 -43.54 -11.94 -24.97
N CYS B 429 -43.40 -10.68 -25.32
CA CYS B 429 -44.52 -9.88 -25.78
C CYS B 429 -44.75 -9.99 -27.29
N GLY B 430 -44.11 -10.96 -27.95
CA GLY B 430 -44.32 -11.15 -29.37
C GLY B 430 -43.47 -10.31 -30.28
N ASP B 431 -42.53 -9.53 -29.73
CA ASP B 431 -41.69 -8.63 -30.51
C ASP B 431 -40.33 -9.22 -30.81
N ARG B 432 -40.25 -10.53 -31.04
CA ARG B 432 -38.96 -11.13 -31.41
C ARG B 432 -38.35 -10.52 -32.67
N PRO B 433 -39.11 -10.11 -33.70
CA PRO B 433 -38.45 -9.39 -34.80
C PRO B 433 -37.73 -8.12 -34.36
N ILE B 434 -38.38 -7.30 -33.52
CA ILE B 434 -37.75 -6.08 -33.02
C ILE B 434 -36.51 -6.41 -32.21
N ALA B 435 -36.58 -7.45 -31.38
CA ALA B 435 -35.42 -7.83 -30.57
C ALA B 435 -34.25 -8.27 -31.44
N ASP B 436 -34.55 -8.97 -32.54
CA ASP B 436 -33.51 -9.41 -33.47
C ASP B 436 -33.08 -8.31 -34.44
N GLY B 437 -32.97 -7.08 -33.96
CA GLY B 437 -32.53 -5.97 -34.78
C GLY B 437 -31.38 -5.21 -34.14
N SER B 438 -31.60 -3.91 -33.89
CA SER B 438 -30.55 -3.12 -33.26
C SER B 438 -30.18 -3.66 -31.89
N LEU B 439 -31.16 -4.17 -31.14
CA LEU B 439 -30.86 -4.73 -29.82
C LEU B 439 -29.98 -5.97 -29.93
N LEU B 440 -30.22 -6.80 -30.94
CA LEU B 440 -29.40 -7.99 -31.14
C LEU B 440 -28.01 -7.61 -31.63
N ASP B 441 -27.92 -6.63 -32.52
CA ASP B 441 -26.62 -6.11 -32.92
C ASP B 441 -25.83 -5.63 -31.71
N PHE B 442 -26.49 -4.88 -30.83
CA PHE B 442 -25.84 -4.36 -29.63
C PHE B 442 -25.44 -5.48 -28.69
N LEU B 443 -26.33 -6.46 -28.49
CA LEU B 443 -26.02 -7.62 -27.67
C LEU B 443 -24.75 -8.32 -28.17
N ARG B 444 -24.69 -8.57 -29.48
CA ARG B 444 -23.52 -9.24 -30.03
C ARG B 444 -22.27 -8.38 -29.89
N GLN B 445 -22.42 -7.07 -30.05
CA GLN B 445 -21.28 -6.17 -29.87
C GLN B 445 -20.73 -6.24 -28.46
N VAL B 446 -21.61 -6.27 -27.47
CA VAL B 446 -21.17 -6.35 -26.08
C VAL B 446 -20.51 -7.70 -25.82
N SER B 447 -21.18 -8.78 -26.19
CA SER B 447 -20.67 -10.11 -25.91
C SER B 447 -19.50 -10.50 -26.81
N THR B 448 -19.10 -9.65 -27.73
CA THR B 448 -17.95 -9.92 -28.59
C THR B 448 -16.77 -9.00 -28.29
N PHE B 449 -17.03 -7.73 -28.02
CA PHE B 449 -15.98 -6.75 -27.76
C PHE B 449 -15.83 -6.41 -26.28
N GLY B 450 -16.84 -6.67 -25.47
CA GLY B 450 -16.77 -6.41 -24.04
C GLY B 450 -16.42 -4.98 -23.68
N LEU B 451 -15.95 -4.79 -22.45
CA LEU B 451 -15.66 -3.45 -21.95
C LEU B 451 -14.34 -2.91 -22.49
N SER B 452 -13.50 -3.77 -23.03
CA SER B 452 -12.24 -3.34 -23.64
C SER B 452 -12.11 -4.13 -24.93
N LEU B 453 -12.14 -3.43 -26.06
CA LEU B 453 -12.32 -4.02 -27.39
C LEU B 453 -11.58 -5.34 -27.60
N VAL B 454 -10.36 -5.46 -27.07
CA VAL B 454 -9.56 -6.66 -27.26
C VAL B 454 -8.92 -7.05 -25.94
N ARG B 455 -8.82 -8.35 -25.70
CA ARG B 455 -8.02 -8.87 -24.59
C ARG B 455 -6.54 -8.89 -24.99
N LEU B 456 -5.69 -8.31 -24.15
CA LEU B 456 -4.28 -8.14 -24.47
C LEU B 456 -3.46 -9.34 -24.00
N ASP B 457 -2.60 -9.84 -24.87
CA ASP B 457 -1.65 -10.88 -24.51
C ASP B 457 -0.34 -10.24 -24.05
N ILE B 458 0.35 -10.91 -23.15
CA ILE B 458 1.68 -10.53 -22.71
C ILE B 458 2.62 -11.63 -23.14
N ARG B 459 3.74 -11.28 -23.75
CA ARG B 459 4.72 -12.28 -24.15
C ARG B 459 6.07 -11.91 -23.59
N GLN B 460 6.83 -12.93 -23.18
CA GLN B 460 8.17 -12.65 -22.66
C GLN B 460 9.00 -13.91 -22.80
N GLU B 461 10.29 -13.73 -23.07
CA GLU B 461 11.18 -14.87 -23.20
C GLU B 461 11.47 -15.48 -21.83
N SER B 462 11.57 -16.81 -21.82
CA SER B 462 11.73 -17.52 -20.56
C SER B 462 12.95 -17.05 -19.78
N ASP B 463 14.05 -16.75 -20.47
CA ASP B 463 15.30 -16.37 -19.80
C ASP B 463 15.12 -15.18 -18.87
N ARG B 464 14.17 -14.29 -19.15
CA ARG B 464 13.94 -13.17 -18.25
C ARG B 464 13.31 -13.65 -16.94
N HIS B 465 12.38 -14.59 -17.02
CA HIS B 465 11.82 -15.17 -15.82
C HIS B 465 12.91 -15.93 -15.06
N THR B 466 13.82 -16.56 -15.78
CA THR B 466 14.93 -17.25 -15.12
C THR B 466 15.84 -16.28 -14.40
N ASP B 467 16.11 -15.13 -15.02
CA ASP B 467 16.88 -14.08 -14.36
C ASP B 467 16.19 -13.61 -13.08
N VAL B 468 14.87 -13.40 -13.13
CA VAL B 468 14.15 -12.96 -11.94
C VAL B 468 14.30 -14.00 -10.83
N LEU B 469 13.94 -15.24 -11.13
CA LEU B 469 13.96 -16.28 -10.10
C LEU B 469 15.37 -16.46 -9.55
N ASP B 470 16.39 -16.36 -10.41
CA ASP B 470 17.76 -16.46 -9.93
C ASP B 470 18.08 -15.35 -8.94
N ALA B 471 17.64 -14.13 -9.25
CA ALA B 471 17.83 -13.04 -8.31
C ALA B 471 17.13 -13.35 -6.99
N ILE B 472 15.97 -13.99 -7.07
CA ILE B 472 15.17 -14.27 -5.87
C ILE B 472 15.84 -15.35 -5.02
N THR B 473 16.41 -16.38 -5.64
CA THR B 473 17.05 -17.43 -4.84
C THR B 473 18.40 -16.95 -4.29
N THR B 474 19.15 -16.19 -5.07
CA THR B 474 20.42 -15.67 -4.57
C THR B 474 20.20 -14.70 -3.41
N HIS B 475 19.23 -13.78 -3.55
CA HIS B 475 18.97 -12.87 -2.45
C HIS B 475 18.42 -13.58 -1.22
N LEU B 476 17.71 -14.68 -1.42
CA LEU B 476 17.25 -15.52 -0.31
C LEU B 476 18.33 -16.45 0.20
N ASP B 477 19.52 -16.43 -0.40
CA ASP B 477 20.65 -17.28 -0.01
C ASP B 477 20.27 -18.75 0.07
N ILE B 478 19.72 -19.27 -1.02
CA ILE B 478 19.33 -20.67 -1.10
C ILE B 478 19.93 -21.38 -2.30
N GLY B 479 20.72 -20.68 -3.13
CA GLY B 479 21.35 -21.23 -4.31
C GLY B 479 21.17 -20.32 -5.50
N SER B 480 21.37 -20.86 -6.71
CA SER B 480 21.22 -20.11 -7.94
C SER B 480 20.29 -20.85 -8.88
N TYR B 481 19.11 -20.28 -9.13
CA TYR B 481 18.11 -20.96 -9.94
C TYR B 481 18.62 -21.26 -11.34
N ARG B 482 19.49 -20.42 -11.88
CA ARG B 482 20.07 -20.71 -13.18
C ARG B 482 20.81 -22.04 -13.14
N GLU B 483 21.74 -22.19 -12.18
CA GLU B 483 22.55 -23.40 -12.09
C GLU B 483 21.74 -24.65 -11.79
N TRP B 484 20.56 -24.52 -11.22
CA TRP B 484 19.75 -25.67 -10.84
C TRP B 484 19.30 -26.48 -12.06
N SER B 485 19.25 -27.79 -11.88
CA SER B 485 18.69 -28.67 -12.89
C SER B 485 17.17 -28.49 -12.96
N GLU B 486 16.59 -29.09 -14.00
CA GLU B 486 15.14 -29.01 -14.20
C GLU B 486 14.38 -29.57 -13.01
N GLU B 487 14.70 -30.81 -12.61
CA GLU B 487 14.07 -31.46 -11.46
C GLU B 487 14.00 -30.53 -10.26
N ARG B 488 15.14 -29.96 -9.89
CA ARG B 488 15.21 -29.10 -8.72
C ARG B 488 14.31 -27.88 -8.89
N ARG B 489 14.36 -27.24 -10.07
CA ARG B 489 13.48 -26.11 -10.34
C ARG B 489 12.01 -26.49 -10.18
N GLN B 490 11.62 -27.65 -10.71
CA GLN B 490 10.23 -28.08 -10.58
C GLN B 490 9.83 -28.26 -9.13
N GLU B 491 10.68 -28.93 -8.34
CA GLU B 491 10.34 -29.15 -6.94
C GLU B 491 10.23 -27.83 -6.19
N TRP B 492 11.20 -26.93 -6.40
CA TRP B 492 11.20 -25.64 -5.70
C TRP B 492 9.99 -24.80 -6.07
N LEU B 493 9.75 -24.62 -7.37
CA LEU B 493 8.60 -23.86 -7.83
C LEU B 493 7.30 -24.45 -7.27
N LEU B 494 7.22 -25.78 -7.23
CA LEU B 494 6.03 -26.41 -6.69
C LEU B 494 5.87 -26.10 -5.20
N SER B 495 6.96 -26.17 -4.44
CA SER B 495 6.85 -25.90 -3.01
C SER B 495 6.42 -24.46 -2.76
N GLU B 496 6.91 -23.52 -3.58
CA GLU B 496 6.52 -22.13 -3.37
C GLU B 496 5.09 -21.88 -3.83
N LEU B 497 4.64 -22.54 -4.89
CA LEU B 497 3.28 -22.38 -5.37
C LEU B 497 2.26 -22.91 -4.36
N SER B 498 2.58 -24.03 -3.70
CA SER B 498 1.68 -24.61 -2.71
C SER B 498 1.85 -24.00 -1.32
N GLY B 499 2.99 -23.35 -1.07
CA GLY B 499 3.22 -22.69 0.19
C GLY B 499 2.48 -21.37 0.31
N LYS B 500 2.43 -20.86 1.54
CA LYS B 500 1.67 -19.66 1.81
C LYS B 500 2.52 -18.48 2.27
N ARG B 501 3.84 -18.64 2.38
CA ARG B 501 4.70 -17.54 2.82
C ARG B 501 5.19 -16.71 1.64
N PRO B 502 5.20 -15.39 1.76
CA PRO B 502 5.70 -14.55 0.67
C PRO B 502 7.14 -14.89 0.33
N LEU B 503 7.50 -14.63 -0.92
CA LEU B 503 8.83 -14.93 -1.45
C LEU B 503 9.77 -13.75 -1.24
N PHE B 504 9.97 -12.95 -2.28
CA PHE B 504 10.76 -11.74 -2.22
C PHE B 504 10.05 -10.64 -1.42
N GLY B 505 10.78 -9.56 -1.17
CA GLY B 505 10.22 -8.45 -0.42
C GLY B 505 10.42 -7.14 -1.13
N SER B 506 10.22 -6.03 -0.43
CA SER B 506 10.47 -4.72 -1.03
C SER B 506 11.95 -4.55 -1.38
N ASP B 507 12.83 -5.18 -0.60
CA ASP B 507 14.26 -4.96 -0.67
C ASP B 507 14.99 -5.97 -1.56
N LEU B 508 14.30 -6.57 -2.52
CA LEU B 508 14.96 -7.51 -3.42
C LEU B 508 15.79 -6.77 -4.45
N PRO B 509 17.09 -7.03 -4.56
CA PRO B 509 17.92 -6.35 -5.58
C PRO B 509 17.50 -6.73 -6.99
N LYS B 510 17.11 -5.73 -7.76
CA LYS B 510 16.57 -5.93 -9.10
C LYS B 510 17.37 -5.16 -10.14
N THR B 511 17.45 -5.73 -11.35
CA THR B 511 17.97 -5.05 -12.53
C THR B 511 16.84 -4.34 -13.28
N GLU B 512 17.22 -3.50 -14.23
CA GLU B 512 16.20 -2.86 -15.06
C GLU B 512 15.36 -3.92 -15.77
N GLU B 513 15.96 -5.04 -16.15
CA GLU B 513 15.21 -6.14 -16.75
C GLU B 513 14.29 -6.80 -15.72
N ILE B 514 14.84 -7.15 -14.56
CA ILE B 514 14.07 -7.82 -13.51
C ILE B 514 12.92 -6.93 -13.06
N ALA B 515 13.22 -5.66 -12.83
CA ALA B 515 12.18 -4.72 -12.48
C ALA B 515 11.20 -4.53 -13.62
N ASP B 516 11.65 -4.62 -14.87
CA ASP B 516 10.73 -4.52 -16.00
C ASP B 516 9.65 -5.61 -15.90
N VAL B 517 10.07 -6.86 -15.73
CA VAL B 517 9.09 -7.95 -15.73
C VAL B 517 8.24 -7.91 -14.46
N LEU B 518 8.87 -7.66 -13.30
CA LEU B 518 8.10 -7.57 -12.07
C LEU B 518 7.05 -6.46 -12.15
N ASP B 519 7.45 -5.32 -12.70
CA ASP B 519 6.51 -4.21 -12.84
C ASP B 519 5.41 -4.53 -13.85
N THR B 520 5.71 -5.32 -14.90
CA THR B 520 4.63 -5.74 -15.78
C THR B 520 3.62 -6.59 -15.03
N PHE B 521 4.10 -7.43 -14.09
CA PHE B 521 3.15 -8.20 -13.30
C PHE B 521 2.34 -7.30 -12.38
N HIS B 522 2.96 -6.28 -11.79
CA HIS B 522 2.19 -5.37 -10.93
C HIS B 522 1.17 -4.60 -11.75
N VAL B 523 1.53 -4.16 -12.96
CA VAL B 523 0.57 -3.49 -13.81
C VAL B 523 -0.59 -4.43 -14.14
N ILE B 524 -0.29 -5.70 -14.40
CA ILE B 524 -1.36 -6.66 -14.65
C ILE B 524 -2.26 -6.79 -13.43
N ALA B 525 -1.67 -6.69 -12.23
CA ALA B 525 -2.47 -6.81 -11.01
C ALA B 525 -3.38 -5.60 -10.82
N GLU B 526 -2.90 -4.42 -11.19
CA GLU B 526 -3.66 -3.18 -10.96
C GLU B 526 -4.86 -3.08 -11.89
N LEU B 527 -4.82 -3.74 -13.05
CA LEU B 527 -5.83 -3.52 -14.08
C LEU B 527 -6.90 -4.60 -14.02
N PRO B 528 -8.05 -4.34 -14.65
CA PRO B 528 -9.14 -5.32 -14.63
C PRO B 528 -8.77 -6.61 -15.35
N ALA B 529 -9.29 -7.73 -14.81
CA ALA B 529 -8.92 -9.05 -15.29
C ALA B 529 -9.41 -9.30 -16.71
N ASP B 530 -10.57 -8.76 -17.08
CA ASP B 530 -11.11 -8.96 -18.42
C ASP B 530 -10.43 -8.06 -19.46
N SER B 531 -9.36 -7.36 -19.10
CA SER B 531 -8.59 -6.58 -20.05
C SER B 531 -7.41 -7.35 -20.63
N PHE B 532 -7.09 -8.53 -20.09
CA PHE B 532 -5.92 -9.30 -20.46
C PHE B 532 -6.32 -10.64 -21.03
N GLY B 533 -5.41 -11.22 -21.82
CA GLY B 533 -5.63 -12.53 -22.41
C GLY B 533 -4.74 -13.59 -21.80
N ALA B 534 -3.64 -13.90 -22.48
CA ALA B 534 -2.74 -14.98 -22.09
C ALA B 534 -1.32 -14.45 -21.87
N TYR B 535 -0.57 -15.17 -21.04
CA TYR B 535 0.85 -14.91 -20.84
C TYR B 535 1.63 -15.96 -21.64
N ILE B 536 2.22 -15.52 -22.74
CA ILE B 536 2.91 -16.39 -23.68
C ILE B 536 4.39 -16.37 -23.34
N ILE B 537 4.97 -17.56 -23.24
CA ILE B 537 6.38 -17.73 -22.90
C ILE B 537 7.14 -18.03 -24.18
N SER B 538 8.04 -17.13 -24.56
CA SER B 538 8.93 -17.36 -25.67
C SER B 538 10.09 -18.24 -25.22
N MET B 539 10.54 -19.11 -26.12
CA MET B 539 11.62 -20.04 -25.84
C MET B 539 11.30 -20.90 -24.62
N ALA B 540 10.15 -21.55 -24.68
CA ALA B 540 9.70 -22.42 -23.60
C ALA B 540 10.12 -23.85 -23.90
N THR B 541 10.67 -24.53 -22.89
CA THR B 541 11.25 -25.86 -23.09
C THR B 541 10.84 -26.85 -22.01
N ALA B 542 10.50 -26.38 -20.83
CA ALA B 542 10.26 -27.25 -19.69
C ALA B 542 9.04 -26.78 -18.92
N PRO B 543 8.45 -27.64 -18.09
CA PRO B 543 7.39 -27.16 -17.20
C PRO B 543 7.84 -26.08 -16.24
N SER B 544 9.13 -26.05 -15.88
CA SER B 544 9.62 -25.02 -14.97
C SER B 544 9.41 -23.62 -15.53
N ASP B 545 9.42 -23.48 -16.86
CA ASP B 545 9.22 -22.17 -17.46
C ASP B 545 7.80 -21.68 -17.25
N VAL B 546 6.82 -22.59 -17.33
CA VAL B 546 5.43 -22.22 -17.08
C VAL B 546 5.22 -21.95 -15.59
N LEU B 547 5.64 -22.91 -14.75
CA LEU B 547 5.45 -22.76 -13.32
C LEU B 547 6.13 -21.50 -12.79
N ALA B 548 7.25 -21.10 -13.38
CA ALA B 548 7.88 -19.85 -12.98
C ALA B 548 6.93 -18.67 -13.19
N VAL B 549 6.16 -18.71 -14.28
CA VAL B 549 5.22 -17.63 -14.55
C VAL B 549 4.03 -17.70 -13.59
N GLU B 550 3.52 -18.90 -13.32
CA GLU B 550 2.44 -19.03 -12.34
C GLU B 550 2.86 -18.52 -10.98
N LEU B 551 4.09 -18.81 -10.57
CA LEU B 551 4.60 -18.34 -9.28
C LEU B 551 4.78 -16.83 -9.28
N LEU B 552 5.46 -16.30 -10.29
CA LEU B 552 5.68 -14.86 -10.33
C LEU B 552 4.37 -14.11 -10.36
N GLN B 553 3.34 -14.65 -11.03
CA GLN B 553 2.01 -14.04 -11.01
C GLN B 553 1.40 -14.05 -9.62
N ARG B 554 1.33 -15.23 -8.98
CA ARG B 554 0.74 -15.29 -7.65
C ARG B 554 1.50 -14.40 -6.68
N GLU B 555 2.82 -14.33 -6.82
CA GLU B 555 3.63 -13.62 -5.84
C GLU B 555 3.54 -12.12 -6.03
N CYS B 556 3.26 -11.66 -7.24
CA CYS B 556 3.01 -10.26 -7.52
C CYS B 556 1.55 -9.88 -7.29
N ARG B 557 0.84 -10.68 -6.50
CA ARG B 557 -0.53 -10.37 -6.08
C ARG B 557 -1.43 -10.09 -7.27
N VAL B 558 -1.34 -10.97 -8.27
CA VAL B 558 -2.22 -10.95 -9.42
C VAL B 558 -3.52 -11.63 -9.01
N LYS B 559 -4.56 -10.84 -8.77
CA LYS B 559 -5.81 -11.33 -8.22
C LYS B 559 -6.34 -12.51 -9.02
N GLN B 560 -6.59 -12.31 -10.31
CA GLN B 560 -7.05 -13.39 -11.18
C GLN B 560 -5.96 -13.69 -12.20
N PRO B 561 -5.08 -14.66 -11.94
CA PRO B 561 -3.93 -14.87 -12.83
C PRO B 561 -4.37 -15.38 -14.19
N LEU B 562 -3.79 -14.79 -15.22
CA LEU B 562 -4.12 -15.17 -16.60
C LEU B 562 -3.42 -16.45 -16.99
N ARG B 563 -3.98 -17.12 -18.00
CA ARG B 563 -3.44 -18.41 -18.41
C ARG B 563 -2.05 -18.26 -18.99
N VAL B 564 -1.21 -19.26 -18.74
CA VAL B 564 0.14 -19.30 -19.26
C VAL B 564 0.16 -20.21 -20.47
N VAL B 565 0.90 -19.83 -21.50
CA VAL B 565 0.92 -20.59 -22.74
C VAL B 565 2.33 -20.62 -23.31
N PRO B 566 2.91 -21.79 -23.56
CA PRO B 566 4.26 -21.84 -24.12
C PRO B 566 4.25 -21.66 -25.63
N LEU B 567 5.31 -21.03 -26.12
CA LEU B 567 5.48 -20.75 -27.55
C LEU B 567 6.66 -21.56 -28.07
N PHE B 568 6.38 -22.57 -28.88
CA PHE B 568 7.38 -23.39 -29.53
C PHE B 568 7.48 -22.95 -30.99
N GLU B 569 8.57 -22.27 -31.33
CA GLU B 569 8.72 -21.76 -32.69
C GLU B 569 9.92 -22.35 -33.42
N LYS B 570 11.04 -22.57 -32.73
CA LYS B 570 12.18 -23.19 -33.39
C LYS B 570 11.95 -24.69 -33.54
N LEU B 571 12.50 -25.25 -34.62
CA LEU B 571 12.23 -26.65 -34.98
C LEU B 571 12.59 -27.60 -33.85
N ALA B 572 13.70 -27.36 -33.16
CA ALA B 572 14.09 -28.19 -32.02
C ALA B 572 12.99 -28.23 -30.96
N ASP B 573 12.37 -27.08 -30.69
CA ASP B 573 11.34 -27.01 -29.65
C ASP B 573 10.03 -27.64 -30.10
N LEU B 574 9.69 -27.53 -31.38
CA LEU B 574 8.51 -28.22 -31.88
C LEU B 574 8.68 -29.74 -31.85
N GLU B 575 9.89 -30.22 -32.15
CA GLU B 575 10.13 -31.66 -32.12
C GLU B 575 9.87 -32.25 -30.73
N ALA B 576 10.27 -31.53 -29.69
CA ALA B 576 10.16 -31.99 -28.32
C ALA B 576 8.98 -31.38 -27.57
N ALA B 577 8.10 -30.68 -28.28
CA ALA B 577 6.96 -30.05 -27.62
C ALA B 577 6.01 -31.05 -26.96
N PRO B 578 5.55 -32.11 -27.64
CA PRO B 578 4.59 -33.02 -26.99
C PRO B 578 5.12 -33.60 -25.69
N ALA B 579 6.39 -34.03 -25.68
CA ALA B 579 6.97 -34.56 -24.46
C ALA B 579 6.92 -33.53 -23.33
N ALA B 580 7.21 -32.27 -23.65
CA ALA B 580 7.25 -31.23 -22.63
C ALA B 580 5.86 -30.93 -22.08
N VAL B 581 4.87 -30.83 -22.97
CA VAL B 581 3.50 -30.56 -22.53
C VAL B 581 3.00 -31.73 -21.69
N ALA B 582 3.32 -32.96 -22.10
CA ALA B 582 2.93 -34.11 -21.30
C ALA B 582 3.59 -34.08 -19.94
N ARG B 583 4.87 -33.70 -19.88
CA ARG B 583 5.54 -33.58 -18.59
C ARG B 583 4.88 -32.52 -17.71
N LEU B 584 4.39 -31.45 -18.32
CA LEU B 584 3.69 -30.43 -17.55
C LEU B 584 2.36 -30.96 -17.01
N PHE B 585 1.58 -31.63 -17.88
CA PHE B 585 0.32 -32.22 -17.45
C PHE B 585 0.53 -33.31 -16.40
N SER B 586 1.73 -33.90 -16.35
CA SER B 586 2.04 -34.91 -15.35
C SER B 586 2.07 -34.33 -13.95
N VAL B 587 2.38 -33.04 -13.84
CA VAL B 587 2.36 -32.37 -12.53
C VAL B 587 0.91 -32.21 -12.12
N ASP B 588 0.47 -32.98 -11.12
CA ASP B 588 -0.94 -32.96 -10.75
C ASP B 588 -1.37 -31.58 -10.27
N TRP B 589 -0.49 -30.87 -9.57
CA TRP B 589 -0.85 -29.55 -9.07
C TRP B 589 -1.24 -28.60 -10.19
N TYR B 590 -0.55 -28.69 -11.33
CA TYR B 590 -0.85 -27.82 -12.46
C TYR B 590 -2.08 -28.31 -13.21
N LYS B 591 -2.21 -29.62 -13.37
CA LYS B 591 -3.35 -30.18 -14.10
C LYS B 591 -4.65 -29.91 -13.36
N ASN B 592 -4.61 -29.77 -12.03
CA ASN B 592 -5.81 -29.50 -11.27
C ASN B 592 -6.22 -28.04 -11.32
N ARG B 593 -5.27 -27.13 -11.51
CA ARG B 593 -5.58 -25.72 -11.63
C ARG B 593 -5.85 -25.29 -13.07
N ILE B 594 -5.40 -26.06 -14.05
CA ILE B 594 -5.61 -25.70 -15.44
C ILE B 594 -7.07 -25.86 -15.85
N ASN B 595 -7.85 -26.61 -15.08
CA ASN B 595 -9.30 -26.71 -15.27
C ASN B 595 -9.63 -27.37 -16.61
N GLY B 596 -8.92 -28.43 -16.95
CA GLY B 596 -9.20 -29.19 -18.15
C GLY B 596 -8.98 -28.48 -19.46
N LYS B 597 -8.47 -27.25 -19.44
CA LYS B 597 -8.25 -26.47 -20.66
C LYS B 597 -6.82 -25.96 -20.66
N GLN B 598 -6.14 -26.11 -21.80
CA GLN B 598 -4.76 -25.68 -21.93
C GLN B 598 -4.54 -25.13 -23.33
N GLU B 599 -3.83 -24.01 -23.40
CA GLU B 599 -3.48 -23.39 -24.67
C GLU B 599 -1.97 -23.40 -24.83
N VAL B 600 -1.50 -23.78 -26.02
CA VAL B 600 -0.08 -23.80 -26.33
C VAL B 600 0.12 -23.19 -27.71
N MET B 601 1.10 -22.30 -27.84
CA MET B 601 1.33 -21.58 -29.08
C MET B 601 2.34 -22.32 -29.96
N ILE B 602 2.15 -22.20 -31.27
CA ILE B 602 2.94 -22.92 -32.26
C ILE B 602 3.40 -21.90 -33.30
N GLY B 603 4.67 -21.49 -33.21
CA GLY B 603 5.18 -20.50 -34.15
C GLY B 603 5.52 -21.09 -35.51
N TYR B 604 5.41 -20.24 -36.53
CA TYR B 604 5.69 -20.63 -37.91
C TYR B 604 6.86 -19.88 -38.54
N SER B 605 7.28 -18.76 -37.95
CA SER B 605 8.29 -17.91 -38.59
C SER B 605 9.65 -18.58 -38.60
N ASP B 606 10.18 -18.92 -37.42
CA ASP B 606 11.55 -19.37 -37.29
C ASP B 606 11.74 -20.82 -37.73
N SER B 607 10.67 -21.62 -37.82
CA SER B 607 10.81 -23.03 -38.16
C SER B 607 11.42 -23.20 -39.55
N GLY B 608 10.85 -22.53 -40.54
CA GLY B 608 11.34 -22.58 -41.91
C GLY B 608 12.57 -21.74 -42.19
N LYS B 609 13.23 -21.22 -41.15
CA LYS B 609 14.41 -20.41 -41.32
C LYS B 609 15.70 -21.19 -41.08
N ASP B 610 15.75 -21.96 -39.99
CA ASP B 610 16.95 -22.75 -39.73
C ASP B 610 16.92 -24.09 -40.45
N ALA B 611 15.74 -24.62 -40.72
CA ALA B 611 15.58 -25.85 -41.50
C ALA B 611 14.83 -25.55 -42.79
N GLY B 612 14.58 -26.60 -43.56
CA GLY B 612 13.83 -26.44 -44.79
C GLY B 612 12.38 -26.06 -44.55
N ARG B 613 11.78 -25.40 -45.55
CA ARG B 613 10.37 -25.06 -45.45
C ARG B 613 9.51 -26.32 -45.43
N LEU B 614 9.84 -27.31 -46.27
CA LEU B 614 9.11 -28.57 -46.29
C LEU B 614 9.22 -29.30 -44.95
N SER B 615 10.45 -29.46 -44.47
CA SER B 615 10.66 -30.10 -43.17
C SER B 615 9.94 -29.36 -42.05
N ALA B 616 9.95 -28.03 -42.10
CA ALA B 616 9.27 -27.24 -41.06
C ALA B 616 7.76 -27.49 -41.08
N ALA B 617 7.14 -27.37 -42.26
CA ALA B 617 5.70 -27.61 -42.37
C ALA B 617 5.34 -29.01 -41.86
N TRP B 618 6.06 -30.02 -42.33
CA TRP B 618 5.77 -31.39 -41.94
C TRP B 618 5.91 -31.58 -40.43
N GLN B 619 6.97 -31.02 -39.85
CA GLN B 619 7.14 -31.11 -38.40
C GLN B 619 6.04 -30.37 -37.66
N LEU B 620 5.55 -29.27 -38.22
CA LEU B 620 4.41 -28.56 -37.61
C LEU B 620 3.20 -29.47 -37.53
N TYR B 621 2.88 -30.13 -38.65
CA TYR B 621 1.77 -31.08 -38.67
C TYR B 621 1.97 -32.14 -37.58
N LYS B 622 3.15 -32.76 -37.55
CA LYS B 622 3.45 -33.76 -36.53
C LYS B 622 3.25 -33.19 -35.12
N ALA B 623 3.67 -31.94 -34.92
CA ALA B 623 3.57 -31.30 -33.62
C ALA B 623 2.13 -31.20 -33.18
N GLN B 624 1.28 -30.55 -33.98
CA GLN B 624 -0.14 -30.48 -33.67
C GLN B 624 -0.71 -31.86 -33.35
N GLU B 625 -0.36 -32.85 -34.17
CA GLU B 625 -0.98 -34.16 -34.03
C GLU B 625 -0.66 -34.79 -32.68
N GLU B 626 0.62 -34.73 -32.29
CA GLU B 626 1.02 -35.37 -31.03
C GLU B 626 0.67 -34.53 -29.81
N LEU B 627 0.56 -33.20 -29.96
CA LEU B 627 0.02 -32.39 -28.87
C LEU B 627 -1.44 -32.74 -28.60
N VAL B 628 -2.24 -32.93 -29.66
CA VAL B 628 -3.60 -33.40 -29.46
C VAL B 628 -3.60 -34.75 -28.78
N LYS B 629 -2.70 -35.65 -29.20
CA LYS B 629 -2.60 -36.96 -28.54
C LYS B 629 -2.33 -36.80 -27.04
N VAL B 630 -1.43 -35.87 -26.67
CA VAL B 630 -1.12 -35.65 -25.27
C VAL B 630 -2.33 -35.12 -24.51
N ALA B 631 -2.98 -34.10 -25.07
CA ALA B 631 -4.13 -33.51 -24.39
C ALA B 631 -5.25 -34.52 -24.19
N LYS B 632 -5.57 -35.28 -25.25
CA LYS B 632 -6.52 -36.38 -25.12
C LYS B 632 -6.09 -37.38 -24.06
N GLU B 633 -4.78 -37.61 -23.95
CA GLU B 633 -4.28 -38.55 -22.95
C GLU B 633 -4.48 -38.03 -21.53
N TYR B 634 -4.53 -36.71 -21.34
CA TYR B 634 -4.74 -36.15 -20.01
C TYR B 634 -6.12 -35.54 -19.81
N GLY B 635 -7.04 -35.74 -20.75
CA GLY B 635 -8.38 -35.17 -20.60
C GLY B 635 -8.40 -33.67 -20.48
N VAL B 636 -7.57 -32.99 -21.28
CA VAL B 636 -7.49 -31.53 -21.30
C VAL B 636 -7.93 -31.06 -22.68
N LYS B 637 -8.82 -30.05 -22.71
CA LYS B 637 -9.21 -29.43 -23.98
C LYS B 637 -8.07 -28.53 -24.44
N LEU B 638 -7.34 -28.98 -25.45
CA LEU B 638 -6.20 -28.22 -25.97
C LEU B 638 -6.66 -27.30 -27.09
N THR B 639 -6.34 -26.03 -26.96
CA THR B 639 -6.53 -25.08 -28.05
C THR B 639 -5.15 -24.59 -28.44
N MET B 640 -4.84 -24.68 -29.72
CA MET B 640 -3.51 -24.34 -30.22
C MET B 640 -3.52 -22.97 -30.89
N PHE B 641 -2.47 -22.20 -30.63
CA PHE B 641 -2.34 -20.81 -31.04
C PHE B 641 -1.33 -20.73 -32.18
N HIS B 642 -1.82 -20.51 -33.40
CA HIS B 642 -0.98 -20.59 -34.60
C HIS B 642 -0.40 -19.22 -34.92
N GLY B 643 0.91 -19.06 -34.73
CA GLY B 643 1.56 -17.80 -35.03
C GLY B 643 1.88 -17.65 -36.51
N ARG B 644 0.84 -17.68 -37.35
CA ARG B 644 1.01 -17.63 -38.80
C ARG B 644 1.28 -16.22 -39.28
N GLY B 645 2.06 -16.12 -40.34
CA GLY B 645 2.37 -14.86 -40.99
C GLY B 645 1.49 -14.57 -42.19
N GLY B 646 1.89 -13.53 -42.92
CA GLY B 646 1.22 -13.19 -44.16
C GLY B 646 1.86 -13.86 -45.36
N THR B 647 3.18 -13.97 -45.34
CA THR B 647 3.93 -14.64 -46.40
C THR B 647 4.01 -16.13 -46.14
N VAL B 648 4.00 -16.91 -47.22
CA VAL B 648 4.08 -18.37 -47.08
C VAL B 648 5.36 -18.76 -46.34
N GLY B 649 6.41 -17.95 -46.45
CA GLY B 649 7.66 -18.27 -45.79
C GLY B 649 7.53 -18.30 -44.28
N ARG B 650 6.59 -17.54 -43.73
CA ARG B 650 6.29 -17.56 -42.30
C ARG B 650 4.97 -18.28 -42.02
N GLY B 651 4.62 -19.23 -42.86
CA GLY B 651 3.41 -20.00 -42.64
C GLY B 651 2.15 -19.32 -43.10
N GLY B 652 2.27 -18.32 -43.97
CA GLY B 652 1.13 -17.62 -44.49
C GLY B 652 0.45 -18.38 -45.62
N GLY B 653 -0.29 -17.64 -46.43
CA GLY B 653 -1.04 -18.21 -47.52
C GLY B 653 -2.52 -17.99 -47.31
N PRO B 654 -3.34 -18.43 -48.26
CA PRO B 654 -4.78 -18.36 -48.07
C PRO B 654 -5.20 -19.02 -46.76
N THR B 655 -6.10 -18.34 -46.04
CA THR B 655 -6.44 -18.77 -44.69
C THR B 655 -7.11 -20.13 -44.69
N HIS B 656 -8.07 -20.34 -45.60
CA HIS B 656 -8.75 -21.63 -45.65
C HIS B 656 -7.82 -22.76 -46.03
N LEU B 657 -6.81 -22.48 -46.87
CA LEU B 657 -5.83 -23.51 -47.20
C LEU B 657 -4.97 -23.86 -46.00
N ALA B 658 -4.59 -22.85 -45.21
CA ALA B 658 -3.81 -23.13 -44.01
C ALA B 658 -4.63 -23.93 -43.00
N ILE B 659 -5.93 -23.65 -42.90
CA ILE B 659 -6.77 -24.40 -41.96
C ILE B 659 -7.00 -25.82 -42.46
N LEU B 660 -7.18 -25.99 -43.77
CA LEU B 660 -7.33 -27.33 -44.32
C LEU B 660 -6.08 -28.16 -44.10
N SER B 661 -4.90 -27.53 -44.16
CA SER B 661 -3.63 -28.20 -43.96
C SER B 661 -3.31 -28.45 -42.49
N GLN B 662 -4.31 -28.36 -41.60
CA GLN B 662 -4.04 -28.78 -40.25
C GLN B 662 -4.50 -30.22 -40.05
N PRO B 663 -3.81 -30.98 -39.21
CA PRO B 663 -4.18 -32.38 -38.99
C PRO B 663 -5.58 -32.49 -38.42
N PRO B 664 -6.30 -33.57 -38.73
CA PRO B 664 -7.71 -33.67 -38.31
C PRO B 664 -7.85 -33.84 -36.81
N ASP B 665 -8.98 -33.35 -36.30
CA ASP B 665 -9.32 -33.43 -34.88
C ASP B 665 -8.26 -32.73 -34.02
N THR B 666 -7.79 -31.58 -34.49
CA THR B 666 -6.87 -30.75 -33.73
C THR B 666 -7.43 -29.37 -33.43
N ILE B 667 -8.59 -29.02 -33.97
CA ILE B 667 -9.20 -27.73 -33.70
C ILE B 667 -10.36 -27.92 -32.73
N ASN B 668 -11.38 -28.65 -33.17
CA ASN B 668 -12.54 -29.01 -32.34
C ASN B 668 -13.23 -27.77 -31.80
N GLY B 669 -13.65 -26.91 -32.72
CA GLY B 669 -14.39 -25.71 -32.35
C GLY B 669 -13.62 -24.76 -31.47
N SER B 670 -12.29 -24.74 -31.58
CA SER B 670 -11.46 -23.79 -30.83
C SER B 670 -10.18 -23.54 -31.60
N LEU B 671 -10.05 -22.34 -32.14
CA LEU B 671 -8.90 -21.98 -32.98
C LEU B 671 -8.41 -20.60 -32.57
N ARG B 672 -7.09 -20.39 -32.68
CA ARG B 672 -6.49 -19.12 -32.33
C ARG B 672 -5.38 -18.84 -33.33
N VAL B 673 -5.47 -17.72 -34.04
CA VAL B 673 -4.54 -17.41 -35.13
C VAL B 673 -4.11 -15.95 -35.00
N THR B 674 -2.83 -15.69 -35.22
CA THR B 674 -2.37 -14.31 -35.29
C THR B 674 -2.66 -13.69 -36.66
N VAL B 675 -2.76 -12.37 -36.67
CA VAL B 675 -2.89 -11.58 -37.89
C VAL B 675 -1.74 -10.58 -37.88
N GLN B 676 -0.71 -10.86 -38.69
CA GLN B 676 0.51 -10.05 -38.68
C GLN B 676 0.26 -8.69 -39.33
N GLY B 677 0.53 -7.62 -38.57
CA GLY B 677 0.41 -6.23 -38.99
C GLY B 677 -0.20 -5.90 -40.34
N GLU B 678 0.49 -6.29 -41.41
CA GLU B 678 0.01 -5.97 -42.75
C GLU B 678 -1.25 -6.75 -43.11
N VAL B 679 -1.40 -7.95 -42.54
CA VAL B 679 -2.60 -8.73 -42.80
C VAL B 679 -3.83 -8.10 -42.15
N ILE B 680 -3.65 -7.27 -41.12
CA ILE B 680 -4.79 -6.54 -40.55
C ILE B 680 -5.42 -5.68 -41.63
N GLU B 681 -4.61 -4.85 -42.31
CA GLU B 681 -5.10 -4.05 -43.41
C GLU B 681 -5.62 -4.93 -44.53
N GLN B 682 -4.92 -6.04 -44.82
CA GLN B 682 -5.33 -6.91 -45.91
C GLN B 682 -6.72 -7.50 -45.68
N SER B 683 -7.12 -7.70 -44.43
CA SER B 683 -8.35 -8.43 -44.13
C SER B 683 -9.39 -7.62 -43.36
N PHE B 684 -9.17 -6.31 -43.15
CA PHE B 684 -10.18 -5.53 -42.44
C PHE B 684 -10.28 -4.06 -42.84
N SER B 685 -9.76 -3.66 -44.00
CA SER B 685 -9.80 -2.24 -44.37
C SER B 685 -11.12 -1.84 -45.02
N GLU B 686 -11.96 -2.80 -45.40
CA GLU B 686 -13.24 -2.50 -46.04
C GLU B 686 -14.29 -3.43 -45.47
N GLU B 687 -15.56 -3.04 -45.64
CA GLU B 687 -16.66 -3.89 -45.21
C GLU B 687 -16.57 -5.27 -45.86
N HIS B 688 -16.43 -5.30 -47.19
CA HIS B 688 -16.37 -6.56 -47.90
C HIS B 688 -15.17 -7.40 -47.46
N LEU B 689 -14.02 -6.76 -47.26
CA LEU B 689 -12.83 -7.51 -46.84
C LEU B 689 -13.05 -8.16 -45.48
N CYS B 690 -13.53 -7.37 -44.51
CA CYS B 690 -13.81 -7.90 -43.18
C CYS B 690 -14.80 -9.06 -43.25
N PHE B 691 -15.86 -8.91 -44.04
CA PHE B 691 -16.85 -9.98 -44.14
C PHE B 691 -16.24 -11.23 -44.75
N ARG B 692 -15.52 -11.09 -45.87
CA ARG B 692 -14.88 -12.24 -46.49
C ARG B 692 -13.90 -12.92 -45.54
N THR B 693 -13.26 -12.13 -44.65
CA THR B 693 -12.35 -12.70 -43.67
C THR B 693 -13.08 -13.56 -42.66
N LEU B 694 -14.04 -12.98 -41.92
CA LEU B 694 -14.76 -13.79 -40.94
C LEU B 694 -15.47 -14.96 -41.59
N GLN B 695 -15.98 -14.74 -42.81
CA GLN B 695 -16.53 -15.81 -43.64
C GLN B 695 -15.52 -16.96 -43.80
N ARG B 696 -14.32 -16.63 -44.29
CA ARG B 696 -13.31 -17.65 -44.56
C ARG B 696 -12.95 -18.41 -43.29
N PHE B 697 -12.68 -17.69 -42.21
CA PHE B 697 -12.28 -18.34 -40.97
C PHE B 697 -13.36 -19.28 -40.45
N THR B 698 -14.59 -18.78 -40.26
CA THR B 698 -15.60 -19.62 -39.62
C THR B 698 -16.00 -20.79 -40.51
N ALA B 699 -16.07 -20.56 -41.83
CA ALA B 699 -16.40 -21.66 -42.73
C ALA B 699 -15.33 -22.75 -42.69
N ALA B 700 -14.06 -22.34 -42.75
CA ALA B 700 -12.97 -23.32 -42.73
C ALA B 700 -12.97 -24.13 -41.44
N THR B 701 -13.16 -23.47 -40.29
CA THR B 701 -13.20 -24.20 -39.03
C THR B 701 -14.37 -25.17 -38.97
N LEU B 702 -15.55 -24.71 -39.39
CA LEU B 702 -16.72 -25.59 -39.33
C LEU B 702 -16.53 -26.82 -40.23
N GLU B 703 -16.00 -26.62 -41.43
CA GLU B 703 -15.75 -27.75 -42.32
C GLU B 703 -14.71 -28.69 -41.72
N HIS B 704 -13.60 -28.14 -41.23
CA HIS B 704 -12.56 -28.96 -40.60
C HIS B 704 -13.08 -29.69 -39.36
N GLY B 705 -14.22 -29.26 -38.82
CA GLY B 705 -14.84 -29.95 -37.70
C GLY B 705 -15.74 -31.08 -38.15
N MET B 706 -16.60 -30.82 -39.13
CA MET B 706 -17.53 -31.84 -39.60
C MET B 706 -17.00 -32.66 -40.78
N ARG B 707 -16.14 -32.09 -41.63
CA ARG B 707 -15.49 -32.77 -42.75
C ARG B 707 -14.02 -32.96 -42.43
N PRO B 708 -13.64 -34.02 -41.73
CA PRO B 708 -12.23 -34.22 -41.40
C PRO B 708 -11.41 -34.50 -42.65
N PRO B 709 -10.21 -33.92 -42.76
CA PRO B 709 -9.31 -34.29 -43.85
C PRO B 709 -8.83 -35.72 -43.69
N ILE B 710 -8.44 -36.32 -44.83
CA ILE B 710 -7.99 -37.70 -44.83
C ILE B 710 -6.73 -37.83 -43.99
N SER B 711 -6.62 -38.94 -43.26
CA SER B 711 -5.42 -39.17 -42.47
C SER B 711 -4.36 -39.85 -43.33
N PRO B 712 -3.09 -39.46 -43.18
CA PRO B 712 -2.07 -39.96 -44.11
C PRO B 712 -1.84 -41.46 -43.97
N LYS B 713 -1.70 -42.12 -45.12
CA LYS B 713 -1.30 -43.52 -45.13
C LYS B 713 0.10 -43.68 -44.55
N PRO B 714 0.42 -44.83 -43.95
CA PRO B 714 1.74 -44.99 -43.32
C PRO B 714 2.89 -44.89 -44.31
N GLU B 715 2.70 -45.37 -45.55
CA GLU B 715 3.72 -45.19 -46.57
C GLU B 715 4.01 -43.71 -46.79
N TRP B 716 2.98 -42.87 -46.71
CA TRP B 716 3.16 -41.42 -46.82
C TRP B 716 3.90 -40.86 -45.61
N ARG B 717 3.69 -41.45 -44.43
CA ARG B 717 4.44 -41.04 -43.25
C ARG B 717 5.93 -41.29 -43.41
N ALA B 718 6.31 -42.54 -43.66
CA ALA B 718 7.73 -42.87 -43.85
C ALA B 718 8.31 -42.07 -45.02
N LEU B 719 7.56 -41.96 -46.11
CA LEU B 719 8.02 -41.23 -47.28
C LEU B 719 8.32 -39.77 -46.94
N LEU B 720 7.43 -39.13 -46.19
CA LEU B 720 7.67 -37.74 -45.81
C LEU B 720 8.79 -37.61 -44.79
N ASP B 721 9.02 -38.64 -43.98
CA ASP B 721 10.16 -38.59 -43.07
C ASP B 721 11.47 -38.58 -43.85
N GLU B 722 11.66 -39.56 -44.73
CA GLU B 722 12.84 -39.58 -45.60
C GLU B 722 12.96 -38.26 -46.38
N MET B 723 11.86 -37.86 -47.02
CA MET B 723 11.83 -36.66 -47.84
C MET B 723 12.24 -35.44 -47.03
N ALA B 724 11.84 -35.41 -45.75
CA ALA B 724 12.21 -34.29 -44.88
C ALA B 724 13.69 -34.32 -44.54
N VAL B 725 14.26 -35.51 -44.33
CA VAL B 725 15.70 -35.62 -44.10
C VAL B 725 16.47 -35.04 -45.29
N VAL B 726 16.12 -35.48 -46.50
CA VAL B 726 16.80 -34.98 -47.70
C VAL B 726 16.61 -33.47 -47.84
N ALA B 727 15.42 -32.98 -47.51
CA ALA B 727 15.14 -31.55 -47.65
C ALA B 727 16.00 -30.73 -46.70
N THR B 728 16.10 -31.15 -45.44
CA THR B 728 16.90 -30.39 -44.49
C THR B 728 18.37 -30.40 -44.87
N GLU B 729 18.90 -31.56 -45.28
CA GLU B 729 20.30 -31.59 -45.71
C GLU B 729 20.51 -30.66 -46.91
N GLU B 730 19.58 -30.67 -47.85
CA GLU B 730 19.69 -29.81 -49.02
C GLU B 730 19.63 -28.32 -48.63
N TYR B 731 18.85 -27.99 -47.60
CA TYR B 731 18.69 -26.60 -47.20
C TYR B 731 19.93 -26.10 -46.47
N ARG B 732 20.32 -26.79 -45.39
CA ARG B 732 21.50 -26.38 -44.64
C ARG B 732 22.76 -26.48 -45.47
N SER B 733 22.76 -27.30 -46.53
CA SER B 733 23.91 -27.36 -47.42
C SER B 733 24.22 -25.99 -48.01
N VAL B 734 23.21 -25.26 -48.46
CA VAL B 734 23.43 -23.99 -49.13
C VAL B 734 23.32 -22.77 -48.21
N VAL B 735 22.58 -22.87 -47.10
CA VAL B 735 22.42 -21.70 -46.24
C VAL B 735 23.31 -21.72 -45.00
N PHE B 736 23.92 -22.86 -44.68
CA PHE B 736 24.82 -22.87 -43.52
C PHE B 736 26.17 -23.53 -43.80
N GLN B 737 26.20 -24.59 -44.60
CA GLN B 737 27.48 -25.24 -44.88
C GLN B 737 28.36 -24.35 -45.75
N GLU B 738 27.79 -23.76 -46.79
CA GLU B 738 28.55 -22.84 -47.64
C GLU B 738 29.07 -21.68 -46.79
N PRO B 739 30.39 -21.51 -46.67
CA PRO B 739 30.89 -20.44 -45.78
C PRO B 739 30.71 -19.06 -46.38
N ARG B 740 30.68 -18.94 -47.70
CA ARG B 740 30.48 -17.66 -48.37
C ARG B 740 29.01 -17.29 -48.53
N PHE B 741 28.09 -18.09 -48.00
CA PHE B 741 26.67 -17.83 -48.26
C PHE B 741 26.23 -16.52 -47.63
N VAL B 742 26.58 -16.29 -46.36
CA VAL B 742 26.18 -15.05 -45.70
C VAL B 742 26.75 -13.85 -46.45
N GLU B 743 27.98 -13.98 -46.96
CA GLU B 743 28.59 -12.92 -47.78
C GLU B 743 27.74 -12.64 -49.01
N TYR B 744 27.41 -13.69 -49.77
CA TYR B 744 26.61 -13.51 -50.98
C TYR B 744 25.23 -12.95 -50.66
N PHE B 745 24.67 -13.34 -49.52
CA PHE B 745 23.33 -12.89 -49.15
C PHE B 745 23.31 -11.40 -48.85
N ARG B 746 24.26 -10.94 -48.03
CA ARG B 746 24.30 -9.51 -47.66
C ARG B 746 24.58 -8.61 -48.86
N LEU B 747 24.85 -9.19 -50.03
CA LEU B 747 25.09 -8.42 -51.24
C LEU B 747 24.01 -8.57 -52.30
N ALA B 748 23.48 -9.78 -52.49
CA ALA B 748 22.54 -10.05 -53.58
C ALA B 748 21.09 -9.73 -53.22
N THR B 749 20.81 -9.43 -51.97
CA THR B 749 19.47 -9.10 -51.50
C THR B 749 19.51 -7.76 -50.78
N PRO B 750 18.37 -7.05 -50.72
CA PRO B 750 18.34 -5.78 -49.99
C PRO B 750 18.07 -5.97 -48.50
N GLU B 751 18.53 -7.09 -47.94
CA GLU B 751 18.20 -7.44 -46.56
C GLU B 751 18.63 -6.35 -45.58
N LEU B 752 19.90 -5.93 -45.67
CA LEU B 752 20.46 -5.03 -44.66
C LEU B 752 19.66 -3.74 -44.52
N GLU B 753 19.02 -3.29 -45.60
CA GLU B 753 18.35 -2.01 -45.60
C GLU B 753 16.93 -2.07 -45.03
N TYR B 754 16.46 -3.24 -44.61
CA TYR B 754 15.07 -3.35 -44.16
C TYR B 754 14.78 -2.37 -43.01
N GLY B 755 15.67 -2.32 -42.02
CA GLY B 755 15.47 -1.48 -40.86
C GLY B 755 15.26 -0.01 -41.19
N ARG B 756 15.58 0.42 -42.42
CA ARG B 756 15.39 1.81 -42.79
C ARG B 756 13.93 2.20 -42.96
N MET B 757 13.02 1.23 -43.06
CA MET B 757 11.63 1.63 -43.27
C MET B 757 10.94 2.15 -42.00
N ASN B 758 11.49 1.84 -40.82
CA ASN B 758 10.92 2.31 -39.56
C ASN B 758 9.47 1.85 -39.38
N ILE B 759 9.21 0.58 -39.69
CA ILE B 759 7.84 0.07 -39.62
C ILE B 759 7.44 -0.17 -38.17
N GLY B 760 8.25 -0.91 -37.43
CA GLY B 760 7.91 -1.30 -36.08
C GLY B 760 8.60 -0.44 -35.03
N SER B 761 8.30 -0.75 -33.77
CA SER B 761 8.90 -0.06 -32.65
C SER B 761 10.03 -0.85 -32.02
N ARG B 762 10.44 -1.95 -32.64
CA ARG B 762 11.51 -2.78 -32.09
C ARG B 762 12.86 -2.24 -32.55
N PRO B 763 13.73 -1.77 -31.65
CA PRO B 763 15.04 -1.21 -32.02
C PRO B 763 15.98 -2.23 -32.67
N GLY B 771 25.27 -13.49 -37.74
CA GLY B 771 25.03 -14.48 -38.78
C GLY B 771 23.57 -14.61 -39.18
N ILE B 772 23.30 -15.49 -40.14
CA ILE B 772 21.93 -15.69 -40.63
C ILE B 772 21.07 -16.48 -39.63
N GLU B 773 21.67 -17.42 -38.89
CA GLU B 773 20.94 -18.08 -37.82
C GLU B 773 20.39 -17.09 -36.80
N SER B 774 21.05 -15.93 -36.67
CA SER B 774 20.78 -14.99 -35.59
C SER B 774 19.98 -13.77 -36.06
N LEU B 775 19.31 -13.84 -37.21
CA LEU B 775 18.46 -12.75 -37.67
C LEU B 775 16.99 -13.14 -37.55
N ARG B 776 16.13 -12.12 -37.59
CA ARG B 776 14.70 -12.33 -37.54
C ARG B 776 14.19 -12.91 -38.86
N ALA B 777 13.13 -13.72 -38.78
CA ALA B 777 12.58 -14.35 -39.97
C ALA B 777 11.92 -13.37 -40.92
N ILE B 778 11.46 -12.21 -40.41
CA ILE B 778 10.70 -11.26 -41.21
C ILE B 778 11.59 -10.69 -42.30
N PRO B 779 12.75 -10.07 -42.00
CA PRO B 779 13.61 -9.61 -43.10
C PRO B 779 14.23 -10.76 -43.89
N TRP B 780 14.26 -11.97 -43.33
CA TRP B 780 14.74 -13.12 -44.08
C TRP B 780 13.82 -13.44 -45.25
N ILE B 781 12.51 -13.51 -45.00
CA ILE B 781 11.58 -13.71 -46.11
C ILE B 781 11.51 -12.45 -46.97
N PHE B 782 11.68 -11.28 -46.36
CA PHE B 782 11.66 -10.02 -47.08
C PHE B 782 12.72 -9.97 -48.17
N ALA B 783 13.95 -10.38 -47.83
CA ALA B 783 15.06 -10.27 -48.77
C ALA B 783 14.82 -11.09 -50.03
N TRP B 784 14.45 -12.36 -49.87
CA TRP B 784 14.20 -13.21 -51.03
C TRP B 784 12.86 -12.95 -51.71
N THR B 785 11.95 -12.22 -51.06
CA THR B 785 10.71 -11.83 -51.74
C THR B 785 10.94 -10.59 -52.61
N GLN B 786 11.69 -9.60 -52.11
CA GLN B 786 12.03 -8.43 -52.92
C GLN B 786 12.73 -8.83 -54.22
N THR B 787 13.77 -9.64 -54.11
CA THR B 787 14.48 -10.12 -55.29
C THR B 787 13.67 -11.12 -56.10
N ARG B 788 12.46 -11.46 -55.64
CA ARG B 788 11.52 -12.33 -56.36
C ARG B 788 12.12 -13.69 -56.66
N PHE B 789 13.02 -14.16 -55.79
CA PHE B 789 13.65 -15.47 -55.92
C PHE B 789 13.01 -16.51 -55.01
N HIS B 790 12.64 -16.12 -53.78
CA HIS B 790 11.84 -16.94 -52.89
C HIS B 790 12.57 -18.20 -52.44
N LEU B 791 13.89 -18.11 -52.25
CA LEU B 791 14.69 -19.25 -51.83
C LEU B 791 14.11 -20.01 -50.63
N PRO B 792 13.76 -19.35 -49.51
CA PRO B 792 13.26 -20.10 -48.35
C PRO B 792 11.93 -20.78 -48.59
N VAL B 793 11.25 -20.48 -49.71
CA VAL B 793 9.95 -21.09 -49.97
C VAL B 793 10.12 -22.46 -50.63
N TRP B 794 11.08 -22.59 -51.57
CA TRP B 794 11.18 -23.78 -52.39
C TRP B 794 12.47 -24.58 -52.22
N LEU B 795 13.41 -24.14 -51.38
CA LEU B 795 14.77 -24.71 -51.40
C LEU B 795 14.82 -26.25 -51.35
N GLY B 796 14.43 -26.86 -50.23
CA GLY B 796 14.63 -28.30 -50.04
C GLY B 796 13.86 -29.19 -50.99
N PHE B 797 12.81 -28.66 -51.64
CA PHE B 797 11.88 -29.51 -52.38
C PHE B 797 12.57 -30.26 -53.52
N GLY B 798 13.50 -29.60 -54.20
CA GLY B 798 14.21 -30.23 -55.31
C GLY B 798 14.90 -31.52 -54.95
N SER B 799 15.87 -31.43 -54.04
CA SER B 799 16.59 -32.63 -53.62
C SER B 799 15.65 -33.63 -52.97
N ALA B 800 14.64 -33.16 -52.22
CA ALA B 800 13.69 -34.07 -51.61
C ALA B 800 13.01 -34.95 -52.65
N ILE B 801 12.38 -34.33 -53.65
CA ILE B 801 11.64 -35.09 -54.66
C ILE B 801 12.59 -35.96 -55.46
N ARG B 802 13.70 -35.39 -55.93
CA ARG B 802 14.63 -36.15 -56.76
C ARG B 802 15.15 -37.38 -56.01
N HIS B 803 15.41 -37.25 -54.72
CA HIS B 803 15.82 -38.42 -53.94
C HIS B 803 14.69 -39.42 -53.79
N VAL B 804 13.44 -38.96 -53.76
CA VAL B 804 12.34 -39.90 -53.55
C VAL B 804 12.02 -40.67 -54.82
N ILE B 805 12.13 -40.05 -56.00
CA ILE B 805 11.97 -40.84 -57.22
C ILE B 805 13.21 -41.67 -57.48
N GLU B 806 14.38 -41.20 -57.04
CA GLU B 806 15.61 -41.96 -57.21
C GLU B 806 15.56 -43.28 -56.43
N LYS B 807 15.19 -43.21 -55.15
CA LYS B 807 15.17 -44.42 -54.34
C LYS B 807 14.18 -45.46 -54.85
N ASP B 808 13.07 -45.00 -55.45
CA ASP B 808 12.05 -45.90 -55.95
C ASP B 808 11.27 -45.18 -57.04
N VAL B 809 11.00 -45.91 -58.13
CA VAL B 809 10.31 -45.29 -59.27
C VAL B 809 8.80 -45.25 -59.02
N ARG B 810 8.26 -46.23 -58.30
CA ARG B 810 6.85 -46.20 -57.95
C ARG B 810 6.51 -45.07 -56.98
N ASN B 811 7.53 -44.48 -56.35
CA ASN B 811 7.33 -43.30 -55.52
C ASN B 811 6.84 -42.11 -56.33
N LEU B 812 7.03 -42.11 -57.65
CA LEU B 812 6.39 -41.10 -58.50
C LEU B 812 4.88 -41.31 -58.52
N HIS B 813 4.45 -42.56 -58.70
CA HIS B 813 3.03 -42.88 -58.63
C HIS B 813 2.48 -42.58 -57.24
N MET B 814 3.31 -42.71 -56.20
CA MET B 814 2.84 -42.43 -54.86
C MET B 814 2.80 -40.93 -54.57
N LEU B 815 3.69 -40.15 -55.17
CA LEU B 815 3.59 -38.69 -55.10
C LEU B 815 2.33 -38.21 -55.82
N GLN B 816 2.09 -38.71 -57.03
CA GLN B 816 0.84 -38.43 -57.71
C GLN B 816 -0.36 -38.84 -56.88
N ASP B 817 -0.25 -39.97 -56.17
CA ASP B 817 -1.33 -40.40 -55.30
C ASP B 817 -1.52 -39.42 -54.15
N MET B 818 -0.43 -38.91 -53.59
CA MET B 818 -0.50 -38.04 -52.42
C MET B 818 -1.07 -36.68 -52.77
N TYR B 819 -0.74 -36.14 -53.94
CA TYR B 819 -1.21 -34.81 -54.31
C TYR B 819 -2.72 -34.77 -54.53
N GLN B 820 -3.34 -35.90 -54.84
CA GLN B 820 -4.76 -35.91 -55.19
C GLN B 820 -5.66 -36.39 -54.05
N HIS B 821 -5.09 -36.64 -52.86
CA HIS B 821 -5.89 -37.16 -51.75
C HIS B 821 -5.52 -36.59 -50.38
N TRP B 822 -4.27 -36.20 -50.13
CA TRP B 822 -3.86 -35.71 -48.83
C TRP B 822 -3.90 -34.18 -48.82
N PRO B 823 -4.81 -33.55 -48.06
CA PRO B 823 -4.93 -32.09 -48.13
C PRO B 823 -3.66 -31.34 -47.77
N PHE B 824 -2.93 -31.79 -46.75
CA PHE B 824 -1.71 -31.09 -46.34
C PHE B 824 -0.71 -31.02 -47.49
N PHE B 825 -0.51 -32.13 -48.20
CA PHE B 825 0.43 -32.17 -49.31
C PHE B 825 -0.07 -31.32 -50.48
N ARG B 826 -1.35 -31.44 -50.82
CA ARG B 826 -1.93 -30.65 -51.91
C ARG B 826 -1.74 -29.17 -51.65
N VAL B 827 -2.02 -28.72 -50.41
CA VAL B 827 -1.86 -27.32 -50.06
C VAL B 827 -0.40 -26.91 -50.13
N THR B 828 0.50 -27.74 -49.59
CA THR B 828 1.91 -27.39 -49.61
C THR B 828 2.40 -27.17 -51.04
N ILE B 829 2.15 -28.15 -51.91
CA ILE B 829 2.62 -28.06 -53.29
C ILE B 829 1.97 -26.89 -54.00
N ASP B 830 0.65 -26.71 -53.83
CA ASP B 830 -0.03 -25.61 -54.49
C ASP B 830 0.53 -24.26 -54.06
N LEU B 831 0.86 -24.12 -52.77
CA LEU B 831 1.48 -22.88 -52.32
C LEU B 831 2.82 -22.66 -52.99
N ILE B 832 3.65 -23.70 -53.03
CA ILE B 832 4.95 -23.58 -53.71
C ILE B 832 4.74 -23.18 -55.17
N GLU B 833 3.69 -23.71 -55.80
CA GLU B 833 3.38 -23.36 -57.18
C GLU B 833 3.00 -21.89 -57.32
N MET B 834 2.22 -21.36 -56.36
CA MET B 834 1.90 -19.94 -56.36
C MET B 834 3.17 -19.10 -56.25
N VAL B 835 4.04 -19.45 -55.31
CA VAL B 835 5.26 -18.68 -55.11
C VAL B 835 6.12 -18.71 -56.36
N PHE B 836 6.17 -19.86 -57.05
CA PHE B 836 6.84 -19.91 -58.35
C PHE B 836 6.14 -19.02 -59.37
N ALA B 837 4.81 -18.93 -59.29
CA ALA B 837 4.07 -18.05 -60.20
C ALA B 837 4.39 -16.58 -59.95
N LYS B 838 4.92 -16.24 -58.77
CA LYS B 838 5.35 -14.88 -58.48
C LYS B 838 6.86 -14.69 -58.55
N GLY B 839 7.60 -15.64 -59.11
CA GLY B 839 9.04 -15.52 -59.18
C GLY B 839 9.62 -15.35 -60.58
N ASP B 840 10.81 -14.73 -60.66
CA ASP B 840 11.54 -14.55 -61.91
C ASP B 840 13.05 -14.55 -61.65
N PRO B 841 13.75 -15.62 -62.00
CA PRO B 841 15.19 -15.68 -61.68
C PRO B 841 16.02 -14.62 -62.39
N GLY B 842 15.54 -14.04 -63.47
CA GLY B 842 16.27 -12.97 -64.13
C GLY B 842 16.53 -11.79 -63.22
N ILE B 843 15.62 -11.56 -62.26
CA ILE B 843 15.83 -10.48 -61.30
C ILE B 843 17.04 -10.79 -60.43
N ALA B 844 17.07 -11.97 -59.81
CA ALA B 844 18.23 -12.38 -59.02
C ALA B 844 19.51 -12.35 -59.85
N ALA B 845 19.41 -12.72 -61.13
CA ALA B 845 20.55 -12.60 -62.03
C ALA B 845 21.02 -11.15 -62.13
N LEU B 846 20.08 -10.22 -62.27
CA LEU B 846 20.43 -8.81 -62.34
C LEU B 846 21.12 -8.35 -61.05
N TYR B 847 20.54 -8.70 -59.90
CA TYR B 847 21.15 -8.35 -58.62
C TYR B 847 22.56 -8.91 -58.49
N ASP B 848 22.77 -10.16 -58.89
CA ASP B 848 24.10 -10.74 -58.89
C ASP B 848 25.05 -9.96 -59.79
N LYS B 849 24.64 -9.73 -61.03
CA LYS B 849 25.50 -9.06 -62.01
C LYS B 849 25.84 -7.64 -61.59
N LEU B 850 24.97 -6.98 -60.83
CA LEU B 850 25.16 -5.59 -60.45
C LEU B 850 25.80 -5.41 -59.08
N LEU B 851 25.67 -6.40 -58.18
CA LEU B 851 26.06 -6.25 -56.78
C LEU B 851 26.98 -7.35 -56.27
N VAL B 852 26.97 -8.53 -56.85
CA VAL B 852 27.81 -9.62 -56.39
C VAL B 852 29.14 -9.55 -57.13
N SER B 853 30.24 -9.74 -56.39
CA SER B 853 31.57 -9.70 -56.99
C SER B 853 31.72 -10.79 -58.04
N GLU B 854 32.55 -10.51 -59.05
CA GLU B 854 32.78 -11.43 -60.15
C GLU B 854 33.10 -12.85 -59.68
N GLU B 855 33.70 -12.98 -58.49
CA GLU B 855 34.10 -14.27 -57.95
C GLU B 855 32.96 -15.26 -57.87
N LEU B 856 32.15 -15.17 -56.82
CA LEU B 856 31.05 -16.11 -56.58
C LEU B 856 29.78 -15.77 -57.36
N TRP B 857 29.93 -15.27 -58.60
CA TRP B 857 28.81 -15.26 -59.54
C TRP B 857 28.21 -16.64 -59.77
N PRO B 858 28.98 -17.71 -60.04
CA PRO B 858 28.35 -19.01 -60.30
C PRO B 858 27.55 -19.54 -59.13
N PHE B 859 27.87 -19.11 -57.90
CA PHE B 859 27.09 -19.55 -56.75
C PHE B 859 25.62 -19.25 -56.94
N GLY B 860 25.29 -17.98 -57.24
CA GLY B 860 23.91 -17.64 -57.54
C GLY B 860 23.36 -18.48 -58.67
N GLU B 861 24.18 -18.73 -59.69
CA GLU B 861 23.71 -19.56 -60.81
C GLU B 861 23.38 -20.95 -60.32
N LYS B 862 24.19 -21.51 -59.40
CA LYS B 862 23.84 -22.77 -58.78
C LYS B 862 22.44 -22.68 -58.19
N LEU B 863 22.20 -21.62 -57.41
CA LEU B 863 20.87 -21.40 -56.86
C LEU B 863 19.85 -21.30 -57.99
N ARG B 864 20.16 -20.48 -59.00
CA ARG B 864 19.27 -20.34 -60.15
C ARG B 864 19.00 -21.69 -60.80
N ALA B 865 19.99 -22.57 -60.83
CA ALA B 865 19.75 -23.93 -61.30
C ALA B 865 18.69 -24.61 -60.45
N ASN B 866 18.97 -24.70 -59.14
CA ASN B 866 18.06 -25.42 -58.24
C ASN B 866 16.65 -24.89 -58.35
N PHE B 867 16.51 -23.57 -58.45
CA PHE B 867 15.21 -22.92 -58.62
C PHE B 867 14.46 -23.65 -59.73
N GLU B 868 14.97 -23.53 -60.95
CA GLU B 868 14.22 -24.11 -62.06
C GLU B 868 14.02 -25.60 -61.85
N GLU B 869 15.08 -26.28 -61.40
CA GLU B 869 14.96 -27.71 -61.15
C GLU B 869 13.79 -27.99 -60.21
N THR B 870 13.76 -27.28 -59.08
CA THR B 870 12.69 -27.50 -58.12
C THR B 870 11.34 -27.22 -58.74
N LYS B 871 11.25 -26.14 -59.52
CA LYS B 871 9.97 -25.81 -60.14
C LYS B 871 9.51 -26.94 -61.06
N LYS B 872 10.45 -27.50 -61.84
CA LYS B 872 10.08 -28.60 -62.72
C LYS B 872 9.47 -29.75 -61.94
N LEU B 873 9.99 -30.00 -60.73
CA LEU B 873 9.45 -31.07 -59.92
C LEU B 873 8.06 -30.73 -59.41
N ILE B 874 7.84 -29.47 -59.03
CA ILE B 874 6.58 -29.09 -58.40
C ILE B 874 5.42 -29.35 -59.36
N LEU B 875 5.50 -28.77 -60.56
CA LEU B 875 4.49 -29.01 -61.58
C LEU B 875 4.39 -30.49 -61.97
N GLN B 876 5.48 -31.25 -61.78
CA GLN B 876 5.41 -32.68 -62.09
C GLN B 876 4.56 -33.43 -61.08
N THR B 877 4.50 -32.93 -59.85
CA THR B 877 3.63 -33.55 -58.84
C THR B 877 2.18 -33.08 -58.98
N ALA B 878 1.99 -31.78 -59.21
CA ALA B 878 0.65 -31.24 -59.39
C ALA B 878 0.04 -31.56 -60.75
N GLY B 879 0.83 -32.06 -61.69
CA GLY B 879 0.30 -32.40 -63.00
C GLY B 879 -0.09 -31.21 -63.84
N HIS B 880 0.71 -30.15 -63.82
CA HIS B 880 0.45 -28.94 -64.58
C HIS B 880 1.56 -28.69 -65.59
N LYS B 881 1.27 -27.80 -66.54
CA LYS B 881 2.23 -27.42 -67.56
C LYS B 881 2.40 -25.91 -67.61
N GLN B 892 -6.54 -14.46 -64.76
CA GLN B 892 -6.24 -15.45 -65.80
C GLN B 892 -5.17 -14.98 -66.79
N ARG B 893 -5.17 -13.68 -67.09
CA ARG B 893 -4.14 -13.05 -67.91
C ARG B 893 -3.68 -11.74 -67.28
N LEU B 894 -3.59 -11.74 -65.94
CA LEU B 894 -3.29 -10.52 -65.19
C LEU B 894 -1.97 -9.88 -65.62
N ARG B 895 -0.87 -10.63 -65.53
CA ARG B 895 0.49 -10.14 -65.75
C ARG B 895 0.69 -8.67 -65.39
N LEU B 896 0.78 -7.83 -66.43
CA LEU B 896 1.04 -6.39 -66.42
C LEU B 896 1.69 -5.78 -65.19
N ARG B 897 1.14 -6.01 -64.00
CA ARG B 897 1.68 -5.33 -62.82
C ARG B 897 3.14 -5.68 -62.62
N ASP B 898 3.55 -6.86 -63.08
CA ASP B 898 4.95 -7.23 -63.09
C ASP B 898 5.80 -6.28 -63.92
N SER B 899 5.21 -5.52 -64.83
CA SER B 899 5.97 -4.47 -65.52
C SER B 899 6.43 -3.39 -64.55
N TYR B 900 5.48 -2.82 -63.81
CA TYR B 900 5.83 -1.82 -62.80
C TYR B 900 6.80 -2.42 -61.80
N ILE B 901 6.52 -3.65 -61.35
CA ILE B 901 7.38 -4.31 -60.37
C ILE B 901 8.79 -4.46 -60.93
N THR B 902 8.91 -4.83 -62.20
CA THR B 902 10.22 -4.95 -62.83
C THR B 902 10.95 -3.61 -62.83
N THR B 903 10.26 -2.53 -63.21
CA THR B 903 10.88 -1.20 -63.18
C THR B 903 11.44 -0.90 -61.81
N LEU B 904 10.65 -1.17 -60.77
CA LEU B 904 11.14 -0.94 -59.41
C LEU B 904 12.27 -1.88 -59.04
N ASN B 905 12.30 -3.10 -59.59
CA ASN B 905 13.41 -4.02 -59.33
C ASN B 905 14.71 -3.47 -59.89
N VAL B 906 14.71 -3.07 -61.16
CA VAL B 906 15.91 -2.49 -61.76
C VAL B 906 16.36 -1.26 -60.98
N CYS B 907 15.39 -0.39 -60.66
CA CYS B 907 15.72 0.81 -59.90
C CYS B 907 16.34 0.48 -58.55
N GLN B 908 15.83 -0.56 -57.89
CA GLN B 908 16.37 -0.97 -56.60
C GLN B 908 17.79 -1.51 -56.75
N ALA B 909 18.04 -2.28 -57.82
CA ALA B 909 19.38 -2.83 -58.00
C ALA B 909 20.39 -1.72 -58.26
N TYR B 910 20.15 -0.88 -59.26
CA TYR B 910 21.11 0.17 -59.57
C TYR B 910 21.27 1.14 -58.40
N THR B 911 20.18 1.42 -57.68
CA THR B 911 20.27 2.31 -56.53
C THR B 911 21.09 1.67 -55.42
N LEU B 912 20.94 0.36 -55.21
CA LEU B 912 21.79 -0.35 -54.26
C LEU B 912 23.26 -0.27 -54.66
N LYS B 913 23.53 -0.32 -55.97
CA LYS B 913 24.92 -0.20 -56.43
C LYS B 913 25.48 1.18 -56.12
N ARG B 914 24.68 2.23 -56.34
CA ARG B 914 25.17 3.58 -56.07
C ARG B 914 25.25 3.88 -54.58
N ILE B 915 24.50 3.14 -53.75
CA ILE B 915 24.53 3.35 -52.32
C ILE B 915 25.81 2.77 -51.71
N ARG B 916 26.22 1.58 -52.17
CA ARG B 916 27.41 0.92 -51.64
C ARG B 916 28.60 1.33 -52.51
N ASP B 917 29.05 2.56 -52.29
CA ASP B 917 30.16 3.21 -52.98
C ASP B 917 30.78 4.19 -51.98
N PRO B 918 31.89 4.86 -52.30
CA PRO B 918 32.34 5.95 -51.41
C PRO B 918 32.04 7.34 -51.94
N SER B 919 32.00 7.50 -53.26
CA SER B 919 31.81 8.81 -53.86
C SER B 919 30.48 9.43 -53.48
N TYR B 920 29.43 8.62 -53.36
CA TYR B 920 28.08 9.10 -53.10
C TYR B 920 27.67 8.98 -51.64
N HIS B 921 28.59 9.29 -50.73
CA HIS B 921 28.36 9.28 -49.30
C HIS B 921 28.52 10.68 -48.74
N VAL B 922 28.24 10.82 -47.45
CA VAL B 922 28.40 12.08 -46.73
C VAL B 922 29.73 12.12 -46.01
N THR B 923 30.34 13.30 -45.99
CA THR B 923 31.66 13.51 -45.41
C THR B 923 31.56 14.35 -44.13
N LYS B 937 15.67 24.14 -40.83
CA LYS B 937 15.19 24.76 -42.07
C LYS B 937 13.92 24.09 -42.55
N PRO B 938 13.17 24.76 -43.42
CA PRO B 938 12.03 24.10 -44.07
C PRO B 938 12.44 23.36 -45.33
N ALA B 939 11.49 22.66 -45.95
CA ALA B 939 11.75 21.91 -47.18
C ALA B 939 10.73 22.30 -48.23
N LYS B 940 11.20 22.60 -49.44
CA LYS B 940 10.32 22.97 -50.53
C LYS B 940 10.52 22.10 -51.78
N GLU B 941 11.26 21.00 -51.65
CA GLU B 941 11.38 20.02 -52.71
C GLU B 941 11.82 18.70 -52.10
N LEU B 942 11.63 17.62 -52.87
CA LEU B 942 11.79 16.28 -52.33
C LEU B 942 13.19 16.01 -51.79
N ILE B 943 14.19 16.70 -52.34
CA ILE B 943 15.57 16.40 -51.95
C ILE B 943 15.86 16.91 -50.54
N GLU B 944 15.17 17.97 -50.11
CA GLU B 944 15.36 18.51 -48.77
C GLU B 944 14.58 17.73 -47.71
N LEU B 945 13.90 16.64 -48.08
CA LEU B 945 13.14 15.89 -47.10
C LEU B 945 14.03 15.02 -46.22
N ASN B 946 15.25 14.73 -46.66
CA ASN B 946 16.22 13.95 -45.89
C ASN B 946 17.48 14.78 -45.70
N PRO B 947 17.60 15.53 -44.59
CA PRO B 947 18.80 16.36 -44.39
C PRO B 947 19.85 15.64 -43.57
N THR B 948 19.45 14.57 -42.89
CA THR B 948 20.35 13.82 -42.02
C THR B 948 20.61 12.42 -42.59
N SER B 949 20.83 12.34 -43.90
CA SER B 949 21.04 11.07 -44.59
C SER B 949 22.53 10.86 -44.80
N GLU B 950 23.06 9.74 -44.29
CA GLU B 950 24.48 9.43 -44.49
C GLU B 950 24.80 9.18 -45.96
N TYR B 951 23.83 8.72 -46.74
CA TYR B 951 24.01 8.54 -48.16
C TYR B 951 23.68 9.84 -48.89
N ALA B 952 24.00 9.86 -50.19
CA ALA B 952 23.79 11.01 -51.07
C ALA B 952 22.38 11.58 -50.91
N PRO B 953 22.15 12.86 -51.26
CA PRO B 953 20.87 13.50 -50.94
C PRO B 953 19.65 12.72 -51.42
N GLY B 954 19.57 12.44 -52.71
CA GLY B 954 18.39 11.83 -53.28
C GLY B 954 18.33 10.31 -53.27
N LEU B 955 19.30 9.63 -52.67
CA LEU B 955 19.45 8.19 -52.84
C LEU B 955 18.62 7.37 -51.85
N GLU B 956 18.76 7.66 -50.56
CA GLU B 956 18.11 6.85 -49.53
C GLU B 956 16.61 6.82 -49.72
N ASP B 957 16.01 7.98 -49.93
CA ASP B 957 14.57 8.05 -50.21
C ASP B 957 14.18 7.18 -51.38
N THR B 958 15.00 7.19 -52.45
CA THR B 958 14.72 6.34 -53.61
C THR B 958 14.74 4.87 -53.24
N LEU B 959 15.69 4.46 -52.38
CA LEU B 959 15.77 3.06 -52.01
C LEU B 959 14.54 2.65 -51.19
N ILE B 960 14.20 3.44 -50.16
CA ILE B 960 13.03 3.13 -49.35
C ILE B 960 11.79 3.06 -50.23
N LEU B 961 11.66 3.99 -51.17
CA LEU B 961 10.52 3.98 -52.08
C LEU B 961 10.49 2.69 -52.90
N THR B 962 11.66 2.22 -53.34
CA THR B 962 11.69 0.97 -54.10
C THR B 962 11.21 -0.20 -53.26
N MET B 963 11.68 -0.30 -52.01
CA MET B 963 11.22 -1.38 -51.15
C MET B 963 9.71 -1.31 -50.93
N LYS B 964 9.21 -0.13 -50.59
CA LYS B 964 7.77 0.05 -50.39
C LYS B 964 6.98 -0.40 -51.62
N GLY B 965 7.35 0.10 -52.79
CA GLY B 965 6.60 -0.20 -54.00
C GLY B 965 6.66 -1.66 -54.38
N ILE B 966 7.85 -2.27 -54.31
CA ILE B 966 7.98 -3.68 -54.64
C ILE B 966 7.16 -4.53 -53.69
N ALA B 967 7.16 -4.15 -52.39
CA ALA B 967 6.32 -4.86 -51.43
C ALA B 967 4.85 -4.73 -51.79
N ALA B 968 4.42 -3.53 -52.19
CA ALA B 968 3.02 -3.34 -52.55
C ALA B 968 2.62 -4.19 -53.74
N GLY B 969 3.47 -4.24 -54.78
CA GLY B 969 3.14 -5.02 -55.96
C GLY B 969 2.99 -6.49 -55.68
N LEU B 970 3.89 -7.06 -54.87
CA LEU B 970 3.82 -8.46 -54.50
C LEU B 970 2.78 -8.73 -53.41
N GLN B 971 2.18 -7.68 -52.85
CA GLN B 971 1.14 -7.80 -51.82
C GLN B 971 1.66 -8.50 -50.58
N ASN B 972 2.96 -8.42 -50.33
CA ASN B 972 3.61 -9.07 -49.19
C ASN B 972 4.92 -8.34 -48.90
N THR B 973 5.22 -8.13 -47.62
CA THR B 973 6.51 -7.57 -47.23
C THR B 973 7.45 -8.64 -46.70
N GLY B 974 7.08 -9.30 -45.61
CA GLY B 974 7.88 -10.37 -45.05
C GLY B 974 7.08 -11.40 -44.28
P PO4 C . -14.44 16.23 33.09
O1 PO4 C . -15.52 16.92 32.29
O2 PO4 C . -13.31 15.73 32.25
O3 PO4 C . -15.06 15.06 33.78
O4 PO4 C . -13.93 17.14 34.17
P PO4 D . 1.95 7.45 -39.74
O1 PO4 D . 0.72 7.92 -40.47
O2 PO4 D . 3.14 7.50 -40.65
O3 PO4 D . 1.76 6.03 -39.30
O4 PO4 D . 2.17 8.31 -38.52
#